data_7PPO
#
_entry.id   7PPO
#
_cell.length_a   1.00
_cell.length_b   1.00
_cell.length_c   1.00
_cell.angle_alpha   90.00
_cell.angle_beta   90.00
_cell.angle_gamma   90.00
#
_symmetry.space_group_name_H-M   'P 1'
#
loop_
_entity.id
_entity.type
_entity.pdbx_description
1 polymer 'Ubiquitinating/deubiquitinating enzyme SdeA'
2 polymer 'Calmodulin-dependent glutamylase SidJ'
3 polymer Calmodulin
4 non-polymer 'MAGNESIUM ION'
5 non-polymer 'CALCIUM ION'
#
loop_
_entity_poly.entity_id
_entity_poly.type
_entity_poly.pdbx_seq_one_letter_code
_entity_poly.pdbx_strand_id
1 'polypeptide(L)'
;HHHHHHSAGLEVLFQGPMVGFSLYTDDTVKAAAQYAYDNYLGKPYTGSVESAPANFGGRMVYRQHHGLSHTLRTMAYAEL
IVEEARKAKLRGETLGKFKDGRTIADVTPQELKKIMIAQAFFVAGRDDEASDAKNYQKYHEQSRDAFLKYVKDNESTLIP
DVFKDQEDVNFYARVIEDKSHDWESTPAHVLINQGHMVDLVRVKQPPESFLQRYFSSMQRWIGSQATEAVFGIQRQFFHA
TYEVVAGFDSDNKEPHLVVSGLGRYVIGEDGQPIREAPKKGQKEGDLKVFPQTYKLKENERLMRVDEFLKLPEIQNTFPG
SGKHLQGGMPGMNEMDYWNRLNSLNRARCENDVDFCLKQLQTAHDKAKIEPIKQAFQSSKGKERRQPNVDEIAAARIIQQ
ILANPDCIHDDHVLINGQKLEQQFFRDLLAKCEMAVVGSLLNDTDIGNIDTLMRHEKDTEFHSTNPEAVPVKIGEYWIND
QRINNSSGNITQKKHDLIFLMQNDAWYFSRVNAIAQNRDKGSTFKEVLITTLMTPLTSKALVDTSQAKPPTRLFRGLNLS
EEFTKGLIDQANAMIANTTERLFTDHSPEAFKQIKLNDLSKMSGRTNASTTTEIKLVKETWDSNVIFEMLDPDGLLHSKQ
VGRHGEGT(86N)SEFSVYLPEDVALVPVKVTLDGKTQKGENRYVFTFVAVKSPDFTPRHESGYAVEPFLRMQAAKLAEV
KSSIEKAQRAPDLETIFNLQNEVEAVQYSHLSTGYKNFLKNTVGPVLENSLSGLMESDTDTLSKALAAFPSDTQWSAFNF
EEARQAKRQMDAIKQMVGNKVVLDALTQCQDALEKQNIAGALDALKKIPSEKEMGTIRRELREQIQSARQELESLQRAVV
TPVVTDEKKVRERYDALIENTSKKITELETGKLPNLDAVKKGISNLSNLKQEVTVLRNEKIRMHVGTDKVDFSDVEKLEQ
QIQVIDTKLADAYLLEVTKQISA
;
A
2 'polypeptide(L)'
;HHHHHHSAGLEVLFQGPMVKQYYFARRGETSTHDTSLPPPVKVLSGRSIPLKEIPFETTRNELVQIYLTSVDQLIKSNKL
NSIPSQQIASHYLFLRSLANSETDGIKKNQILSLAKPLGIYLASKEPHVWKTINELIEKSEYPIIHYLKNNRAHSNFMLA
LIHEYHKEPLTKNQSAFVQKFRDSSVFLFPNPIYTAWLAHSYDEDSSFNPMFRERLSTNFYHSTLTDNLLLRTEPKEVTL
SSEHHYKKEKGPIDSSFRYQMSSDRLLRIQGRTLLFSTPQNDVVAVKVQKRGEPKSTLEEEFQMADYLLKHQSRLDVYSK
LPQPLGQYSVKKSEILEISRGSLDFERFKTLIGDSKDLEVYVYKAPLTYFTYLHDKNQDLEDLTASVKTNVHDLFVLLRE
GIMFPQLADIFHTHFGEDEREDKGRYQALVQLLNVLQFQLGRIDKWQKAVEYVNLRSSGLADLGDSLPITSLFTSSDFTK
HYFSALLTGGYHPTFFDKSSGTANSLFTGKRRLFGNYLYLNTIAEYLLVIQLTLGSYGDKVTRDMMDKPKKEAVWRELAN
VMFTSCAEAIHIMTGIPQSRALTLLKQRANIEKHFRQTQFWMTPDYSKLDEDTLQMEQYSIYSGEPEYEFTDKLVSGVGL
SVDGTHQDLGGYNRESPLRELEKLLYATVTLIEGTMQLDKEFFKQLQQVEKILSGEIKTDANSCFEAVAQLLDLARPRCH
FQKRLVLSYYEEAKLKYPSAPTDAYDSRFQVVAKTNAAITIQRFWRETRKNLSENSDIESEKPESERTTDKRLK
;
C
3 'polypeptide(L)'
;HHHHHHSSGLEVLFQGPHMMADQLTEEQIAEFKEAFSLFDKDGDGTITTKELGTVMRSLGQNPTEAELQDMINEVDADGN
GTIDFPEFLTMMARKMKDTDSEEEIREAFRVFDKDGNGYISAAELRHVMTNLGEKLTDEEVDEMIREADIDGDGQVNYEE
FVQMMTAK
;
B
#
loop_
_chem_comp.id
_chem_comp.type
_chem_comp.name
_chem_comp.formula
CA non-polymer 'CALCIUM ION' 'Ca 2'
MG non-polymer 'MAGNESIUM ION' 'Mg 2'
#
# COMPACT_ATOMS: atom_id res chain seq x y z
N GLY A 20 13.84 10.30 -11.96
CA GLY A 20 14.20 11.60 -11.42
C GLY A 20 13.61 11.84 -10.04
N PHE A 21 13.20 13.09 -9.78
CA PHE A 21 12.65 13.48 -8.49
C PHE A 21 11.54 14.49 -8.70
N SER A 22 10.43 14.31 -8.00
CA SER A 22 9.31 15.24 -8.06
C SER A 22 8.82 15.53 -6.65
N LEU A 23 8.48 16.79 -6.40
CA LEU A 23 7.96 17.19 -5.10
C LEU A 23 6.69 16.41 -4.76
N TYR A 24 5.87 16.11 -5.78
CA TYR A 24 4.53 15.60 -5.53
C TYR A 24 4.54 14.13 -5.10
N THR A 25 5.44 13.32 -5.65
CA THR A 25 5.57 11.91 -5.29
C THR A 25 6.96 11.70 -4.71
N ASP A 26 7.13 12.02 -3.44
CA ASP A 26 8.42 11.80 -2.81
C ASP A 26 8.35 11.09 -1.47
N ASP A 27 7.32 11.38 -0.67
CA ASP A 27 7.15 10.83 0.68
C ASP A 27 8.29 11.22 1.62
N THR A 28 9.24 12.02 1.14
CA THR A 28 10.27 12.59 1.99
C THR A 28 10.06 14.08 2.22
N VAL A 29 9.95 14.85 1.14
CA VAL A 29 9.50 16.23 1.28
C VAL A 29 8.09 16.26 1.84
N LYS A 30 7.29 15.25 1.53
CA LYS A 30 5.95 15.16 2.10
C LYS A 30 6.00 14.89 3.59
N ALA A 31 6.95 14.07 4.04
CA ALA A 31 7.11 13.83 5.47
C ALA A 31 7.63 15.07 6.17
N ALA A 32 8.57 15.78 5.55
CA ALA A 32 9.06 17.03 6.14
C ALA A 32 7.95 18.06 6.22
N ALA A 33 7.09 18.14 5.22
CA ALA A 33 5.98 19.08 5.24
C ALA A 33 4.95 18.69 6.29
N GLN A 34 4.67 17.40 6.43
CA GLN A 34 3.74 16.96 7.46
C GLN A 34 4.29 17.26 8.85
N TYR A 35 5.59 17.12 9.04
CA TYR A 35 6.20 17.47 10.31
C TYR A 35 6.09 18.97 10.57
N ALA A 36 6.49 19.78 9.60
CA ALA A 36 6.42 21.23 9.75
C ALA A 36 4.98 21.71 9.96
N TYR A 37 4.00 20.95 9.47
CA TYR A 37 2.62 21.31 9.71
C TYR A 37 2.17 20.93 11.11
N ASP A 38 2.39 19.66 11.49
CA ASP A 38 1.93 19.18 12.79
C ASP A 38 2.67 19.84 13.94
N ASN A 39 3.82 20.48 13.70
CA ASN A 39 4.55 21.12 14.78
C ASN A 39 4.63 22.62 14.68
N TYR A 40 4.71 23.20 13.48
CA TYR A 40 4.85 24.63 13.34
C TYR A 40 3.73 25.28 12.53
N LEU A 41 3.43 24.76 11.34
CA LEU A 41 2.52 25.44 10.44
C LEU A 41 1.05 25.19 10.76
N GLY A 42 0.74 24.24 11.63
CA GLY A 42 -0.62 24.00 12.05
C GLY A 42 -0.94 24.50 13.45
N LYS A 43 -0.03 25.25 14.07
CA LYS A 43 -0.14 25.82 15.40
C LYS A 43 -0.59 27.27 15.33
N PRO A 44 -1.45 27.69 16.24
CA PRO A 44 -1.98 29.06 16.20
C PRO A 44 -0.88 30.09 16.37
N TYR A 45 -1.06 31.24 15.72
CA TYR A 45 -0.15 32.35 15.89
C TYR A 45 -0.24 32.92 17.31
N THR A 46 0.91 33.28 17.88
CA THR A 46 0.95 34.05 19.12
C THR A 46 1.91 35.22 18.92
N GLY A 47 1.40 36.29 18.30
CA GLY A 47 2.16 37.52 18.18
C GLY A 47 1.31 38.77 18.27
N SER A 48 -0.01 38.58 18.42
CA SER A 48 -0.98 39.68 18.49
C SER A 48 -0.88 40.62 17.29
N VAL A 49 -0.30 40.18 16.18
CA VAL A 49 -0.18 40.99 14.98
C VAL A 49 -0.66 40.17 13.79
N GLU A 50 -1.89 40.42 13.35
CA GLU A 50 -2.53 39.59 12.32
C GLU A 50 -2.52 38.13 12.73
N SER A 51 -2.78 37.89 14.02
CA SER A 51 -2.77 36.55 14.59
C SER A 51 -4.16 35.95 14.68
N ALA A 52 -5.16 36.60 14.11
CA ALA A 52 -6.52 36.10 14.18
C ALA A 52 -6.69 34.92 13.25
N PRO A 53 -7.00 33.72 13.76
CA PRO A 53 -7.20 32.56 12.88
C PRO A 53 -8.55 32.65 12.16
N ALA A 54 -8.51 32.59 10.84
CA ALA A 54 -9.73 32.65 10.06
C ALA A 54 -10.51 31.34 10.19
N ASN A 55 -11.77 31.39 9.75
CA ASN A 55 -12.67 30.24 9.81
C ASN A 55 -13.29 30.05 8.42
N PHE A 56 -12.70 29.18 7.62
CA PHE A 56 -13.21 28.92 6.28
C PHE A 56 -14.15 27.72 6.35
N GLY A 57 -15.37 27.91 5.86
CA GLY A 57 -16.41 26.92 6.06
C GLY A 57 -16.64 26.73 7.54
N GLY A 58 -16.20 25.59 8.08
CA GLY A 58 -16.26 25.35 9.51
C GLY A 58 -14.89 25.07 10.08
N ARG A 59 -13.88 25.01 9.22
CA ARG A 59 -12.53 24.66 9.64
C ARG A 59 -11.71 25.91 9.92
N MET A 60 -10.92 25.85 11.00
CA MET A 60 -10.05 26.95 11.38
C MET A 60 -8.76 26.91 10.57
N VAL A 61 -8.34 28.06 10.08
CA VAL A 61 -7.05 28.23 9.42
C VAL A 61 -6.29 29.28 10.20
N TYR A 62 -5.24 28.85 10.91
CA TYR A 62 -4.52 29.77 11.79
C TYR A 62 -3.58 30.67 11.00
N ARG A 63 -2.64 30.08 10.27
CA ARG A 63 -1.69 30.82 9.45
C ARG A 63 -2.22 30.83 8.03
N GLN A 64 -2.93 31.89 7.66
CA GLN A 64 -3.57 31.96 6.35
C GLN A 64 -2.70 32.63 5.30
N HIS A 65 -1.63 33.32 5.69
CA HIS A 65 -0.74 33.96 4.74
C HIS A 65 0.61 33.28 4.60
N HIS A 66 1.07 32.58 5.63
CA HIS A 66 2.33 31.87 5.62
C HIS A 66 2.15 30.47 6.20
N GLY A 67 1.13 29.77 5.75
CA GLY A 67 0.78 28.47 6.26
C GLY A 67 1.28 27.33 5.39
N LEU A 68 0.55 26.22 5.42
CA LEU A 68 0.94 25.05 4.65
C LEU A 68 0.87 25.31 3.15
N SER A 69 -0.23 25.93 2.70
CA SER A 69 -0.37 26.26 1.28
C SER A 69 0.80 27.10 0.78
N HIS A 70 1.21 28.09 1.58
CA HIS A 70 2.31 28.95 1.15
C HIS A 70 3.59 28.17 0.97
N THR A 71 3.94 27.32 1.94
CA THR A 71 5.19 26.58 1.85
C THR A 71 5.16 25.60 0.68
N LEU A 72 4.02 24.92 0.48
CA LEU A 72 3.94 23.98 -0.64
C LEU A 72 4.02 24.71 -1.97
N ARG A 73 3.39 25.88 -2.07
CA ARG A 73 3.52 26.66 -3.30
C ARG A 73 4.95 27.14 -3.51
N THR A 74 5.67 27.44 -2.44
CA THR A 74 7.07 27.85 -2.59
C THR A 74 7.92 26.69 -3.09
N MET A 75 7.68 25.49 -2.57
CA MET A 75 8.39 24.31 -3.09
C MET A 75 8.08 24.10 -4.56
N ALA A 76 6.81 24.19 -4.93
CA ALA A 76 6.43 24.06 -6.33
C ALA A 76 7.06 25.16 -7.18
N TYR A 77 7.22 26.36 -6.62
CA TYR A 77 7.90 27.42 -7.34
C TYR A 77 9.35 27.07 -7.59
N ALA A 78 10.03 26.53 -6.60
CA ALA A 78 11.42 26.11 -6.80
C ALA A 78 11.52 25.07 -7.90
N GLU A 79 10.67 24.05 -7.84
CA GLU A 79 10.64 23.01 -8.87
C GLU A 79 10.40 23.62 -10.25
N LEU A 80 9.36 24.45 -10.37
CA LEU A 80 9.01 25.03 -11.66
C LEU A 80 10.11 25.95 -12.18
N ILE A 81 10.79 26.66 -11.29
CA ILE A 81 11.86 27.56 -11.71
C ILE A 81 13.02 26.76 -12.28
N VAL A 82 13.40 25.67 -11.60
CA VAL A 82 14.51 24.89 -12.14
C VAL A 82 14.09 24.20 -13.44
N GLU A 83 12.81 23.83 -13.57
CA GLU A 83 12.34 23.20 -14.81
C GLU A 83 12.40 24.19 -15.96
N GLU A 84 11.92 25.41 -15.75
CA GLU A 84 11.98 26.42 -16.79
C GLU A 84 13.41 26.82 -17.12
N ALA A 85 14.30 26.78 -16.14
CA ALA A 85 15.71 27.05 -16.42
C ALA A 85 16.30 25.96 -17.32
N ARG A 86 16.10 24.69 -16.95
CA ARG A 86 16.53 23.59 -17.81
C ARG A 86 15.97 23.74 -19.21
N LYS A 87 14.69 24.08 -19.31
CA LYS A 87 14.05 24.22 -20.61
C LYS A 87 14.66 25.37 -21.40
N ALA A 88 15.04 26.45 -20.72
CA ALA A 88 15.62 27.60 -21.41
C ALA A 88 17.03 27.32 -21.88
N LYS A 89 17.77 26.47 -21.15
CA LYS A 89 19.12 26.14 -21.58
C LYS A 89 19.12 25.39 -22.91
N LEU A 90 18.09 24.57 -23.15
CA LEU A 90 18.08 23.73 -24.34
C LEU A 90 18.01 24.55 -25.61
N ARG A 91 17.16 25.58 -25.64
CA ARG A 91 17.00 26.40 -26.83
C ARG A 91 18.08 27.47 -26.97
N GLY A 92 19.15 27.39 -26.19
CA GLY A 92 20.30 28.25 -26.39
C GLY A 92 20.16 29.65 -25.84
N GLU A 93 19.86 29.76 -24.55
CA GLU A 93 19.79 31.07 -23.90
C GLU A 93 21.10 31.39 -23.20
N THR A 94 21.21 32.63 -22.73
CA THR A 94 22.36 33.11 -21.97
C THR A 94 21.87 33.43 -20.55
N LEU A 95 22.15 32.52 -19.62
CA LEU A 95 21.65 32.63 -18.26
C LEU A 95 22.66 33.37 -17.39
N GLY A 96 22.45 33.35 -16.07
CA GLY A 96 23.34 34.01 -15.14
C GLY A 96 24.53 33.14 -14.75
N LYS A 97 25.31 33.66 -13.80
CA LYS A 97 26.49 32.97 -13.31
C LYS A 97 26.54 33.09 -11.79
N PHE A 98 26.69 31.97 -11.10
CA PHE A 98 26.77 31.97 -9.64
C PHE A 98 28.24 31.90 -9.19
N LYS A 99 28.98 32.96 -9.54
CA LYS A 99 30.39 33.15 -9.21
C LYS A 99 31.28 32.13 -9.90
N ASP A 100 30.71 31.19 -10.66
CA ASP A 100 31.48 30.20 -11.41
C ASP A 100 30.59 29.75 -12.56
N GLY A 101 31.20 29.05 -13.51
CA GLY A 101 30.39 28.56 -14.62
C GLY A 101 29.34 27.62 -14.10
N ARG A 102 28.10 28.12 -14.00
CA ARG A 102 26.98 27.40 -13.42
C ARG A 102 25.77 28.32 -13.50
N THR A 103 24.59 27.73 -13.42
CA THR A 103 23.34 28.48 -13.31
C THR A 103 22.31 27.56 -12.67
N ILE A 104 21.08 28.08 -12.54
CA ILE A 104 19.99 27.27 -12.01
C ILE A 104 19.63 26.14 -12.96
N ALA A 105 20.01 26.26 -14.23
CA ALA A 105 19.84 25.17 -15.18
C ALA A 105 20.69 23.95 -14.83
N ASP A 106 21.67 24.11 -13.93
CA ASP A 106 22.59 23.05 -13.59
C ASP A 106 22.38 22.55 -12.16
N VAL A 107 21.18 22.69 -11.62
CA VAL A 107 20.86 22.15 -10.31
C VAL A 107 20.44 20.69 -10.46
N THR A 108 21.05 19.82 -9.66
CA THR A 108 20.76 18.40 -9.73
C THR A 108 19.52 18.08 -8.88
N PRO A 109 18.89 16.93 -9.15
CA PRO A 109 17.71 16.56 -8.34
C PRO A 109 18.01 16.40 -6.86
N GLN A 110 19.20 15.97 -6.48
CA GLN A 110 19.52 15.86 -5.05
C GLN A 110 19.62 17.24 -4.42
N GLU A 111 20.29 18.18 -5.10
CA GLU A 111 20.35 19.54 -4.60
C GLU A 111 18.97 20.15 -4.51
N LEU A 112 18.10 19.87 -5.48
CA LEU A 112 16.73 20.38 -5.43
C LEU A 112 15.95 19.75 -4.29
N LYS A 113 16.19 18.48 -3.99
CA LYS A 113 15.53 17.84 -2.85
C LYS A 113 15.98 18.48 -1.55
N LYS A 114 17.27 18.79 -1.43
CA LYS A 114 17.76 19.50 -0.26
C LYS A 114 17.12 20.88 -0.14
N ILE A 115 17.00 21.59 -1.26
CA ILE A 115 16.38 22.91 -1.26
C ILE A 115 14.93 22.82 -0.82
N MET A 116 14.22 21.79 -1.27
CA MET A 116 12.82 21.64 -0.88
C MET A 116 12.68 21.26 0.58
N ILE A 117 13.60 20.45 1.11
CA ILE A 117 13.56 20.14 2.53
C ILE A 117 13.83 21.40 3.35
N ALA A 118 14.71 22.27 2.86
CA ALA A 118 14.95 23.54 3.54
C ALA A 118 13.72 24.43 3.48
N GLN A 119 13.05 24.49 2.33
CA GLN A 119 11.91 25.39 2.16
C GLN A 119 10.71 25.00 3.00
N ALA A 120 10.69 23.78 3.55
CA ALA A 120 9.55 23.37 4.36
C ALA A 120 9.51 24.06 5.72
N PHE A 121 10.65 24.57 6.18
CA PHE A 121 10.74 25.21 7.49
C PHE A 121 11.03 26.70 7.40
N PHE A 122 11.13 27.26 6.20
CA PHE A 122 11.57 28.64 6.04
C PHE A 122 10.71 29.62 6.82
N VAL A 123 9.43 29.32 7.02
CA VAL A 123 8.54 30.19 7.78
C VAL A 123 7.89 29.39 8.90
N ALA A 124 8.60 28.37 9.39
CA ALA A 124 8.05 27.54 10.45
C ALA A 124 8.12 28.23 11.82
N GLY A 125 9.10 29.10 12.01
CA GLY A 125 9.29 29.71 13.32
C GLY A 125 8.72 31.11 13.47
N ARG A 126 7.60 31.36 12.80
CA ARG A 126 6.97 32.67 12.92
C ARG A 126 5.94 32.67 14.03
N ASP A 127 5.58 33.88 14.48
CA ASP A 127 4.52 34.07 15.45
C ASP A 127 3.50 35.12 15.03
N ASP A 128 3.77 35.91 14.00
CA ASP A 128 2.83 36.89 13.48
C ASP A 128 3.37 37.38 12.14
N GLU A 129 2.65 38.32 11.52
CA GLU A 129 3.04 38.88 10.23
C GLU A 129 3.73 40.22 10.38
N ALA A 130 4.52 40.40 11.44
CA ALA A 130 5.23 41.65 11.66
C ALA A 130 6.49 41.69 10.81
N SER A 131 6.65 42.76 10.03
CA SER A 131 7.83 42.97 9.20
C SER A 131 8.97 43.63 9.97
N ASP A 132 8.89 43.67 11.29
CA ASP A 132 9.95 44.28 12.09
C ASP A 132 11.26 43.54 11.91
N ALA A 133 12.35 44.29 11.78
CA ALA A 133 13.66 43.69 11.53
C ALA A 133 14.05 42.73 12.64
N LYS A 134 13.84 43.13 13.90
CA LYS A 134 14.14 42.23 15.01
C LYS A 134 13.25 40.99 14.96
N ASN A 135 11.95 41.19 14.72
CA ASN A 135 11.05 40.06 14.53
C ASN A 135 11.47 39.23 13.33
N TYR A 136 11.88 39.89 12.24
CA TYR A 136 12.36 39.18 11.06
C TYR A 136 13.48 38.21 11.42
N GLN A 137 14.53 38.73 12.05
CA GLN A 137 15.68 37.88 12.38
C GLN A 137 15.30 36.81 13.40
N LYS A 138 14.45 37.15 14.37
CA LYS A 138 14.02 36.17 15.34
C LYS A 138 13.31 35.00 14.67
N TYR A 139 12.37 35.32 13.77
CA TYR A 139 11.62 34.27 13.09
C TYR A 139 12.52 33.45 12.19
N HIS A 140 13.46 34.09 11.50
CA HIS A 140 14.34 33.33 10.62
C HIS A 140 15.26 32.40 11.42
N GLU A 141 15.79 32.86 12.55
CA GLU A 141 16.64 31.99 13.33
C GLU A 141 15.84 30.88 14.02
N GLN A 142 14.57 31.15 14.36
CA GLN A 142 13.73 30.08 14.90
C GLN A 142 13.41 29.05 13.82
N SER A 143 13.24 29.50 12.57
CA SER A 143 13.08 28.56 11.46
C SER A 143 14.32 27.71 11.29
N ARG A 144 15.49 28.33 11.36
CA ARG A 144 16.74 27.57 11.31
C ARG A 144 16.81 26.54 12.43
N ASP A 145 16.39 26.93 13.63
CA ASP A 145 16.41 25.99 14.76
C ASP A 145 15.45 24.84 14.53
N ALA A 146 14.26 25.11 13.98
CA ALA A 146 13.31 24.05 13.70
C ALA A 146 13.86 23.09 12.65
N PHE A 147 14.51 23.62 11.62
CA PHE A 147 15.10 22.79 10.58
C PHE A 147 16.20 21.91 11.15
N LEU A 148 17.09 22.50 11.96
CA LEU A 148 18.17 21.73 12.57
C LEU A 148 17.62 20.67 13.52
N LYS A 149 16.53 20.97 14.22
CA LYS A 149 15.93 19.99 15.11
C LYS A 149 15.33 18.84 14.34
N TYR A 150 14.68 19.13 13.21
CA TYR A 150 14.15 18.07 12.37
C TYR A 150 15.27 17.18 11.83
N VAL A 151 16.38 17.79 11.41
CA VAL A 151 17.50 17.00 10.91
C VAL A 151 18.13 16.17 12.02
N LYS A 152 18.27 16.75 13.21
CA LYS A 152 18.79 15.98 14.34
C LYS A 152 17.85 14.85 14.73
N ASP A 153 16.55 15.03 14.51
CA ASP A 153 15.60 13.97 14.84
C ASP A 153 15.66 12.83 13.83
N ASN A 154 15.70 13.14 12.54
CA ASN A 154 15.67 12.12 11.50
C ASN A 154 17.01 11.99 10.78
N GLU A 155 18.10 12.20 11.50
CA GLU A 155 19.45 12.04 10.96
C GLU A 155 19.64 10.73 10.20
N SER A 156 18.88 9.69 10.53
CA SER A 156 19.08 8.39 9.93
C SER A 156 19.02 8.47 8.40
N THR A 157 17.85 8.81 7.86
CA THR A 157 17.71 8.96 6.41
C THR A 157 17.86 10.40 5.96
N LEU A 158 18.88 11.11 6.42
CA LEU A 158 19.11 12.43 5.86
C LEU A 158 20.57 12.69 5.47
N ILE A 159 21.52 12.23 6.27
CA ILE A 159 22.94 12.44 6.00
C ILE A 159 23.49 11.40 5.01
N PRO A 160 23.16 10.11 5.13
CA PRO A 160 23.63 9.16 4.10
C PRO A 160 23.32 9.59 2.68
N ASP A 161 22.09 10.00 2.40
CA ASP A 161 21.66 10.30 1.04
C ASP A 161 21.36 11.76 0.78
N VAL A 162 20.48 12.37 1.57
CA VAL A 162 20.00 13.72 1.25
C VAL A 162 21.12 14.74 1.44
N PHE A 163 21.59 14.90 2.67
CA PHE A 163 22.59 15.90 3.00
C PHE A 163 23.97 15.25 3.04
N LYS A 164 24.85 15.67 2.13
CA LYS A 164 26.17 15.05 1.99
C LYS A 164 26.92 15.00 3.31
N ASP A 165 27.21 16.16 3.90
CA ASP A 165 27.93 16.22 5.16
C ASP A 165 27.12 16.96 6.21
N GLN A 166 27.71 17.18 7.38
CA GLN A 166 27.08 18.06 8.35
C GLN A 166 27.29 19.52 8.00
N GLU A 167 28.42 19.84 7.35
CA GLU A 167 28.59 21.18 6.80
C GLU A 167 27.49 21.51 5.80
N ASP A 168 26.93 20.48 5.15
CA ASP A 168 25.81 20.69 4.23
C ASP A 168 24.57 21.19 4.97
N VAL A 169 24.16 20.46 6.01
CA VAL A 169 23.02 20.89 6.81
C VAL A 169 23.28 22.25 7.42
N ASN A 170 24.51 22.52 7.83
CA ASN A 170 24.83 23.83 8.37
C ASN A 170 24.70 24.92 7.31
N PHE A 171 25.11 24.63 6.08
CA PHE A 171 24.96 25.61 5.00
C PHE A 171 23.50 25.92 4.74
N TYR A 172 22.65 24.89 4.75
CA TYR A 172 21.23 25.14 4.47
C TYR A 172 20.55 25.82 5.65
N ALA A 173 20.91 25.47 6.88
CA ALA A 173 20.39 26.19 8.03
C ALA A 173 20.91 27.61 8.09
N ARG A 174 22.05 27.89 7.46
CA ARG A 174 22.55 29.26 7.42
C ARG A 174 21.89 30.06 6.31
N VAL A 175 21.45 29.40 5.24
CA VAL A 175 20.66 30.11 4.23
C VAL A 175 19.22 30.28 4.68
N ILE A 176 18.74 29.47 5.61
CA ILE A 176 17.42 29.71 6.18
C ILE A 176 17.43 30.93 7.07
N GLU A 177 18.44 31.04 7.95
CA GLU A 177 18.46 32.13 8.91
C GLU A 177 18.65 33.48 8.22
N ASP A 178 19.33 33.49 7.07
CA ASP A 178 19.45 34.68 6.24
C ASP A 178 19.96 35.88 7.03
N LYS A 179 21.09 35.68 7.73
CA LYS A 179 21.66 36.76 8.53
C LYS A 179 22.00 37.96 7.67
N SER A 180 22.62 37.72 6.51
CA SER A 180 22.84 38.77 5.52
C SER A 180 21.68 38.77 4.55
N HIS A 181 21.82 39.48 3.43
CA HIS A 181 20.84 39.48 2.36
C HIS A 181 21.50 39.12 1.04
N ASP A 182 22.31 38.07 1.07
CA ASP A 182 23.01 37.58 -0.12
C ASP A 182 22.15 36.57 -0.87
N TRP A 183 20.98 37.04 -1.30
CA TRP A 183 20.10 36.19 -2.09
C TRP A 183 20.73 35.84 -3.43
N GLU A 184 21.48 36.78 -4.01
CA GLU A 184 22.10 36.59 -5.31
C GLU A 184 23.52 36.04 -5.17
N SER A 185 23.63 34.93 -4.46
CA SER A 185 24.93 34.30 -4.23
C SER A 185 25.05 32.93 -4.85
N THR A 186 24.16 32.00 -4.51
CA THR A 186 24.22 30.62 -4.94
C THR A 186 22.83 30.18 -5.39
N PRO A 187 22.74 29.12 -6.20
CA PRO A 187 21.42 28.66 -6.65
C PRO A 187 20.44 28.37 -5.52
N ALA A 188 20.91 27.80 -4.41
CA ALA A 188 20.03 27.53 -3.29
C ALA A 188 19.48 28.84 -2.71
N HIS A 189 20.34 29.85 -2.59
CA HIS A 189 19.88 31.15 -2.11
C HIS A 189 18.81 31.71 -3.02
N VAL A 190 19.11 31.78 -4.33
CA VAL A 190 18.17 32.37 -5.28
C VAL A 190 16.84 31.63 -5.24
N LEU A 191 16.87 30.30 -5.22
CA LEU A 191 15.63 29.54 -5.22
C LEU A 191 14.83 29.79 -3.94
N ILE A 192 15.46 29.59 -2.78
CA ILE A 192 14.72 29.68 -1.53
C ILE A 192 14.20 31.10 -1.31
N ASN A 193 14.87 32.10 -1.85
CA ASN A 193 14.41 33.47 -1.61
C ASN A 193 13.41 33.95 -2.65
N GLN A 194 13.63 33.66 -3.93
CA GLN A 194 12.64 34.01 -4.95
C GLN A 194 11.32 33.28 -4.69
N GLY A 195 11.37 32.00 -4.38
CA GLY A 195 10.15 31.25 -4.15
C GLY A 195 9.31 31.83 -3.04
N HIS A 196 9.95 32.46 -2.06
CA HIS A 196 9.24 33.07 -0.95
C HIS A 196 8.82 34.49 -1.24
N MET A 197 9.59 35.22 -2.06
CA MET A 197 9.22 36.59 -2.41
C MET A 197 8.24 36.65 -3.56
N VAL A 198 8.37 35.74 -4.54
CA VAL A 198 7.47 35.78 -5.69
C VAL A 198 6.08 35.29 -5.33
N ASP A 199 5.94 34.57 -4.21
CA ASP A 199 4.62 34.13 -3.79
C ASP A 199 3.81 35.30 -3.24
N LEU A 200 4.46 36.18 -2.47
CA LEU A 200 3.79 37.36 -1.94
C LEU A 200 3.65 38.39 -3.04
N VAL A 201 2.92 38.03 -4.10
CA VAL A 201 2.62 38.94 -5.19
C VAL A 201 1.13 39.03 -5.46
N ARG A 202 0.31 38.25 -4.76
CA ARG A 202 -1.14 38.34 -4.83
C ARG A 202 -1.73 39.14 -3.69
N VAL A 203 -0.92 39.50 -2.69
CA VAL A 203 -1.40 40.23 -1.53
C VAL A 203 -1.03 41.71 -1.60
N LYS A 204 0.19 42.02 -2.05
CA LYS A 204 0.59 43.40 -2.21
C LYS A 204 -0.37 44.12 -3.14
N GLN A 205 -0.75 45.35 -2.77
CA GLN A 205 -1.86 46.00 -3.45
C GLN A 205 -1.54 46.40 -4.89
N PRO A 206 -0.50 47.19 -5.17
CA PRO A 206 -0.22 47.55 -6.56
C PRO A 206 0.45 46.40 -7.30
N PRO A 207 -0.25 45.76 -8.23
CA PRO A 207 0.34 44.60 -8.90
C PRO A 207 1.36 44.98 -9.96
N GLU A 208 1.15 46.12 -10.61
CA GLU A 208 2.01 46.53 -11.71
C GLU A 208 3.44 46.82 -11.27
N SER A 209 3.66 47.08 -9.99
CA SER A 209 4.99 47.36 -9.48
C SER A 209 5.65 46.13 -8.88
N PHE A 210 4.94 45.40 -8.02
CA PHE A 210 5.49 44.20 -7.43
C PHE A 210 5.75 43.13 -8.49
N LEU A 211 4.80 42.94 -9.41
CA LEU A 211 5.00 41.96 -10.47
C LEU A 211 6.19 42.33 -11.34
N GLN A 212 6.32 43.61 -11.69
CA GLN A 212 7.45 44.01 -12.53
C GLN A 212 8.77 43.86 -11.77
N ARG A 213 8.77 44.17 -10.48
CA ARG A 213 10.00 44.02 -9.71
C ARG A 213 10.43 42.56 -9.64
N TYR A 214 9.51 41.67 -9.29
CA TYR A 214 9.86 40.25 -9.25
C TYR A 214 10.20 39.71 -10.64
N PHE A 215 9.56 40.24 -11.68
CA PHE A 215 9.85 39.80 -13.04
C PHE A 215 11.27 40.18 -13.44
N SER A 216 11.66 41.43 -13.20
CA SER A 216 13.01 41.85 -13.52
C SER A 216 14.05 41.25 -12.58
N SER A 217 13.64 40.80 -11.39
CA SER A 217 14.58 40.16 -10.49
C SER A 217 14.78 38.69 -10.83
N MET A 218 13.79 38.06 -11.46
CA MET A 218 13.94 36.65 -11.83
C MET A 218 14.45 36.47 -13.25
N GLN A 219 14.07 37.33 -14.19
CA GLN A 219 14.55 37.17 -15.56
C GLN A 219 16.05 37.43 -15.67
N ARG A 220 16.67 38.02 -14.66
CA ARG A 220 18.13 38.13 -14.66
C ARG A 220 18.77 36.75 -14.64
N TRP A 221 18.13 35.79 -13.97
CA TRP A 221 18.69 34.46 -13.81
C TRP A 221 18.29 33.50 -14.93
N ILE A 222 17.04 33.56 -15.38
CA ILE A 222 16.51 32.57 -16.32
C ILE A 222 16.31 33.17 -17.70
N GLY A 223 15.46 34.18 -17.82
CA GLY A 223 15.17 34.77 -19.11
C GLY A 223 13.74 35.22 -19.25
N SER A 224 13.44 35.96 -20.33
CA SER A 224 12.10 36.49 -20.52
C SER A 224 11.08 35.38 -20.76
N GLN A 225 11.34 34.55 -21.77
CA GLN A 225 10.39 33.52 -22.17
C GLN A 225 10.14 32.51 -21.05
N ALA A 226 11.10 32.32 -20.16
CA ALA A 226 10.93 31.40 -19.06
C ALA A 226 10.29 32.05 -17.84
N THR A 227 10.56 33.33 -17.61
CA THR A 227 9.89 34.02 -16.51
C THR A 227 8.40 34.16 -16.80
N GLU A 228 8.03 34.43 -18.05
CA GLU A 228 6.62 34.46 -18.39
C GLU A 228 5.94 33.13 -18.05
N ALA A 229 6.63 32.02 -18.32
CA ALA A 229 6.08 30.72 -17.97
C ALA A 229 5.97 30.55 -16.47
N VAL A 230 7.00 30.97 -15.73
CA VAL A 230 6.97 30.87 -14.28
C VAL A 230 5.76 31.60 -13.72
N PHE A 231 5.47 32.79 -14.23
CA PHE A 231 4.37 33.56 -13.68
C PHE A 231 3.01 33.07 -14.15
N GLY A 232 2.90 32.60 -15.39
CA GLY A 232 1.65 31.97 -15.82
C GLY A 232 1.31 30.77 -14.97
N ILE A 233 2.27 29.87 -14.78
CA ILE A 233 1.99 28.71 -13.95
C ILE A 233 1.84 29.10 -12.49
N GLN A 234 2.40 30.22 -12.05
CA GLN A 234 2.12 30.72 -10.72
C GLN A 234 0.67 31.12 -10.56
N ARG A 235 0.12 31.83 -11.56
CA ARG A 235 -1.29 32.19 -11.50
C ARG A 235 -2.18 30.96 -11.51
N GLN A 236 -1.79 29.95 -12.30
CA GLN A 236 -2.57 28.71 -12.30
C GLN A 236 -2.46 27.97 -10.98
N PHE A 237 -1.30 28.05 -10.31
CA PHE A 237 -1.18 27.50 -8.96
C PHE A 237 -2.11 28.23 -7.99
N PHE A 238 -2.16 29.56 -8.09
CA PHE A 238 -3.06 30.33 -7.25
C PHE A 238 -4.50 29.89 -7.44
N HIS A 239 -4.93 29.76 -8.70
CA HIS A 239 -6.27 29.23 -8.97
C HIS A 239 -6.45 27.86 -8.35
N ALA A 240 -5.43 27.01 -8.43
CA ALA A 240 -5.55 25.64 -7.93
C ALA A 240 -5.73 25.61 -6.42
N THR A 241 -5.02 26.48 -5.69
CA THR A 241 -5.03 26.43 -4.24
C THR A 241 -5.98 27.46 -3.63
N TYR A 242 -6.93 27.98 -4.40
CA TYR A 242 -7.96 28.88 -3.92
C TYR A 242 -7.35 30.14 -3.27
N GLU A 243 -6.64 30.90 -4.08
CA GLU A 243 -6.04 32.14 -3.65
C GLU A 243 -6.49 33.27 -4.56
N VAL A 244 -6.56 34.47 -4.00
CA VAL A 244 -6.96 35.63 -4.77
C VAL A 244 -5.91 35.92 -5.83
N VAL A 245 -6.35 36.05 -7.07
CA VAL A 245 -5.46 36.31 -8.19
C VAL A 245 -5.55 37.78 -8.57
N ALA A 246 -4.43 38.48 -8.50
CA ALA A 246 -4.40 39.87 -8.86
C ALA A 246 -4.55 40.04 -10.36
N GLY A 247 -4.88 41.26 -10.77
CA GLY A 247 -5.04 41.55 -12.18
C GLY A 247 -4.11 42.65 -12.66
N PHE A 248 -3.17 42.29 -13.53
CA PHE A 248 -2.27 43.27 -14.09
C PHE A 248 -3.01 44.20 -15.04
N ASP A 249 -2.63 45.47 -15.02
CA ASP A 249 -3.28 46.46 -15.88
C ASP A 249 -2.29 47.59 -16.12
N SER A 250 -1.83 47.74 -17.35
CA SER A 250 -0.79 48.70 -17.69
C SER A 250 -1.31 50.12 -17.85
N ASP A 251 -2.51 50.42 -17.36
CA ASP A 251 -3.07 51.76 -17.40
C ASP A 251 -3.72 52.11 -16.06
N ASN A 252 -3.04 51.77 -14.97
CA ASN A 252 -3.50 52.12 -13.63
C ASN A 252 -2.84 53.43 -13.21
N LYS A 253 -3.58 54.24 -12.45
CA LYS A 253 -3.10 55.57 -12.06
C LYS A 253 -2.68 55.63 -10.59
N GLU A 254 -2.57 54.49 -9.93
CA GLU A 254 -2.11 54.48 -8.55
C GLU A 254 -0.63 54.83 -8.50
N PRO A 255 -0.18 55.60 -7.50
CA PRO A 255 1.23 56.00 -7.44
C PRO A 255 2.15 54.80 -7.36
N HIS A 256 3.16 54.79 -8.25
CA HIS A 256 4.07 53.66 -8.33
C HIS A 256 4.97 53.58 -7.10
N LEU A 257 5.00 52.41 -6.47
CA LEU A 257 5.86 52.14 -5.33
C LEU A 257 7.00 51.23 -5.74
N VAL A 258 8.23 51.66 -5.47
CA VAL A 258 9.39 50.84 -5.78
C VAL A 258 9.54 49.77 -4.71
N VAL A 259 9.43 48.51 -5.12
CA VAL A 259 9.49 47.42 -4.16
C VAL A 259 10.89 47.27 -3.56
N SER A 260 11.91 47.77 -4.24
CA SER A 260 13.25 47.84 -3.65
C SER A 260 13.19 48.81 -2.48
N GLY A 261 13.22 48.25 -1.26
CA GLY A 261 12.89 49.10 -0.13
C GLY A 261 11.43 49.50 -0.20
N LEU A 262 11.14 50.71 0.26
CA LEU A 262 9.80 51.29 0.11
C LEU A 262 9.96 52.79 -0.12
N GLY A 263 9.95 53.20 -1.39
CA GLY A 263 10.07 54.59 -1.73
C GLY A 263 9.05 55.02 -2.76
N ARG A 264 9.31 56.12 -3.47
CA ARG A 264 8.42 56.64 -4.49
C ARG A 264 9.24 57.20 -5.63
N TYR A 265 8.55 57.57 -6.71
CA TYR A 265 9.14 58.26 -7.85
C TYR A 265 8.37 59.55 -8.08
N VAL A 266 9.07 60.68 -8.01
CA VAL A 266 8.48 61.99 -8.22
C VAL A 266 9.03 62.57 -9.53
N ILE A 267 8.16 63.23 -10.29
CA ILE A 267 8.59 63.85 -11.54
C ILE A 267 8.94 65.30 -11.26
N GLY A 268 9.98 65.80 -11.94
CA GLY A 268 10.46 67.13 -11.63
C GLY A 268 9.89 68.26 -12.44
N GLU A 269 8.81 68.84 -11.93
CA GLU A 269 8.34 70.19 -12.24
C GLU A 269 7.76 70.38 -13.64
N ASP A 270 7.97 69.45 -14.57
CA ASP A 270 7.19 69.45 -15.81
C ASP A 270 6.47 68.14 -16.05
N GLY A 271 7.19 67.06 -16.37
CA GLY A 271 6.64 65.72 -16.39
C GLY A 271 7.69 64.67 -16.16
N GLN A 272 8.92 65.10 -15.88
CA GLN A 272 10.08 64.24 -16.01
C GLN A 272 10.61 63.83 -14.64
N PRO A 273 10.86 62.54 -14.43
CA PRO A 273 11.30 62.08 -13.11
C PRO A 273 12.68 62.59 -12.75
N ILE A 274 12.86 62.91 -11.47
CA ILE A 274 14.13 63.39 -10.98
C ILE A 274 15.17 62.28 -11.13
N ARG A 275 16.27 62.58 -11.82
CA ARG A 275 17.30 61.60 -12.11
C ARG A 275 18.67 62.15 -11.74
N GLU A 276 19.58 61.25 -11.38
CA GLU A 276 20.91 61.63 -10.99
C GLU A 276 21.73 62.10 -12.20
N ALA A 277 22.94 62.57 -11.92
CA ALA A 277 23.89 63.01 -12.94
C ALA A 277 25.19 62.22 -12.79
N PRO A 278 25.19 60.94 -13.18
CA PRO A 278 26.40 60.12 -13.00
C PRO A 278 27.42 60.28 -14.11
N LYS A 279 28.47 59.48 -14.06
CA LYS A 279 29.54 59.58 -15.05
C LYS A 279 29.10 59.03 -16.40
N LYS A 280 29.62 59.65 -17.46
CA LYS A 280 29.51 59.16 -18.83
C LYS A 280 28.09 59.23 -19.37
N GLY A 281 27.12 59.61 -18.53
CA GLY A 281 25.74 59.67 -18.97
C GLY A 281 24.83 60.46 -18.05
N GLN A 282 24.04 61.36 -18.63
CA GLN A 282 23.03 62.09 -17.88
C GLN A 282 21.69 61.37 -17.85
N LYS A 283 21.65 60.11 -18.30
CA LYS A 283 20.41 59.32 -18.37
C LYS A 283 20.71 57.95 -17.78
N GLU A 284 20.53 57.84 -16.47
CA GLU A 284 20.82 56.61 -15.72
C GLU A 284 19.83 56.52 -14.57
N GLY A 285 20.16 55.69 -13.58
CA GLY A 285 19.28 55.32 -12.49
C GLY A 285 18.38 56.41 -11.93
N ASP A 286 17.09 56.12 -11.88
CA ASP A 286 16.11 57.06 -11.36
C ASP A 286 16.38 57.35 -9.88
N LEU A 287 16.15 58.59 -9.48
CA LEU A 287 16.41 58.99 -8.11
C LEU A 287 15.29 58.52 -7.20
N LYS A 288 15.66 57.83 -6.12
CA LYS A 288 14.69 57.25 -5.19
C LYS A 288 14.38 58.25 -4.09
N VAL A 289 13.10 58.49 -3.85
CA VAL A 289 12.64 59.45 -2.85
C VAL A 289 11.71 58.73 -1.88
N PHE A 290 11.95 58.90 -0.59
CA PHE A 290 11.07 58.38 0.44
C PHE A 290 9.77 59.18 0.45
N PRO A 291 8.71 58.67 1.08
CA PRO A 291 7.45 59.43 1.14
C PRO A 291 7.62 60.73 1.90
N GLN A 292 7.49 61.86 1.19
CA GLN A 292 7.67 63.18 1.78
C GLN A 292 6.74 64.15 1.07
N THR A 293 6.95 65.45 1.30
CA THR A 293 6.05 66.47 0.78
C THR A 293 6.15 66.56 -0.74
N TYR A 294 5.21 67.31 -1.32
CA TYR A 294 5.17 67.51 -2.76
C TYR A 294 5.07 68.99 -3.09
N LYS A 295 4.84 69.31 -4.37
CA LYS A 295 4.71 70.69 -4.83
C LYS A 295 5.92 71.54 -4.46
N ASN A 299 5.77 71.29 -10.30
CA ASN A 299 5.17 70.47 -9.25
C ASN A 299 6.08 69.30 -8.90
N GLU A 300 5.93 68.78 -7.68
CA GLU A 300 6.71 67.66 -7.19
C GLU A 300 5.83 66.43 -7.00
N ARG A 301 4.92 66.21 -7.94
CA ARG A 301 3.98 65.10 -7.83
C ARG A 301 4.64 63.77 -8.13
N LEU A 302 4.10 62.72 -7.50
CA LEU A 302 4.60 61.36 -7.66
C LEU A 302 4.38 60.88 -9.09
N MET A 303 4.90 59.69 -9.37
CA MET A 303 4.73 59.03 -10.66
C MET A 303 3.91 57.77 -10.47
N ARG A 304 2.82 57.66 -11.22
CA ARG A 304 1.93 56.51 -11.13
C ARG A 304 2.52 55.33 -11.90
N VAL A 305 1.92 54.16 -11.71
CA VAL A 305 2.42 52.95 -12.38
C VAL A 305 2.23 53.02 -13.89
N ASP A 306 1.27 53.80 -14.37
CA ASP A 306 1.04 53.89 -15.81
C ASP A 306 2.25 54.52 -16.50
N GLU A 307 2.64 55.71 -16.08
CA GLU A 307 3.78 56.38 -16.68
C GLU A 307 5.09 55.66 -16.38
N PHE A 308 5.17 54.96 -15.26
CA PHE A 308 6.41 54.26 -14.90
C PHE A 308 6.69 53.08 -15.83
N LEU A 309 5.63 52.42 -16.31
CA LEU A 309 5.78 51.23 -17.12
C LEU A 309 5.98 51.53 -18.60
N LYS A 310 6.05 52.80 -19.00
CA LYS A 310 6.23 53.14 -20.41
C LYS A 310 7.45 54.02 -20.63
N LEU A 311 8.39 54.05 -19.70
CA LEU A 311 9.62 54.78 -19.96
C LEU A 311 10.57 53.91 -20.78
N PRO A 312 11.47 54.53 -21.56
CA PRO A 312 12.28 53.75 -22.51
C PRO A 312 13.15 52.68 -21.86
N GLU A 313 13.61 52.90 -20.63
CA GLU A 313 14.51 51.96 -19.98
C GLU A 313 13.77 50.80 -19.31
N ILE A 314 12.45 50.73 -19.41
CA ILE A 314 11.70 49.61 -18.86
C ILE A 314 10.72 48.99 -19.85
N GLN A 315 10.36 49.68 -20.94
CA GLN A 315 9.45 49.08 -21.90
C GLN A 315 10.13 47.97 -22.69
N ASN A 316 11.38 48.18 -23.08
CA ASN A 316 12.10 47.24 -23.92
C ASN A 316 12.64 46.04 -23.16
N THR A 317 12.28 45.89 -21.89
CA THR A 317 12.72 44.73 -21.10
C THR A 317 11.61 44.06 -20.31
N PHE A 318 10.40 44.63 -20.29
CA PHE A 318 9.28 44.03 -19.56
C PHE A 318 8.11 43.84 -20.53
N PRO A 319 7.64 42.61 -20.73
CA PRO A 319 6.57 42.40 -21.72
C PRO A 319 5.25 43.02 -21.32
N GLY A 320 4.92 43.03 -20.03
CA GLY A 320 3.64 43.55 -19.57
C GLY A 320 3.42 45.04 -19.81
N SER A 321 4.43 45.74 -20.31
CA SER A 321 4.28 47.16 -20.62
C SER A 321 3.28 47.32 -21.76
N GLY A 322 2.08 47.79 -21.43
CA GLY A 322 1.04 47.94 -22.42
C GLY A 322 0.17 46.73 -22.63
N LYS A 323 0.22 45.74 -21.72
CA LYS A 323 -0.57 44.53 -21.83
C LYS A 323 -1.24 44.26 -20.49
N HIS A 324 -2.48 43.77 -20.53
CA HIS A 324 -3.31 43.66 -19.34
C HIS A 324 -3.64 42.20 -19.07
N LEU A 325 -4.26 41.98 -17.90
CA LEU A 325 -4.78 40.67 -17.50
C LEU A 325 -6.13 40.88 -16.84
N GLN A 326 -6.95 39.84 -16.86
CA GLN A 326 -8.31 39.99 -16.33
C GLN A 326 -8.32 39.94 -14.80
N GLY A 327 -7.49 39.10 -14.21
CA GLY A 327 -7.43 39.01 -12.76
C GLY A 327 -8.58 38.23 -12.16
N GLY A 328 -8.68 36.96 -12.50
CA GLY A 328 -9.75 36.12 -11.97
C GLY A 328 -9.98 34.95 -12.89
N MET A 329 -11.01 34.17 -12.54
CA MET A 329 -11.37 33.03 -13.35
C MET A 329 -11.96 33.49 -14.68
N PRO A 330 -11.56 32.88 -15.80
CA PRO A 330 -12.17 33.21 -17.09
C PRO A 330 -13.57 32.65 -17.20
N GLY A 331 -14.56 33.38 -16.69
CA GLY A 331 -15.85 32.78 -16.46
C GLY A 331 -16.54 33.38 -15.25
N MET A 332 -16.81 32.52 -14.26
CA MET A 332 -17.53 32.85 -13.04
C MET A 332 -17.23 34.25 -12.51
N ASN A 333 -18.30 35.00 -12.21
CA ASN A 333 -18.19 36.38 -11.78
C ASN A 333 -17.96 36.45 -10.28
N GLU A 334 -17.99 37.67 -9.72
CA GLU A 334 -17.68 37.87 -8.33
C GLU A 334 -18.69 37.24 -7.38
N MET A 335 -19.86 36.83 -7.89
CA MET A 335 -20.88 36.27 -7.02
C MET A 335 -20.39 35.00 -6.35
N ASP A 336 -20.06 33.98 -7.15
CA ASP A 336 -19.60 32.71 -6.60
C ASP A 336 -18.09 32.64 -6.47
N TYR A 337 -17.35 33.56 -7.09
CA TYR A 337 -15.91 33.60 -6.93
C TYR A 337 -15.53 33.80 -5.46
N TRP A 338 -16.24 34.70 -4.77
CA TRP A 338 -15.92 34.96 -3.37
C TRP A 338 -16.18 33.75 -2.50
N ASN A 339 -17.31 33.07 -2.69
CA ASN A 339 -17.60 31.91 -1.88
C ASN A 339 -16.84 30.67 -2.33
N ARG A 340 -16.16 30.72 -3.48
CA ARG A 340 -15.21 29.66 -3.80
C ARG A 340 -13.85 29.94 -3.17
N LEU A 341 -13.49 31.22 -3.02
CA LEU A 341 -12.29 31.54 -2.26
C LEU A 341 -12.49 31.29 -0.78
N ASN A 342 -13.66 31.63 -0.26
CA ASN A 342 -14.01 31.37 1.14
C ASN A 342 -14.70 30.03 1.32
N SER A 343 -14.43 29.07 0.45
CA SER A 343 -15.08 27.78 0.50
C SER A 343 -14.45 26.91 1.59
N LEU A 344 -15.00 25.70 1.74
CA LEU A 344 -14.47 24.78 2.75
C LEU A 344 -13.24 24.04 2.25
N ASN A 345 -13.14 23.80 0.94
CA ASN A 345 -11.99 23.10 0.40
C ASN A 345 -10.72 23.95 0.48
N ARG A 346 -10.86 25.26 0.70
CA ARG A 346 -9.68 26.09 0.93
C ARG A 346 -9.03 25.76 2.27
N ALA A 347 -9.84 25.63 3.32
CA ALA A 347 -9.30 25.22 4.61
C ALA A 347 -8.73 23.82 4.56
N ARG A 348 -9.35 22.94 3.77
CA ARG A 348 -8.81 21.59 3.61
C ARG A 348 -7.48 21.63 2.87
N CYS A 349 -7.35 22.51 1.88
CA CYS A 349 -6.06 22.71 1.23
C CYS A 349 -5.04 23.30 2.18
N GLU A 350 -5.50 24.05 3.18
CA GLU A 350 -4.61 24.63 4.18
C GLU A 350 -4.29 23.69 5.33
N ASN A 351 -4.98 22.56 5.45
CA ASN A 351 -4.74 21.65 6.57
C ASN A 351 -4.46 20.21 6.15
N ASP A 352 -4.23 19.95 4.87
CA ASP A 352 -3.88 18.60 4.41
C ASP A 352 -2.77 18.70 3.39
N VAL A 353 -1.62 18.11 3.69
CA VAL A 353 -0.50 18.11 2.75
C VAL A 353 -0.86 17.30 1.52
N ASP A 354 -1.54 16.16 1.72
CA ASP A 354 -1.94 15.31 0.60
C ASP A 354 -2.82 16.10 -0.37
N PHE A 355 -3.80 16.84 0.16
CA PHE A 355 -4.76 17.51 -0.70
C PHE A 355 -4.11 18.66 -1.47
N CYS A 356 -3.33 19.49 -0.77
CA CYS A 356 -2.67 20.61 -1.44
C CYS A 356 -1.66 20.12 -2.47
N LEU A 357 -0.97 19.02 -2.15
CA LEU A 357 -0.04 18.46 -3.13
C LEU A 357 -0.77 17.92 -4.34
N LYS A 358 -1.92 17.28 -4.15
CA LYS A 358 -2.72 16.80 -5.28
C LYS A 358 -3.19 17.97 -6.15
N GLN A 359 -3.64 19.05 -5.52
CA GLN A 359 -4.09 20.21 -6.26
C GLN A 359 -2.94 20.82 -7.07
N LEU A 360 -1.79 21.02 -6.44
CA LEU A 360 -0.65 21.58 -7.16
C LEU A 360 -0.18 20.63 -8.26
N GLN A 361 -0.28 19.33 -8.05
CA GLN A 361 0.13 18.37 -9.07
C GLN A 361 -0.77 18.45 -10.28
N THR A 362 -2.09 18.46 -10.06
CA THR A 362 -3.03 18.62 -11.16
C THR A 362 -2.78 19.93 -11.90
N ALA A 363 -2.53 21.00 -11.15
CA ALA A 363 -2.29 22.30 -11.79
C ALA A 363 -1.04 22.27 -12.65
N HIS A 364 0.02 21.64 -12.15
CA HIS A 364 1.27 21.59 -12.92
C HIS A 364 1.11 20.71 -14.16
N ASP A 365 0.37 19.61 -14.04
CA ASP A 365 0.13 18.76 -15.21
C ASP A 365 -0.64 19.52 -16.28
N LYS A 366 -1.73 20.19 -15.89
CA LYS A 366 -2.47 20.95 -16.87
C LYS A 366 -1.66 22.11 -17.43
N ALA A 367 -0.77 22.70 -16.63
CA ALA A 367 0.08 23.76 -17.14
C ALA A 367 1.15 23.22 -18.07
N LYS A 368 1.48 21.94 -17.94
CA LYS A 368 2.42 21.31 -18.87
C LYS A 368 1.74 20.95 -20.18
N ILE A 369 0.45 20.65 -20.14
CA ILE A 369 -0.25 20.23 -21.36
C ILE A 369 -0.78 21.43 -22.13
N GLU A 370 -1.43 22.37 -21.44
CA GLU A 370 -2.24 23.38 -22.11
C GLU A 370 -1.49 24.30 -23.07
N PRO A 371 -0.21 24.63 -22.89
CA PRO A 371 0.49 25.41 -23.92
C PRO A 371 0.40 24.80 -25.30
N ILE A 372 0.28 23.48 -25.40
CA ILE A 372 0.12 22.84 -26.70
C ILE A 372 -1.26 23.12 -27.26
N LYS A 373 -2.31 22.83 -26.47
CA LYS A 373 -3.67 23.06 -26.93
C LYS A 373 -3.88 24.51 -27.34
N GLN A 374 -3.29 25.46 -26.61
CA GLN A 374 -3.44 26.86 -26.98
C GLN A 374 -2.48 27.28 -28.08
N ALA A 375 -1.42 26.51 -28.32
CA ALA A 375 -0.55 26.78 -29.46
C ALA A 375 -1.18 26.37 -30.78
N PHE A 376 -2.24 25.57 -30.75
CA PHE A 376 -2.99 25.19 -31.93
C PHE A 376 -4.38 25.80 -31.87
N GLN A 377 -5.07 25.76 -33.01
CA GLN A 377 -6.41 26.31 -33.08
C GLN A 377 -7.39 25.46 -32.26
N SER A 378 -8.65 25.89 -32.24
CA SER A 378 -9.65 25.23 -31.43
C SER A 378 -9.90 23.80 -31.92
N SER A 379 -10.41 22.97 -31.02
CA SER A 379 -10.73 21.59 -31.34
C SER A 379 -12.15 21.47 -31.89
N ALA A 547 -18.14 1.23 -27.30
CA ALA A 547 -17.60 1.58 -25.99
C ALA A 547 -16.89 2.92 -26.02
N LYS A 548 -16.31 3.30 -24.87
CA LYS A 548 -15.61 4.56 -24.69
C LYS A 548 -14.14 4.42 -25.09
N PRO A 549 -13.51 5.51 -25.54
CA PRO A 549 -12.10 5.46 -25.90
C PRO A 549 -11.23 5.74 -24.69
N PRO A 550 -10.16 4.98 -24.51
CA PRO A 550 -9.32 5.15 -23.32
C PRO A 550 -8.41 6.37 -23.43
N THR A 551 -8.07 6.92 -22.27
CA THR A 551 -7.30 8.15 -22.22
C THR A 551 -5.81 7.90 -22.46
N ARG A 552 -5.23 6.95 -21.73
CA ARG A 552 -3.80 6.73 -21.69
C ARG A 552 -3.49 5.39 -22.35
N LEU A 553 -2.65 5.40 -23.38
CA LEU A 553 -2.33 4.20 -24.13
C LEU A 553 -0.81 4.08 -24.28
N PHE A 554 -0.26 2.96 -23.82
CA PHE A 554 1.17 2.73 -23.85
C PHE A 554 1.54 1.82 -25.02
N ARG A 555 2.68 2.11 -25.64
CA ARG A 555 3.15 1.36 -26.79
C ARG A 555 4.66 1.18 -26.67
N GLY A 556 5.10 -0.04 -26.42
CA GLY A 556 6.52 -0.29 -26.29
C GLY A 556 7.22 -0.36 -27.63
N LEU A 557 8.53 -0.16 -27.60
CA LEU A 557 9.37 -0.26 -28.78
C LEU A 557 10.79 -0.60 -28.34
N ASN A 558 11.42 -1.51 -29.08
CA ASN A 558 12.84 -1.80 -28.90
C ASN A 558 13.59 -1.14 -30.03
N LEU A 559 14.23 -0.01 -29.74
CA LEU A 559 15.01 0.73 -30.72
C LEU A 559 16.48 0.71 -30.35
N SER A 560 17.30 1.27 -31.23
CA SER A 560 18.74 1.31 -31.02
C SER A 560 19.07 2.29 -29.89
N GLU A 561 20.36 2.47 -29.64
CA GLU A 561 20.81 3.47 -28.68
C GLU A 561 21.18 4.79 -29.34
N GLU A 562 21.92 4.74 -30.46
CA GLU A 562 22.18 5.96 -31.21
C GLU A 562 20.89 6.58 -31.71
N PHE A 563 19.96 5.75 -32.20
CA PHE A 563 18.67 6.27 -32.63
C PHE A 563 17.88 6.82 -31.45
N THR A 564 17.99 6.19 -30.28
CA THR A 564 17.28 6.71 -29.11
C THR A 564 17.84 8.06 -28.69
N LYS A 565 19.16 8.25 -28.79
CA LYS A 565 19.73 9.56 -28.48
C LYS A 565 19.30 10.60 -29.50
N GLY A 566 19.37 10.26 -30.78
CA GLY A 566 18.88 11.17 -31.82
C GLY A 566 17.40 11.46 -31.71
N LEU A 567 16.65 10.61 -31.03
CA LEU A 567 15.23 10.84 -30.78
C LEU A 567 15.00 11.73 -29.56
N ILE A 568 15.71 11.46 -28.47
CA ILE A 568 15.58 12.28 -27.28
C ILE A 568 16.01 13.71 -27.56
N ASP A 569 17.03 13.89 -28.41
CA ASP A 569 17.44 15.24 -28.76
C ASP A 569 16.30 16.01 -29.41
N GLN A 570 15.65 15.41 -30.41
CA GLN A 570 14.56 16.10 -31.09
C GLN A 570 13.38 16.31 -30.14
N ALA A 571 13.06 15.32 -29.31
CA ALA A 571 11.93 15.47 -28.41
C ALA A 571 12.15 16.60 -27.42
N ASN A 572 13.35 16.69 -26.83
CA ASN A 572 13.64 17.78 -25.90
C ASN A 572 13.73 19.12 -26.62
N ALA A 573 14.22 19.14 -27.86
CA ALA A 573 14.29 20.40 -28.59
C ALA A 573 12.90 20.90 -28.96
N MET A 574 11.94 20.00 -29.13
CA MET A 574 10.57 20.42 -29.38
C MET A 574 9.81 20.73 -28.10
N ILE A 575 10.16 20.10 -26.98
CA ILE A 575 9.55 20.44 -25.70
C ILE A 575 10.03 21.81 -25.24
N ALA A 576 11.31 22.12 -25.47
CA ALA A 576 11.85 23.41 -25.07
C ALA A 576 11.65 24.48 -26.13
N ASN A 577 10.42 24.55 -26.62
CA ASN A 577 9.98 25.68 -27.44
C ASN A 577 8.54 26.04 -27.17
N THR A 578 7.88 25.38 -26.22
CA THR A 578 6.48 25.62 -25.89
C THR A 578 6.42 25.96 -24.41
N THR A 579 6.58 27.25 -24.11
CA THR A 579 6.45 27.75 -22.75
C THR A 579 5.07 28.38 -22.57
N GLU A 580 4.57 28.33 -21.33
CA GLU A 580 3.26 28.89 -21.02
C GLU A 580 3.38 30.41 -21.00
N ARG A 581 3.12 31.05 -22.13
CA ARG A 581 3.21 32.49 -22.21
C ARG A 581 2.18 33.15 -21.32
N LEU A 582 2.54 34.30 -20.76
CA LEU A 582 1.68 35.05 -19.85
C LEU A 582 1.12 36.31 -20.47
N PHE A 583 1.96 37.11 -21.11
CA PHE A 583 1.53 38.39 -21.70
C PHE A 583 1.25 38.25 -23.18
N THR A 584 2.23 37.81 -23.95
CA THR A 584 2.13 37.75 -25.41
C THR A 584 1.83 36.32 -25.85
N ASP A 585 0.71 36.14 -26.55
CA ASP A 585 0.48 34.87 -27.23
C ASP A 585 1.59 34.67 -28.26
N HIS A 586 2.20 33.49 -28.24
CA HIS A 586 3.55 33.37 -28.78
C HIS A 586 3.63 33.50 -30.30
N SER A 587 3.12 32.51 -31.04
CA SER A 587 3.36 32.45 -32.48
C SER A 587 2.73 31.23 -33.12
N PRO A 588 2.61 31.21 -34.45
CA PRO A 588 2.52 29.93 -35.18
C PRO A 588 3.87 29.25 -35.36
N GLU A 589 4.93 29.81 -34.77
CA GLU A 589 6.25 29.20 -34.84
C GLU A 589 6.26 27.84 -34.16
N ALA A 590 5.50 27.68 -33.08
CA ALA A 590 5.38 26.37 -32.45
C ALA A 590 4.76 25.37 -33.41
N PHE A 591 3.70 25.76 -34.12
CA PHE A 591 3.07 24.88 -35.09
C PHE A 591 4.04 24.51 -36.20
N LYS A 592 4.80 25.49 -36.71
CA LYS A 592 5.72 25.18 -37.80
C LYS A 592 6.87 24.29 -37.33
N GLN A 593 7.36 24.50 -36.11
CA GLN A 593 8.41 23.63 -35.57
C GLN A 593 7.88 22.22 -35.35
N ILE A 594 6.64 22.10 -34.91
CA ILE A 594 6.04 20.78 -34.71
C ILE A 594 5.89 20.05 -36.04
N LYS A 595 5.42 20.75 -37.07
CA LYS A 595 5.24 20.10 -38.36
C LYS A 595 6.57 19.80 -39.03
N LEU A 596 7.60 20.62 -38.78
CA LEU A 596 8.92 20.34 -39.35
C LEU A 596 9.61 19.21 -38.62
N ASN A 597 9.33 19.02 -37.34
CA ASN A 597 9.89 17.92 -36.56
C ASN A 597 9.09 16.67 -36.89
N ASP A 598 9.65 15.81 -37.75
CA ASP A 598 8.97 14.59 -38.16
C ASP A 598 9.31 13.42 -37.24
N LEU A 599 9.14 13.63 -35.95
CA LEU A 599 9.27 12.56 -34.97
C LEU A 599 7.99 11.73 -34.90
N SER A 600 6.85 12.31 -35.27
CA SER A 600 5.57 11.66 -35.15
C SER A 600 5.35 10.55 -36.16
N LYS A 601 6.33 10.24 -37.01
CA LYS A 601 6.11 9.18 -37.99
C LYS A 601 6.20 7.80 -37.35
N MET A 602 7.11 7.63 -36.38
CA MET A 602 7.20 6.36 -35.68
C MET A 602 6.04 6.15 -34.72
N SER A 603 5.33 7.21 -34.35
CA SER A 603 4.24 7.11 -33.39
C SER A 603 2.93 6.63 -34.03
N GLY A 604 2.88 6.52 -35.35
CA GLY A 604 1.65 6.16 -36.01
C GLY A 604 1.84 5.67 -37.43
N ARG A 605 0.98 6.13 -38.34
CA ARG A 605 1.00 5.79 -39.76
C ARG A 605 0.69 4.31 -40.02
N THR A 606 0.13 3.63 -39.03
CA THR A 606 -0.25 2.22 -39.16
C THR A 606 -1.31 1.93 -38.10
N ASN A 607 -1.58 0.64 -37.89
CA ASN A 607 -2.50 0.19 -36.84
C ASN A 607 -1.67 -0.35 -35.69
N ALA A 608 -1.29 0.54 -34.79
CA ALA A 608 -0.39 0.16 -33.70
C ALA A 608 -1.13 -0.66 -32.65
N SER A 609 -0.39 -1.56 -32.02
CA SER A 609 -0.92 -2.45 -30.98
C SER A 609 -0.43 -1.96 -29.63
N THR A 610 -1.32 -1.33 -28.87
CA THR A 610 -0.97 -0.67 -27.63
C THR A 610 -1.71 -1.33 -26.47
N THR A 611 -1.57 -0.75 -25.28
CA THR A 611 -2.25 -1.25 -24.10
C THR A 611 -2.48 -0.09 -23.14
N THR A 612 -3.33 -0.34 -22.14
CA THR A 612 -3.63 0.65 -21.12
C THR A 612 -2.92 0.36 -19.80
N GLU A 613 -1.99 -0.59 -19.80
CA GLU A 613 -1.22 -0.93 -18.61
C GLU A 613 0.25 -0.70 -18.91
N ILE A 614 0.93 0.01 -18.02
CA ILE A 614 2.37 0.15 -18.16
C ILE A 614 3.08 -1.10 -17.68
N LYS A 615 2.49 -1.82 -16.71
CA LYS A 615 3.08 -3.06 -16.24
C LYS A 615 3.08 -4.12 -17.35
N LEU A 616 2.07 -4.13 -18.20
CA LEU A 616 2.03 -5.10 -19.27
C LEU A 616 3.15 -4.86 -20.28
N VAL A 617 3.46 -3.60 -20.56
CA VAL A 617 4.56 -3.32 -21.46
C VAL A 617 5.89 -3.76 -20.86
N LYS A 618 5.99 -3.70 -19.53
CA LYS A 618 7.25 -4.03 -18.87
C LYS A 618 7.37 -5.53 -18.61
N GLU A 619 6.27 -6.19 -18.29
CA GLU A 619 6.31 -7.59 -17.91
C GLU A 619 6.08 -8.53 -19.08
N THR A 620 5.93 -8.02 -20.31
CA THR A 620 5.87 -8.88 -21.48
C THR A 620 7.06 -8.65 -22.42
N TRP A 621 7.24 -7.42 -22.90
CA TRP A 621 8.35 -7.13 -23.80
C TRP A 621 9.50 -6.41 -23.11
N ASP A 622 9.21 -5.65 -22.06
CA ASP A 622 10.18 -4.81 -21.38
C ASP A 622 10.99 -4.01 -22.38
N SER A 623 10.29 -3.17 -23.14
CA SER A 623 10.93 -2.36 -24.15
C SER A 623 11.78 -1.27 -23.50
N ASN A 624 12.64 -0.67 -24.31
CA ASN A 624 13.48 0.42 -23.84
C ASN A 624 12.99 1.79 -24.30
N VAL A 625 12.01 1.84 -25.20
CA VAL A 625 11.45 3.10 -25.68
C VAL A 625 9.94 2.96 -25.60
N ILE A 626 9.33 3.50 -24.55
CA ILE A 626 7.89 3.43 -24.35
C ILE A 626 7.26 4.75 -24.78
N PHE A 627 6.29 4.69 -25.67
CA PHE A 627 5.51 5.86 -26.06
C PHE A 627 4.20 5.83 -25.30
N GLU A 628 3.95 6.85 -24.50
CA GLU A 628 2.70 6.98 -23.77
C GLU A 628 1.87 8.06 -24.44
N MET A 629 0.81 7.66 -25.14
CA MET A 629 -0.04 8.59 -25.87
C MET A 629 -1.27 8.91 -25.02
N LEU A 630 -1.56 10.19 -24.88
CA LEU A 630 -2.67 10.67 -24.07
C LEU A 630 -3.83 11.07 -24.99
N ASP A 631 -5.02 10.55 -24.68
CA ASP A 631 -6.24 10.88 -25.41
C ASP A 631 -7.13 11.69 -24.49
N PRO A 632 -6.97 13.01 -24.44
CA PRO A 632 -7.74 13.80 -23.47
C PRO A 632 -9.21 13.89 -23.80
N ASP A 633 -9.57 14.03 -25.07
CA ASP A 633 -10.95 14.22 -25.47
C ASP A 633 -11.30 13.32 -26.65
N GLY A 634 -10.85 12.07 -26.60
CA GLY A 634 -11.27 11.08 -27.58
C GLY A 634 -10.79 11.31 -29.00
N LEU A 635 -9.77 12.13 -29.21
CA LEU A 635 -9.32 12.41 -30.57
C LEU A 635 -8.59 11.21 -31.19
N LEU A 636 -8.25 10.20 -30.39
CA LEU A 636 -7.46 9.06 -30.84
C LEU A 636 -8.40 7.88 -31.04
N HIS A 637 -8.75 7.61 -32.29
CA HIS A 637 -9.70 6.53 -32.61
C HIS A 637 -9.03 5.19 -32.36
N SER A 638 -9.36 4.58 -31.22
CA SER A 638 -8.80 3.29 -30.83
C SER A 638 -9.93 2.29 -30.61
N LYS A 639 -9.66 1.02 -30.87
CA LYS A 639 -10.65 -0.03 -30.67
C LYS A 639 -10.02 -1.20 -29.93
N GLN A 640 -10.78 -1.77 -29.01
CA GLN A 640 -10.28 -2.91 -28.24
C GLN A 640 -10.20 -4.14 -29.15
N VAL A 641 -9.12 -4.89 -29.01
CA VAL A 641 -8.91 -6.06 -29.84
C VAL A 641 -9.34 -7.36 -29.16
N GLY A 642 -9.42 -7.39 -27.83
CA GLY A 642 -9.84 -8.57 -27.12
C GLY A 642 -8.96 -9.78 -27.35
N GLY A 647 -2.84 -11.56 -21.33
CA GLY A 647 -3.68 -10.42 -21.03
C GLY A 647 -3.89 -9.51 -22.22
N THR A 648 -4.63 -10.01 -23.21
CA THR A 648 -4.86 -9.25 -24.42
C THR A 648 -6.29 -8.74 -24.48
C2 86N A 649 -11.46 -10.54 -10.57
C4 86N A 649 -10.66 -10.45 -12.65
C5 86N A 649 -11.19 -11.74 -12.95
C6 86N A 649 -11.89 -12.41 -11.92
N 86N A 649 -6.84 -8.43 -23.31
CA 86N A 649 -8.16 -7.89 -23.24
C 86N A 649 -7.94 -6.42 -22.97
CB 86N A 649 -9.06 -8.68 -22.28
CG 86N A 649 -10.23 -8.90 -21.35
CD 86N A 649 -10.36 -8.84 -19.86
OE1 86N A 649 -10.55 -7.70 -19.40
OE2 86N A 649 -10.27 -9.91 -19.31
C1' 86N A 649 -9.35 -8.78 -14.02
C2' 86N A 649 -8.08 -8.30 -13.79
C3' 86N A 649 -8.07 -6.95 -14.31
C4' 86N A 649 -9.32 -6.70 -14.84
C5' 86N A 649 -9.94 -5.51 -15.53
C8 86N A 649 -10.16 -11.03 -14.74
N1 86N A 649 -12.02 -11.77 -10.72
N3 86N A 649 -10.78 -9.81 -11.47
N6 86N A 649 -12.47 -13.67 -12.04
N7 86N A 649 -10.86 -12.07 -14.27
N9 86N A 649 -10.00 -10.00 -13.80
O2' 86N A 649 -7.10 -8.98 -13.18
O2P 86N A 649 -8.94 -8.07 -17.35
O3' 86N A 649 -7.03 -6.08 -14.30
O3P 86N A 649 -11.83 -7.89 -16.80
O4' 86N A 649 -10.08 -7.82 -14.66
O5' 86N A 649 -10.01 -5.66 -16.92
P 86N A 649 -10.40 -7.25 -17.60
O 86N A 649 -8.77 -5.57 -23.49
N SER A 650 -6.90 -6.08 -22.23
CA SER A 650 -6.57 -4.69 -21.94
C SER A 650 -5.85 -4.06 -23.12
N GLU A 651 -5.49 -4.88 -24.09
CA GLU A 651 -4.78 -4.38 -25.26
C GLU A 651 -5.76 -3.72 -26.23
N PHE A 652 -5.26 -2.72 -26.95
CA PHE A 652 -6.04 -1.96 -27.91
C PHE A 652 -5.28 -1.88 -29.22
N SER A 653 -5.98 -1.46 -30.27
CA SER A 653 -5.38 -1.15 -31.55
C SER A 653 -5.75 0.27 -31.90
N VAL A 654 -4.75 1.10 -32.18
CA VAL A 654 -4.93 2.52 -32.42
C VAL A 654 -4.54 2.84 -33.85
N TYR A 655 -5.30 3.76 -34.45
CA TYR A 655 -5.02 4.29 -35.77
C TYR A 655 -5.10 5.80 -35.70
N LEU A 656 -4.03 6.48 -36.08
CA LEU A 656 -3.92 7.92 -35.91
C LEU A 656 -4.49 8.63 -37.13
N PRO A 657 -5.60 9.34 -37.00
CA PRO A 657 -6.11 10.12 -38.14
C PRO A 657 -5.12 11.21 -38.53
N GLU A 658 -4.98 11.43 -39.84
CA GLU A 658 -4.00 12.39 -40.34
C GLU A 658 -4.37 13.83 -39.99
N ASP A 659 -5.57 14.08 -39.50
CA ASP A 659 -5.95 15.39 -38.99
C ASP A 659 -5.62 15.56 -37.51
N VAL A 660 -5.11 14.51 -36.86
CA VAL A 660 -4.72 14.54 -35.46
C VAL A 660 -3.23 14.26 -35.37
N ALA A 661 -2.52 15.05 -34.57
CA ALA A 661 -1.09 14.92 -34.43
C ALA A 661 -0.72 14.57 -32.99
N LEU A 662 0.46 13.99 -32.82
CA LEU A 662 0.99 13.65 -31.51
C LEU A 662 2.15 14.58 -31.20
N VAL A 663 2.04 15.33 -30.11
CA VAL A 663 3.07 16.28 -29.73
C VAL A 663 3.66 15.87 -28.39
N PRO A 664 4.99 15.92 -28.22
CA PRO A 664 5.60 15.40 -27.00
C PRO A 664 5.39 16.33 -25.81
N VAL A 665 4.94 15.76 -24.70
CA VAL A 665 4.76 16.52 -23.47
C VAL A 665 6.02 16.51 -22.62
N LYS A 666 6.58 15.32 -22.36
CA LYS A 666 7.78 15.24 -21.55
C LYS A 666 8.47 13.89 -21.78
N VAL A 667 9.76 13.93 -22.09
CA VAL A 667 10.57 12.74 -22.04
C VAL A 667 10.86 12.38 -20.58
N THR A 668 11.22 11.13 -20.34
CA THR A 668 11.41 10.66 -18.98
C THR A 668 12.51 9.61 -18.97
N LEU A 669 12.74 9.03 -17.79
CA LEU A 669 13.68 7.94 -17.61
C LEU A 669 13.17 7.10 -16.46
N ASP A 670 12.84 5.84 -16.73
CA ASP A 670 12.14 5.04 -15.73
C ASP A 670 12.90 3.75 -15.43
N GLY A 671 14.20 3.86 -15.19
CA GLY A 671 14.96 2.70 -14.78
C GLY A 671 15.62 1.96 -15.92
N LYS A 672 15.80 0.66 -15.75
CA LYS A 672 16.50 -0.17 -16.72
C LYS A 672 15.68 -1.43 -16.98
N THR A 673 15.74 -1.91 -18.22
CA THR A 673 15.01 -3.10 -18.59
C THR A 673 15.78 -4.35 -18.16
N GLN A 674 15.11 -5.50 -18.25
CA GLN A 674 15.71 -6.76 -17.78
C GLN A 674 16.99 -7.09 -18.54
N LYS A 675 17.11 -6.65 -19.78
CA LYS A 675 18.36 -6.82 -20.53
C LYS A 675 19.43 -5.83 -20.13
N GLY A 676 19.20 -5.02 -19.10
CA GLY A 676 20.19 -4.07 -18.66
C GLY A 676 20.41 -2.94 -19.63
N GLU A 677 19.40 -2.09 -19.81
CA GLU A 677 19.50 -0.96 -20.72
C GLU A 677 18.48 0.08 -20.28
N ASN A 678 18.77 1.34 -20.61
CA ASN A 678 17.93 2.43 -20.14
C ASN A 678 16.57 2.41 -20.81
N ARG A 679 15.54 2.77 -20.05
CA ARG A 679 14.16 2.73 -20.49
C ARG A 679 13.57 4.14 -20.42
N TYR A 680 13.36 4.75 -21.59
CA TYR A 680 12.85 6.11 -21.69
C TYR A 680 11.36 6.07 -21.97
N VAL A 681 10.58 6.71 -21.12
CA VAL A 681 9.13 6.76 -21.26
C VAL A 681 8.78 8.11 -21.87
N PHE A 682 8.73 8.16 -23.19
CA PHE A 682 8.23 9.35 -23.86
C PHE A 682 6.76 9.55 -23.51
N THR A 683 6.28 10.78 -23.70
CA THR A 683 4.88 11.09 -23.45
C THR A 683 4.40 12.03 -24.54
N PHE A 684 3.32 11.65 -25.21
CA PHE A 684 2.73 12.44 -26.27
C PHE A 684 1.30 12.80 -25.90
N VAL A 685 0.76 13.77 -26.62
CA VAL A 685 -0.64 14.17 -26.48
C VAL A 685 -1.21 14.37 -27.87
N ALA A 686 -2.44 13.90 -28.07
CA ALA A 686 -3.11 13.99 -29.35
C ALA A 686 -3.84 15.32 -29.44
N VAL A 687 -3.62 16.04 -30.53
CA VAL A 687 -4.22 17.35 -30.75
C VAL A 687 -4.83 17.40 -32.14
N LYS A 688 -6.04 17.92 -32.23
CA LYS A 688 -6.70 18.11 -33.52
C LYS A 688 -5.99 19.21 -34.28
N SER A 689 -5.24 18.82 -35.31
CA SER A 689 -4.42 19.74 -36.10
C SER A 689 -4.93 19.74 -37.54
N PRO A 690 -5.94 20.57 -37.84
CA PRO A 690 -6.44 20.63 -39.23
C PRO A 690 -5.41 21.13 -40.22
N ASP A 691 -4.39 21.86 -39.76
CA ASP A 691 -3.38 22.44 -40.62
C ASP A 691 -2.26 21.46 -40.98
N PHE A 692 -2.40 20.19 -40.65
CA PHE A 692 -1.39 19.18 -40.93
C PHE A 692 -1.82 18.26 -42.08
N THR A 693 -2.48 18.83 -43.08
CA THR A 693 -2.92 18.05 -44.24
C THR A 693 -1.77 17.83 -45.21
N LYS B 20 -11.33 -34.18 23.07
CA LYS B 20 -12.69 -33.93 22.60
C LYS B 20 -12.69 -33.01 21.39
N GLN B 21 -12.16 -31.79 21.57
CA GLN B 21 -12.17 -30.79 20.51
C GLN B 21 -10.92 -30.94 19.65
N TYR B 22 -11.10 -31.37 18.41
CA TYR B 22 -10.01 -31.49 17.44
C TYR B 22 -10.63 -31.63 16.07
N TYR B 23 -9.77 -31.56 15.06
CA TYR B 23 -10.22 -31.59 13.67
C TYR B 23 -9.93 -32.95 13.04
N PHE B 24 -10.79 -33.34 12.11
CA PHE B 24 -10.62 -34.60 11.39
C PHE B 24 -9.79 -34.45 10.14
N ALA B 25 -9.24 -33.28 9.88
CA ALA B 25 -8.30 -33.09 8.79
C ALA B 25 -6.95 -32.73 9.36
N ARG B 26 -5.89 -33.18 8.69
CA ARG B 26 -4.54 -32.82 9.12
C ARG B 26 -3.70 -32.45 7.92
N ARG B 27 -2.87 -31.43 8.09
CA ARG B 27 -2.04 -30.93 7.02
C ARG B 27 -0.75 -31.73 6.91
N GLY B 28 -0.12 -31.63 5.75
CA GLY B 28 1.19 -32.21 5.56
C GLY B 28 1.74 -31.72 4.24
N GLU B 29 2.93 -32.22 3.91
CA GLU B 29 3.57 -31.91 2.65
C GLU B 29 3.45 -33.10 1.71
N THR B 30 3.26 -32.82 0.43
CA THR B 30 3.25 -33.85 -0.59
C THR B 30 4.36 -33.55 -1.60
N SER B 31 4.58 -34.49 -2.50
CA SER B 31 5.63 -34.32 -3.50
C SER B 31 5.26 -33.23 -4.49
N THR B 32 4.03 -33.27 -4.99
CA THR B 32 3.55 -32.34 -5.97
C THR B 32 2.04 -32.45 -6.04
N HIS B 33 1.40 -31.43 -6.60
CA HIS B 33 0.00 -31.50 -6.98
C HIS B 33 -0.16 -31.84 -8.46
N ASP B 34 0.93 -31.86 -9.21
CA ASP B 34 0.91 -32.04 -10.65
C ASP B 34 0.73 -33.51 -11.02
N THR B 35 -0.44 -34.04 -10.67
CA THR B 35 -0.80 -35.41 -11.00
C THR B 35 -2.19 -35.41 -11.62
N SER B 36 -2.32 -36.01 -12.81
CA SER B 36 -3.58 -36.15 -13.52
C SER B 36 -4.16 -34.79 -13.90
N LEU B 37 -3.29 -33.87 -14.30
CA LEU B 37 -3.71 -32.56 -14.75
C LEU B 37 -3.87 -32.55 -16.25
N PRO B 38 -4.55 -31.54 -16.78
CA PRO B 38 -4.51 -31.30 -18.22
C PRO B 38 -3.08 -31.14 -18.68
N PRO B 39 -2.67 -31.86 -19.71
CA PRO B 39 -1.29 -31.79 -20.18
C PRO B 39 -0.91 -30.36 -20.54
N PRO B 40 0.27 -29.91 -20.14
CA PRO B 40 0.63 -28.50 -20.33
C PRO B 40 0.95 -28.18 -21.77
N VAL B 41 -0.08 -27.94 -22.56
CA VAL B 41 0.06 -27.59 -23.98
C VAL B 41 -0.91 -26.47 -24.29
N LYS B 42 -0.50 -25.56 -25.17
CA LYS B 42 -1.37 -24.53 -25.71
C LYS B 42 -1.60 -24.81 -27.18
N VAL B 43 -2.86 -24.99 -27.57
CA VAL B 43 -3.22 -25.28 -28.95
C VAL B 43 -3.59 -23.97 -29.63
N LEU B 44 -2.79 -23.58 -30.63
CA LEU B 44 -3.01 -22.34 -31.37
C LEU B 44 -2.75 -22.60 -32.84
N SER B 45 -3.79 -22.45 -33.67
CA SER B 45 -3.67 -22.58 -35.12
C SER B 45 -3.11 -23.94 -35.51
N GLY B 46 -3.50 -24.98 -34.77
CA GLY B 46 -3.01 -26.32 -35.02
C GLY B 46 -1.63 -26.61 -34.50
N ARG B 47 -0.99 -25.66 -33.83
CA ARG B 47 0.31 -25.89 -33.20
C ARG B 47 0.09 -26.20 -31.72
N SER B 48 0.81 -27.21 -31.24
CA SER B 48 0.73 -27.64 -29.86
C SER B 48 2.00 -27.15 -29.16
N ILE B 49 1.96 -25.92 -28.65
CA ILE B 49 3.09 -25.30 -27.98
C ILE B 49 3.24 -25.91 -26.59
N PRO B 50 4.34 -26.58 -26.29
CA PRO B 50 4.54 -27.08 -24.93
C PRO B 50 4.86 -25.94 -23.97
N LEU B 51 4.43 -26.10 -22.73
CA LEU B 51 4.63 -25.10 -21.69
C LEU B 51 5.59 -25.63 -20.66
N LYS B 52 6.65 -24.86 -20.38
CA LYS B 52 7.72 -25.28 -19.50
C LYS B 52 7.79 -24.39 -18.27
N GLU B 53 8.17 -25.00 -17.15
CA GLU B 53 8.35 -24.28 -15.90
C GLU B 53 9.75 -23.70 -15.81
N ILE B 54 9.86 -22.49 -15.25
CA ILE B 54 11.13 -21.89 -14.90
C ILE B 54 11.35 -22.13 -13.42
N PRO B 55 12.35 -22.92 -13.02
CA PRO B 55 12.50 -23.28 -11.61
C PRO B 55 12.83 -22.05 -10.77
N PHE B 56 12.10 -21.88 -9.68
CA PHE B 56 12.24 -20.67 -8.89
C PHE B 56 13.50 -20.70 -8.04
N GLU B 57 13.63 -21.69 -7.17
CA GLU B 57 14.72 -21.71 -6.22
C GLU B 57 16.04 -22.11 -6.85
N THR B 58 16.08 -22.29 -8.17
CA THR B 58 17.33 -22.44 -8.89
C THR B 58 17.76 -21.17 -9.60
N THR B 59 16.83 -20.47 -10.25
CA THR B 59 17.12 -19.16 -10.81
C THR B 59 17.42 -18.13 -9.73
N ARG B 60 16.75 -18.22 -8.59
CA ARG B 60 17.08 -17.33 -7.48
C ARG B 60 18.52 -17.52 -7.05
N ASN B 61 18.96 -18.78 -6.93
CA ASN B 61 20.33 -19.03 -6.51
C ASN B 61 21.32 -18.60 -7.58
N GLU B 62 21.00 -18.83 -8.86
CA GLU B 62 21.87 -18.37 -9.93
C GLU B 62 22.06 -16.86 -9.86
N LEU B 63 20.97 -16.13 -9.60
CA LEU B 63 21.08 -14.68 -9.51
C LEU B 63 21.84 -14.24 -8.26
N VAL B 64 21.70 -14.96 -7.15
CA VAL B 64 22.48 -14.61 -5.96
C VAL B 64 23.97 -14.84 -6.22
N GLN B 65 24.32 -15.88 -6.96
CA GLN B 65 25.73 -16.10 -7.28
C GLN B 65 26.25 -15.05 -8.25
N ILE B 66 25.41 -14.64 -9.22
CA ILE B 66 25.80 -13.53 -10.09
C ILE B 66 25.99 -12.27 -9.28
N TYR B 67 25.19 -12.10 -8.22
CA TYR B 67 25.36 -10.95 -7.34
C TYR B 67 26.68 -11.00 -6.61
N LEU B 68 27.07 -12.18 -6.12
CA LEU B 68 28.35 -12.28 -5.42
C LEU B 68 29.51 -11.99 -6.37
N THR B 69 29.43 -12.48 -7.60
CA THR B 69 30.44 -12.13 -8.58
C THR B 69 30.47 -10.62 -8.85
N SER B 70 29.30 -10.00 -8.89
CA SER B 70 29.24 -8.56 -9.13
C SER B 70 29.83 -7.78 -7.97
N VAL B 71 29.61 -8.23 -6.74
CA VAL B 71 30.23 -7.59 -5.59
C VAL B 71 31.74 -7.71 -5.66
N ASP B 72 32.23 -8.87 -6.07
CA ASP B 72 33.67 -9.04 -6.25
C ASP B 72 34.22 -8.05 -7.28
N GLN B 73 33.50 -7.88 -8.39
CA GLN B 73 33.93 -6.93 -9.41
C GLN B 73 33.89 -5.51 -8.90
N LEU B 74 32.87 -5.18 -8.09
CA LEU B 74 32.76 -3.84 -7.52
C LEU B 74 33.92 -3.54 -6.58
N ILE B 75 34.32 -4.52 -5.78
CA ILE B 75 35.44 -4.31 -4.86
C ILE B 75 36.74 -4.17 -5.64
N LYS B 76 36.99 -5.07 -6.59
CA LYS B 76 38.24 -5.00 -7.33
C LYS B 76 38.26 -3.90 -8.38
N SER B 77 37.15 -3.18 -8.56
CA SER B 77 37.11 -2.07 -9.50
C SER B 77 37.33 -0.72 -8.85
N ASN B 78 37.33 -0.65 -7.52
CA ASN B 78 37.58 0.56 -6.74
C ASN B 78 36.60 1.68 -7.03
N LYS B 79 35.47 1.40 -7.69
CA LYS B 79 34.40 2.37 -7.85
C LYS B 79 33.49 2.43 -6.64
N LEU B 80 33.96 1.90 -5.51
CA LEU B 80 33.11 1.77 -4.33
C LEU B 80 32.63 3.12 -3.81
N ASN B 81 33.39 4.19 -4.02
CA ASN B 81 32.97 5.50 -3.58
C ASN B 81 31.82 6.06 -4.41
N SER B 82 31.63 5.55 -5.63
CA SER B 82 30.60 6.04 -6.53
C SER B 82 29.26 5.36 -6.32
N ILE B 83 29.04 4.79 -5.13
CA ILE B 83 27.77 4.14 -4.80
C ILE B 83 27.17 4.89 -3.62
N PRO B 84 25.87 5.20 -3.63
CA PRO B 84 25.27 5.87 -2.48
C PRO B 84 25.47 5.08 -1.20
N SER B 85 25.94 5.77 -0.16
CA SER B 85 26.38 5.09 1.06
C SER B 85 25.28 4.33 1.78
N GLN B 86 24.01 4.53 1.41
CA GLN B 86 22.98 3.64 1.92
C GLN B 86 22.88 2.35 1.12
N GLN B 87 23.26 2.38 -0.16
CA GLN B 87 23.33 1.15 -0.92
C GLN B 87 24.54 0.32 -0.56
N ILE B 88 25.64 0.94 -0.16
CA ILE B 88 26.78 0.16 0.33
C ILE B 88 26.44 -0.45 1.69
N ALA B 89 25.71 0.28 2.52
CA ALA B 89 25.25 -0.29 3.77
C ALA B 89 24.30 -1.46 3.51
N SER B 90 23.46 -1.33 2.49
CA SER B 90 22.57 -2.42 2.12
C SER B 90 23.34 -3.63 1.65
N HIS B 91 24.33 -3.43 0.76
CA HIS B 91 25.17 -4.52 0.29
C HIS B 91 25.87 -5.20 1.46
N TYR B 92 26.42 -4.42 2.38
CA TYR B 92 27.16 -5.01 3.50
C TYR B 92 26.24 -5.81 4.40
N LEU B 93 25.06 -5.26 4.74
CA LEU B 93 24.16 -5.98 5.62
C LEU B 93 23.58 -7.20 4.95
N PHE B 94 23.35 -7.15 3.64
CA PHE B 94 22.91 -8.35 2.94
C PHE B 94 24.00 -9.41 2.93
N LEU B 95 25.25 -9.02 2.71
CA LEU B 95 26.32 -9.99 2.69
C LEU B 95 26.50 -10.64 4.06
N ARG B 96 26.34 -9.86 5.13
CA ARG B 96 26.44 -10.43 6.47
C ARG B 96 25.28 -11.39 6.74
N SER B 97 24.06 -11.02 6.36
CA SER B 97 22.93 -11.92 6.55
C SER B 97 23.07 -13.19 5.73
N LEU B 98 23.50 -13.04 4.49
CA LEU B 98 23.65 -14.19 3.60
C LEU B 98 24.75 -15.13 4.09
N ALA B 99 25.84 -14.58 4.61
CA ALA B 99 26.88 -15.43 5.18
C ALA B 99 26.44 -16.06 6.50
N ASN B 100 25.48 -15.46 7.19
CA ASN B 100 24.93 -16.12 8.37
C ASN B 100 23.90 -17.18 8.01
N SER B 101 23.33 -17.14 6.82
CA SER B 101 22.39 -18.18 6.40
C SER B 101 23.09 -19.40 5.81
N GLU B 102 24.29 -19.24 5.28
CA GLU B 102 25.02 -20.37 4.72
C GLU B 102 25.50 -21.31 5.82
N THR B 103 25.53 -22.60 5.49
CA THR B 103 26.04 -23.61 6.41
C THR B 103 27.41 -24.14 6.02
N ASP B 104 27.80 -24.01 4.76
CA ASP B 104 29.11 -24.43 4.31
C ASP B 104 30.16 -23.40 4.71
N GLY B 105 31.31 -23.88 5.16
CA GLY B 105 32.34 -22.97 5.62
C GLY B 105 32.99 -22.20 4.49
N ILE B 106 33.15 -22.83 3.33
CA ILE B 106 33.86 -22.19 2.23
C ILE B 106 33.03 -21.04 1.66
N LYS B 107 31.76 -21.28 1.39
CA LYS B 107 30.91 -20.22 0.87
C LYS B 107 30.73 -19.11 1.89
N LYS B 108 30.52 -19.47 3.15
CA LYS B 108 30.40 -18.46 4.20
C LYS B 108 31.64 -17.58 4.27
N ASN B 109 32.82 -18.18 4.17
CA ASN B 109 34.04 -17.39 4.28
C ASN B 109 34.29 -16.57 3.02
N GLN B 110 33.86 -17.04 1.86
CA GLN B 110 33.94 -16.20 0.66
C GLN B 110 33.03 -14.98 0.80
N ILE B 111 31.82 -15.19 1.30
CA ILE B 111 30.89 -14.08 1.46
C ILE B 111 31.41 -13.09 2.50
N LEU B 112 32.03 -13.58 3.57
CA LEU B 112 32.59 -12.65 4.55
C LEU B 112 33.82 -11.92 4.02
N SER B 113 34.62 -12.60 3.19
CA SER B 113 35.73 -11.90 2.55
C SER B 113 35.23 -10.84 1.58
N LEU B 114 34.04 -11.02 1.03
CA LEU B 114 33.44 -9.97 0.21
C LEU B 114 32.92 -8.83 1.08
N ALA B 115 32.30 -9.15 2.20
CA ALA B 115 31.74 -8.12 3.07
C ALA B 115 32.78 -7.35 3.85
N LYS B 116 34.03 -7.82 3.91
CA LYS B 116 35.03 -7.13 4.72
C LYS B 116 35.45 -5.80 4.11
N PRO B 117 35.83 -5.70 2.83
CA PRO B 117 36.22 -4.38 2.28
C PRO B 117 35.12 -3.35 2.36
N LEU B 118 33.86 -3.75 2.18
CA LEU B 118 32.75 -2.81 2.33
C LEU B 118 32.67 -2.30 3.76
N GLY B 119 32.88 -3.18 4.74
CA GLY B 119 32.89 -2.73 6.12
C GLY B 119 34.01 -1.76 6.40
N ILE B 120 35.18 -2.00 5.83
CA ILE B 120 36.30 -1.07 5.99
C ILE B 120 35.95 0.29 5.40
N TYR B 121 35.44 0.30 4.16
CA TYR B 121 35.11 1.56 3.52
C TYR B 121 34.03 2.31 4.30
N LEU B 122 33.07 1.59 4.86
CA LEU B 122 32.01 2.28 5.60
C LEU B 122 32.51 2.80 6.93
N ALA B 123 33.40 2.05 7.59
CA ALA B 123 33.97 2.56 8.83
C ALA B 123 34.82 3.79 8.59
N SER B 124 35.43 3.89 7.40
CA SER B 124 36.24 5.07 7.09
C SER B 124 35.36 6.26 6.69
N LYS B 125 34.56 6.09 5.63
CA LYS B 125 33.88 7.23 5.02
C LYS B 125 32.68 7.70 5.81
N GLU B 126 31.80 6.78 6.20
CA GLU B 126 30.50 7.12 6.80
C GLU B 126 30.42 6.54 8.21
N PRO B 127 31.07 7.16 9.19
CA PRO B 127 31.10 6.57 10.53
C PRO B 127 29.76 6.52 11.23
N HIS B 128 28.81 7.37 10.87
CA HIS B 128 27.49 7.28 11.48
C HIS B 128 26.69 6.11 10.91
N VAL B 129 26.73 5.93 9.58
CA VAL B 129 26.11 4.76 8.99
C VAL B 129 26.76 3.49 9.54
N TRP B 130 28.06 3.53 9.80
CA TRP B 130 28.73 2.39 10.38
C TRP B 130 28.27 2.14 11.82
N LYS B 131 28.05 3.22 12.57
CA LYS B 131 27.55 3.05 13.94
C LYS B 131 26.12 2.52 13.96
N THR B 132 25.34 2.80 12.91
CA THR B 132 24.01 2.22 12.81
C THR B 132 24.06 0.74 12.42
N ILE B 133 24.88 0.43 11.43
CA ILE B 133 25.08 -0.97 11.02
C ILE B 133 25.52 -1.82 12.21
N ASN B 134 26.54 -1.36 12.93
CA ASN B 134 27.08 -2.18 14.02
C ASN B 134 26.08 -2.39 15.13
N GLU B 135 25.05 -1.56 15.23
CA GLU B 135 23.99 -1.79 16.20
C GLU B 135 22.88 -2.68 15.65
N LEU B 136 22.68 -2.66 14.33
CA LEU B 136 21.79 -3.67 13.74
C LEU B 136 22.40 -5.07 13.84
N ILE B 137 23.72 -5.17 13.74
CA ILE B 137 24.37 -6.47 13.67
C ILE B 137 24.41 -7.13 15.04
N GLU B 138 24.66 -6.38 16.10
CA GLU B 138 24.63 -6.97 17.43
C GLU B 138 23.22 -7.22 17.94
N LYS B 139 22.23 -7.12 17.06
CA LYS B 139 20.84 -7.35 17.41
C LYS B 139 20.24 -8.54 16.70
N SER B 140 20.74 -8.91 15.52
CA SER B 140 20.12 -9.93 14.70
C SER B 140 21.17 -10.65 13.91
N GLU B 141 20.82 -11.85 13.43
CA GLU B 141 21.68 -12.62 12.55
C GLU B 141 21.44 -12.29 11.09
N TYR B 142 20.24 -11.86 10.75
CA TYR B 142 19.92 -11.34 9.45
C TYR B 142 19.65 -9.86 9.60
N PRO B 143 20.69 -9.03 9.72
CA PRO B 143 20.46 -7.61 9.96
C PRO B 143 19.88 -6.85 8.78
N ILE B 144 19.71 -7.50 7.63
CA ILE B 144 19.16 -6.81 6.48
C ILE B 144 17.63 -6.73 6.56
N ILE B 145 17.00 -7.59 7.34
CA ILE B 145 15.54 -7.53 7.41
C ILE B 145 15.09 -6.34 8.25
N HIS B 146 15.89 -5.95 9.26
CA HIS B 146 15.55 -4.77 10.06
C HIS B 146 15.99 -3.48 9.40
N TYR B 147 16.93 -3.55 8.47
CA TYR B 147 17.32 -2.38 7.72
C TYR B 147 16.31 -2.04 6.62
N LEU B 148 15.51 -2.99 6.18
CA LEU B 148 14.61 -2.81 5.05
C LEU B 148 13.14 -2.76 5.45
N LYS B 149 12.85 -2.55 6.73
CA LYS B 149 11.46 -2.39 7.17
C LYS B 149 10.98 -0.96 6.95
N ASN B 150 11.17 -0.44 5.75
CA ASN B 150 10.84 0.94 5.43
C ASN B 150 10.93 1.09 3.91
N ASN B 151 10.89 2.32 3.43
CA ASN B 151 10.92 2.54 2.00
C ASN B 151 12.27 2.29 1.38
N ARG B 152 13.24 1.74 2.11
CA ARG B 152 14.47 1.30 1.47
C ARG B 152 14.29 -0.02 0.74
N ALA B 153 13.22 -0.76 1.04
CA ALA B 153 12.93 -2.00 0.35
C ALA B 153 12.61 -1.77 -1.11
N HIS B 154 12.13 -0.59 -1.47
CA HIS B 154 11.77 -0.31 -2.85
C HIS B 154 12.96 -0.06 -3.74
N SER B 155 14.16 -0.13 -3.20
CA SER B 155 15.39 0.03 -3.97
C SER B 155 16.01 -1.34 -4.18
N ASN B 156 16.08 -1.78 -5.43
CA ASN B 156 16.65 -3.08 -5.78
C ASN B 156 18.15 -2.91 -5.95
N PHE B 157 18.86 -2.93 -4.83
CA PHE B 157 20.31 -2.74 -4.87
C PHE B 157 21.01 -3.95 -5.49
N MET B 158 20.53 -5.15 -5.19
CA MET B 158 21.11 -6.35 -5.78
C MET B 158 21.01 -6.33 -7.29
N LEU B 159 19.83 -6.04 -7.82
CA LEU B 159 19.66 -6.04 -9.27
C LEU B 159 20.41 -4.89 -9.92
N ALA B 160 20.50 -3.74 -9.24
CA ALA B 160 21.30 -2.65 -9.77
C ALA B 160 22.77 -3.05 -9.90
N LEU B 161 23.31 -3.70 -8.87
CA LEU B 161 24.70 -4.13 -8.94
C LEU B 161 24.90 -5.20 -9.99
N ILE B 162 23.91 -6.09 -10.16
CA ILE B 162 24.00 -7.11 -11.19
C ILE B 162 24.01 -6.47 -12.57
N HIS B 163 23.19 -5.43 -12.77
CA HIS B 163 23.14 -4.77 -14.07
C HIS B 163 24.39 -3.96 -14.34
N GLU B 164 25.03 -3.43 -13.30
CA GLU B 164 26.15 -2.52 -13.51
C GLU B 164 27.44 -3.27 -13.85
N TYR B 165 27.74 -4.36 -13.14
CA TYR B 165 29.05 -5.00 -13.28
C TYR B 165 29.02 -6.35 -13.96
N HIS B 166 27.93 -7.10 -13.86
CA HIS B 166 27.83 -8.37 -14.59
C HIS B 166 27.33 -8.06 -15.99
N LYS B 167 28.27 -7.64 -16.85
CA LYS B 167 27.94 -7.28 -18.21
C LYS B 167 27.65 -8.48 -19.09
N GLU B 168 28.13 -9.66 -18.70
CA GLU B 168 27.81 -10.88 -19.43
C GLU B 168 26.30 -11.11 -19.39
N PRO B 169 25.67 -11.42 -20.51
CA PRO B 169 24.19 -11.41 -20.54
C PRO B 169 23.59 -12.47 -19.65
N LEU B 170 22.48 -12.11 -19.00
CA LEU B 170 21.69 -13.09 -18.27
C LEU B 170 21.01 -14.05 -19.23
N THR B 171 20.76 -15.26 -18.74
CA THR B 171 20.01 -16.23 -19.53
C THR B 171 18.54 -15.82 -19.58
N LYS B 172 17.72 -16.64 -20.24
CA LYS B 172 16.30 -16.31 -20.36
C LYS B 172 15.54 -16.54 -19.06
N ASN B 173 15.90 -17.59 -18.32
CA ASN B 173 15.26 -17.83 -17.04
C ASN B 173 15.59 -16.73 -16.04
N GLN B 174 16.83 -16.27 -16.03
CA GLN B 174 17.20 -15.18 -15.15
C GLN B 174 16.54 -13.88 -15.57
N SER B 175 16.37 -13.66 -16.87
CA SER B 175 15.66 -12.48 -17.33
C SER B 175 14.21 -12.52 -16.90
N ALA B 176 13.57 -13.68 -16.96
CA ALA B 176 12.19 -13.78 -16.53
C ALA B 176 12.07 -13.57 -15.02
N PHE B 177 13.00 -14.11 -14.24
CA PHE B 177 13.00 -13.86 -12.81
C PHE B 177 13.16 -12.38 -12.51
N VAL B 178 14.05 -11.71 -13.24
CA VAL B 178 14.24 -10.28 -13.06
C VAL B 178 12.97 -9.53 -13.40
N GLN B 179 12.30 -9.90 -14.48
CA GLN B 179 11.08 -9.21 -14.90
C GLN B 179 9.99 -9.33 -13.85
N LYS B 180 9.74 -10.55 -13.37
CA LYS B 180 8.62 -10.71 -12.45
C LYS B 180 8.89 -10.08 -11.09
N PHE B 181 10.15 -10.06 -10.67
CA PHE B 181 10.50 -9.61 -9.34
C PHE B 181 11.44 -8.41 -9.39
N ARG B 182 11.11 -7.45 -10.26
CA ARG B 182 11.93 -6.28 -10.50
C ARG B 182 11.82 -5.23 -9.40
N ASP B 183 10.81 -5.32 -8.55
CA ASP B 183 10.46 -4.19 -7.69
C ASP B 183 11.41 -4.06 -6.51
N SER B 184 11.50 -5.10 -5.70
CA SER B 184 12.31 -5.08 -4.50
C SER B 184 13.47 -6.04 -4.65
N SER B 185 14.44 -5.90 -3.75
CA SER B 185 15.57 -6.81 -3.71
C SER B 185 15.38 -7.94 -2.73
N VAL B 186 14.30 -7.92 -1.95
CA VAL B 186 14.01 -9.00 -1.02
C VAL B 186 13.54 -10.24 -1.75
N PHE B 187 13.10 -10.10 -3.00
CA PHE B 187 12.68 -11.22 -3.83
C PHE B 187 13.83 -12.11 -4.24
N LEU B 188 15.05 -11.81 -3.77
CA LEU B 188 16.22 -12.63 -4.03
C LEU B 188 16.81 -13.21 -2.77
N PHE B 189 16.24 -12.93 -1.61
CA PHE B 189 16.74 -13.51 -0.38
C PHE B 189 16.45 -15.00 -0.36
N PRO B 190 17.29 -15.80 0.31
CA PRO B 190 16.94 -17.19 0.55
C PRO B 190 15.69 -17.31 1.41
N ASN B 191 15.19 -18.54 1.52
CA ASN B 191 13.88 -18.75 2.13
C ASN B 191 13.77 -18.23 3.56
N PRO B 192 14.69 -18.53 4.48
CA PRO B 192 14.47 -18.07 5.86
C PRO B 192 14.58 -16.56 6.00
N ILE B 193 15.51 -15.92 5.28
CA ILE B 193 15.64 -14.48 5.37
C ILE B 193 14.42 -13.79 4.78
N TYR B 194 13.92 -14.28 3.64
CA TYR B 194 12.74 -13.67 3.06
C TYR B 194 11.51 -13.88 3.92
N THR B 195 11.34 -15.07 4.49
CA THR B 195 10.20 -15.29 5.35
C THR B 195 10.25 -14.39 6.58
N ALA B 196 11.45 -14.22 7.15
CA ALA B 196 11.58 -13.37 8.33
C ALA B 196 11.33 -11.90 7.98
N TRP B 197 11.85 -11.44 6.85
CA TRP B 197 11.59 -10.07 6.43
C TRP B 197 10.11 -9.84 6.19
N LEU B 198 9.45 -10.79 5.53
CA LEU B 198 8.03 -10.63 5.26
C LEU B 198 7.22 -10.60 6.54
N ALA B 199 7.56 -11.44 7.52
CA ALA B 199 6.81 -11.42 8.76
C ALA B 199 7.08 -10.17 9.57
N HIS B 200 8.29 -9.61 9.48
CA HIS B 200 8.59 -8.40 10.23
C HIS B 200 8.16 -7.13 9.52
N SER B 201 7.82 -7.20 8.23
CA SER B 201 7.23 -6.06 7.56
C SER B 201 5.96 -5.61 8.25
N TYR B 202 5.26 -6.51 8.92
CA TYR B 202 4.00 -6.20 9.58
C TYR B 202 4.20 -5.75 11.02
N ASP B 203 5.44 -5.53 11.44
CA ASP B 203 5.72 -5.18 12.82
C ASP B 203 5.31 -3.73 13.10
N GLU B 204 5.12 -3.43 14.39
CA GLU B 204 4.73 -2.08 14.79
C GLU B 204 5.76 -1.05 14.36
N ASP B 205 7.04 -1.39 14.46
CA ASP B 205 8.12 -0.47 14.13
C ASP B 205 8.51 -0.51 12.67
N SER B 206 7.60 -0.90 11.80
CA SER B 206 7.83 -0.98 10.37
C SER B 206 7.01 0.06 9.65
N SER B 207 7.60 0.65 8.62
CA SER B 207 6.91 1.60 7.77
C SER B 207 6.87 1.12 6.33
N PHE B 208 6.96 -0.20 6.14
CA PHE B 208 6.96 -0.75 4.80
C PHE B 208 5.56 -0.74 4.22
N ASN B 209 5.47 -0.36 2.96
CA ASN B 209 4.22 -0.38 2.22
C ASN B 209 4.53 -0.77 0.79
N PRO B 210 4.01 -1.89 0.31
CA PRO B 210 4.40 -2.37 -1.01
C PRO B 210 3.86 -1.50 -2.13
N MET B 211 4.11 -0.19 -2.05
CA MET B 211 3.71 0.78 -3.04
C MET B 211 4.89 1.66 -3.35
N PHE B 212 5.32 1.69 -4.59
CA PHE B 212 6.41 2.53 -5.03
C PHE B 212 5.82 3.63 -5.91
N ARG B 213 5.46 4.75 -5.29
CA ARG B 213 4.90 5.88 -6.02
C ARG B 213 6.03 6.60 -6.73
N GLU B 214 6.17 6.35 -8.02
CA GLU B 214 7.13 7.06 -8.85
C GLU B 214 6.41 8.14 -9.66
N ARG B 215 7.17 8.85 -10.48
CA ARG B 215 6.66 10.05 -11.13
C ARG B 215 5.58 9.75 -12.17
N LEU B 216 5.45 8.50 -12.61
CA LEU B 216 4.54 8.23 -13.72
C LEU B 216 3.49 7.16 -13.43
N SER B 217 3.84 6.13 -12.66
CA SER B 217 3.03 4.92 -12.65
C SER B 217 2.44 4.55 -11.29
N THR B 218 3.16 4.74 -10.19
CA THR B 218 2.72 4.29 -8.87
C THR B 218 2.47 2.78 -8.86
N ASN B 219 3.56 2.05 -9.03
CA ASN B 219 3.54 0.59 -8.99
C ASN B 219 3.06 0.07 -7.64
N PHE B 220 2.07 -0.82 -7.67
CA PHE B 220 1.64 -1.57 -6.50
C PHE B 220 2.13 -3.01 -6.65
N TYR B 221 2.76 -3.55 -5.62
CA TYR B 221 3.21 -4.93 -5.69
C TYR B 221 2.93 -5.67 -4.39
N HIS B 222 1.76 -5.44 -3.80
CA HIS B 222 1.38 -6.22 -2.64
C HIS B 222 1.11 -7.67 -2.98
N SER B 223 0.80 -7.97 -4.24
CA SER B 223 0.55 -9.34 -4.65
C SER B 223 1.84 -10.08 -4.95
N THR B 224 2.86 -9.38 -5.43
CA THR B 224 4.16 -10.02 -5.67
C THR B 224 4.75 -10.55 -4.39
N LEU B 225 4.41 -9.98 -3.25
CA LEU B 225 4.89 -10.52 -1.98
C LEU B 225 4.37 -11.94 -1.77
N THR B 226 3.07 -12.14 -1.93
CA THR B 226 2.50 -13.47 -1.80
C THR B 226 2.92 -14.38 -2.95
N ASP B 227 3.18 -13.81 -4.12
CA ASP B 227 3.63 -14.61 -5.26
C ASP B 227 5.03 -15.16 -5.03
N ASN B 228 5.92 -14.34 -4.47
CA ASN B 228 7.26 -14.81 -4.15
C ASN B 228 7.26 -15.70 -2.91
N LEU B 229 6.30 -15.50 -2.01
CA LEU B 229 6.21 -16.37 -0.84
C LEU B 229 5.74 -17.76 -1.23
N LEU B 230 4.77 -17.86 -2.15
CA LEU B 230 4.16 -19.14 -2.48
C LEU B 230 5.05 -20.00 -3.35
N LEU B 231 5.86 -19.39 -4.22
CA LEU B 231 6.80 -20.15 -5.02
C LEU B 231 7.91 -20.78 -4.21
N ARG B 232 8.03 -20.42 -2.93
CA ARG B 232 9.00 -21.01 -2.02
C ARG B 232 8.41 -22.10 -1.15
N THR B 233 7.08 -22.27 -1.18
CA THR B 233 6.46 -23.26 -0.33
C THR B 233 6.56 -24.64 -0.98
N GLU B 234 6.28 -25.66 -0.17
CA GLU B 234 6.15 -27.04 -0.56
C GLU B 234 4.68 -27.40 -0.70
N PRO B 235 4.31 -28.21 -1.68
CA PRO B 235 2.90 -28.49 -1.94
C PRO B 235 2.21 -29.05 -0.71
N LYS B 236 1.11 -28.41 -0.33
CA LYS B 236 0.31 -28.87 0.80
C LYS B 236 -0.45 -30.13 0.43
N GLU B 237 -0.87 -30.85 1.45
CA GLU B 237 -1.83 -31.94 1.25
C GLU B 237 -2.60 -32.13 2.55
N VAL B 238 -3.91 -32.19 2.46
CA VAL B 238 -4.77 -32.38 3.62
C VAL B 238 -5.28 -33.81 3.60
N THR B 239 -5.11 -34.50 4.71
CA THR B 239 -5.59 -35.88 4.87
C THR B 239 -6.77 -35.85 5.83
N LEU B 240 -7.93 -36.25 5.32
CA LEU B 240 -9.11 -36.35 6.16
C LEU B 240 -9.12 -37.66 6.93
N SER B 241 -9.62 -37.60 8.15
CA SER B 241 -9.65 -38.79 8.98
C SER B 241 -10.63 -39.82 8.38
N SER B 242 -10.70 -40.98 9.03
CA SER B 242 -11.58 -42.03 8.54
C SER B 242 -13.04 -41.75 8.89
N GLU B 243 -13.29 -41.06 9.99
CA GLU B 243 -14.64 -40.71 10.41
C GLU B 243 -15.06 -39.32 9.94
N HIS B 244 -14.34 -38.75 8.99
CA HIS B 244 -14.73 -37.49 8.40
C HIS B 244 -16.01 -37.66 7.60
N HIS B 245 -16.66 -36.54 7.30
CA HIS B 245 -17.93 -36.59 6.59
C HIS B 245 -17.74 -37.09 5.16
N TYR B 246 -16.66 -36.71 4.51
CA TYR B 246 -16.42 -37.06 3.13
C TYR B 246 -15.63 -38.35 2.98
N LYS B 247 -15.35 -39.05 4.08
CA LYS B 247 -14.75 -40.38 4.03
C LYS B 247 -15.68 -41.43 4.60
N LYS B 248 -16.17 -41.23 5.82
CA LYS B 248 -17.10 -42.17 6.43
C LYS B 248 -18.42 -42.16 5.67
N GLU B 249 -18.98 -43.35 5.48
CA GLU B 249 -20.25 -43.50 4.80
C GLU B 249 -21.32 -43.92 5.79
N LYS B 250 -22.51 -43.33 5.65
CA LYS B 250 -23.65 -43.66 6.48
C LYS B 250 -24.76 -44.24 5.62
N GLY B 251 -25.67 -44.97 6.26
CA GLY B 251 -26.78 -45.58 5.57
C GLY B 251 -27.72 -44.56 4.96
N PRO B 252 -28.58 -45.01 4.06
CA PRO B 252 -29.52 -44.09 3.40
C PRO B 252 -30.54 -43.48 4.35
N ILE B 253 -31.38 -42.60 3.84
CA ILE B 253 -32.38 -41.89 4.64
C ILE B 253 -33.72 -42.60 4.48
N ASP B 254 -34.32 -42.96 5.61
CA ASP B 254 -35.60 -43.66 5.62
C ASP B 254 -36.73 -42.67 5.83
N SER B 255 -37.76 -42.75 4.98
CA SER B 255 -38.91 -41.85 5.07
C SER B 255 -39.86 -42.30 6.18
N SER B 256 -39.33 -42.36 7.40
CA SER B 256 -40.11 -42.71 8.58
C SER B 256 -40.75 -41.48 9.23
N PHE B 257 -40.93 -40.41 8.47
CA PHE B 257 -41.47 -39.16 9.01
C PHE B 257 -41.97 -38.33 7.85
N ARG B 258 -43.24 -37.95 7.92
CA ARG B 258 -43.84 -37.04 6.94
C ARG B 258 -44.40 -35.83 7.67
N TYR B 259 -44.25 -34.66 7.06
CA TYR B 259 -44.71 -33.42 7.67
C TYR B 259 -46.04 -33.01 7.07
N GLN B 260 -47.00 -32.70 7.93
CA GLN B 260 -48.35 -32.32 7.52
C GLN B 260 -48.34 -30.86 7.11
N MET B 261 -48.01 -30.63 5.84
CA MET B 261 -48.03 -29.29 5.30
C MET B 261 -49.46 -28.76 5.32
N SER B 262 -49.65 -27.61 5.96
CA SER B 262 -50.97 -27.00 6.09
C SER B 262 -50.86 -25.52 5.86
N SER B 263 -51.54 -25.01 4.82
CA SER B 263 -51.51 -23.59 4.51
C SER B 263 -52.06 -22.73 5.64
N ASP B 264 -52.63 -23.33 6.67
CA ASP B 264 -53.06 -22.61 7.86
C ASP B 264 -51.89 -22.10 8.70
N ARG B 265 -50.66 -22.53 8.38
CA ARG B 265 -49.49 -22.11 9.12
C ARG B 265 -48.35 -21.62 8.26
N LEU B 266 -48.50 -21.61 6.94
CA LEU B 266 -47.43 -21.15 6.07
C LEU B 266 -47.10 -19.69 6.34
N LEU B 267 -45.83 -19.41 6.62
CA LEU B 267 -45.38 -18.05 6.88
C LEU B 267 -45.04 -17.32 5.58
N ARG B 268 -44.12 -17.87 4.80
CA ARG B 268 -43.79 -17.26 3.52
C ARG B 268 -43.09 -18.29 2.64
N ILE B 269 -42.69 -17.82 1.47
CA ILE B 269 -42.02 -18.64 0.46
C ILE B 269 -40.74 -17.93 0.09
N GLN B 270 -39.62 -18.46 0.55
CA GLN B 270 -38.31 -17.84 0.38
C GLN B 270 -37.54 -18.64 -0.65
N GLY B 271 -37.40 -18.10 -1.84
CA GLY B 271 -36.76 -18.84 -2.91
C GLY B 271 -37.60 -20.04 -3.31
N ARG B 272 -37.13 -21.23 -2.93
CA ARG B 272 -37.89 -22.45 -3.13
C ARG B 272 -38.18 -23.16 -1.82
N THR B 273 -38.20 -22.42 -0.72
CA THR B 273 -38.41 -22.97 0.61
C THR B 273 -39.74 -22.47 1.14
N LEU B 274 -40.58 -23.38 1.61
CA LEU B 274 -41.84 -23.01 2.24
C LEU B 274 -41.61 -22.99 3.75
N LEU B 275 -41.77 -21.84 4.37
CA LEU B 275 -41.60 -21.74 5.81
C LEU B 275 -42.95 -21.93 6.48
N PHE B 276 -42.98 -22.74 7.53
CA PHE B 276 -44.20 -23.02 8.27
C PHE B 276 -43.98 -22.67 9.73
N SER B 277 -44.92 -21.91 10.30
CA SER B 277 -44.83 -21.56 11.70
C SER B 277 -44.89 -22.81 12.57
N THR B 278 -44.52 -22.64 13.83
CA THR B 278 -44.45 -23.74 14.77
C THR B 278 -44.95 -23.27 16.12
N PRO B 279 -45.70 -24.10 16.84
CA PRO B 279 -46.10 -23.71 18.22
C PRO B 279 -44.93 -23.46 19.15
N GLN B 280 -43.74 -23.98 18.84
CA GLN B 280 -42.56 -23.77 19.67
C GLN B 280 -41.70 -22.61 19.19
N ASN B 281 -42.26 -21.70 18.38
CA ASN B 281 -41.62 -20.50 17.88
C ASN B 281 -40.49 -20.79 16.89
N ASP B 282 -40.22 -22.05 16.56
CA ASP B 282 -39.27 -22.37 15.51
C ASP B 282 -39.96 -22.21 14.16
N VAL B 283 -39.33 -22.68 13.09
CA VAL B 283 -39.89 -22.58 11.75
C VAL B 283 -39.51 -23.85 11.02
N VAL B 284 -40.51 -24.60 10.55
CA VAL B 284 -40.27 -25.81 9.79
C VAL B 284 -40.12 -25.40 8.33
N ALA B 285 -38.93 -25.57 7.78
CA ALA B 285 -38.70 -25.27 6.39
C ALA B 285 -38.84 -26.54 5.56
N VAL B 286 -39.56 -26.43 4.45
CA VAL B 286 -39.68 -27.50 3.48
C VAL B 286 -39.01 -26.99 2.21
N LYS B 287 -37.86 -27.55 1.87
CA LYS B 287 -37.06 -27.12 0.74
C LYS B 287 -37.31 -28.09 -0.40
N VAL B 288 -38.04 -27.63 -1.41
CA VAL B 288 -38.44 -28.51 -2.51
C VAL B 288 -37.33 -28.57 -3.53
N GLN B 289 -37.28 -29.69 -4.27
CA GLN B 289 -36.25 -29.90 -5.27
C GLN B 289 -36.33 -28.82 -6.34
N LYS B 290 -35.18 -28.25 -6.68
CA LYS B 290 -35.12 -27.25 -7.73
C LYS B 290 -35.11 -27.95 -9.10
N ARG B 291 -35.38 -27.16 -10.15
CA ARG B 291 -35.41 -27.68 -11.50
C ARG B 291 -33.98 -27.87 -11.99
N GLY B 292 -33.55 -29.12 -12.11
CA GLY B 292 -32.21 -29.43 -12.58
C GLY B 292 -31.32 -30.12 -11.57
N GLU B 293 -31.76 -30.32 -10.33
CA GLU B 293 -30.90 -30.98 -9.37
C GLU B 293 -31.48 -32.33 -8.98
N PRO B 294 -30.64 -33.32 -8.72
CA PRO B 294 -31.13 -34.64 -8.34
C PRO B 294 -31.33 -34.79 -6.84
N LYS B 295 -31.93 -35.92 -6.46
CA LYS B 295 -32.12 -36.26 -5.06
C LYS B 295 -30.81 -36.29 -4.29
N SER B 296 -29.69 -36.46 -5.00
CA SER B 296 -28.40 -36.52 -4.34
C SER B 296 -28.08 -35.22 -3.61
N THR B 297 -28.44 -34.08 -4.19
CA THR B 297 -28.14 -32.81 -3.55
C THR B 297 -28.92 -32.64 -2.24
N LEU B 298 -30.20 -32.96 -2.25
CA LEU B 298 -31.00 -32.82 -1.04
C LEU B 298 -30.56 -33.81 0.03
N GLU B 299 -30.24 -35.03 -0.36
CA GLU B 299 -29.76 -35.96 0.67
C GLU B 299 -28.36 -35.60 1.15
N GLU B 300 -27.56 -34.94 0.31
CA GLU B 300 -26.27 -34.45 0.75
C GLU B 300 -26.44 -33.36 1.79
N GLU B 301 -27.38 -32.45 1.58
CA GLU B 301 -27.65 -31.43 2.59
C GLU B 301 -28.16 -32.06 3.88
N PHE B 302 -29.02 -33.07 3.76
CA PHE B 302 -29.48 -33.78 4.96
C PHE B 302 -28.31 -34.37 5.73
N GLN B 303 -27.41 -35.05 5.04
CA GLN B 303 -26.29 -35.71 5.69
C GLN B 303 -25.35 -34.70 6.31
N MET B 304 -25.07 -33.59 5.62
CA MET B 304 -24.18 -32.58 6.18
C MET B 304 -24.79 -31.92 7.41
N ALA B 305 -26.09 -31.64 7.38
CA ALA B 305 -26.73 -31.07 8.55
C ALA B 305 -26.64 -32.01 9.74
N ASP B 306 -26.90 -33.31 9.51
CA ASP B 306 -26.80 -34.26 10.60
C ASP B 306 -25.37 -34.38 11.11
N TYR B 307 -24.40 -34.30 10.21
CA TYR B 307 -22.99 -34.35 10.60
C TYR B 307 -22.63 -33.18 11.50
N LEU B 308 -22.90 -31.96 11.03
CA LEU B 308 -22.57 -30.78 11.83
C LEU B 308 -23.38 -30.71 13.12
N LEU B 309 -24.54 -31.36 13.18
CA LEU B 309 -25.23 -31.46 14.47
C LEU B 309 -24.54 -32.46 15.39
N LYS B 310 -24.00 -33.54 14.81
CA LYS B 310 -23.29 -34.54 15.60
C LYS B 310 -21.98 -33.98 16.15
N HIS B 311 -21.27 -33.21 15.34
CA HIS B 311 -19.93 -32.75 15.66
C HIS B 311 -19.88 -31.25 15.84
N GLN B 312 -20.85 -30.70 16.56
CA GLN B 312 -20.89 -29.28 16.82
C GLN B 312 -20.09 -28.89 18.05
N SER B 313 -20.22 -29.65 19.13
CA SER B 313 -19.42 -29.35 20.32
C SER B 313 -17.95 -29.65 20.09
N ARG B 314 -17.63 -30.61 19.21
CA ARG B 314 -16.23 -30.89 18.92
C ARG B 314 -15.61 -29.77 18.11
N LEU B 315 -16.25 -29.40 16.99
CA LEU B 315 -15.73 -28.31 16.18
C LEU B 315 -15.90 -26.95 16.84
N ASP B 316 -16.73 -26.87 17.88
CA ASP B 316 -17.07 -25.62 18.54
C ASP B 316 -17.57 -24.60 17.53
N VAL B 317 -18.67 -24.97 16.89
CA VAL B 317 -19.31 -24.14 15.87
C VAL B 317 -20.30 -23.21 16.56
N TYR B 318 -20.40 -21.98 16.06
CA TYR B 318 -21.24 -20.98 16.72
C TYR B 318 -22.64 -20.90 16.14
N SER B 319 -22.80 -21.28 14.87
CA SER B 319 -24.09 -21.17 14.21
C SER B 319 -25.17 -21.90 14.97
N LYS B 320 -26.41 -21.47 14.78
CA LYS B 320 -27.56 -22.29 15.14
C LYS B 320 -27.81 -23.24 13.99
N LEU B 321 -27.85 -24.53 14.29
CA LEU B 321 -27.83 -25.30 13.06
C LEU B 321 -29.22 -25.83 12.72
N PRO B 322 -29.53 -25.93 11.44
CA PRO B 322 -30.84 -26.47 11.05
C PRO B 322 -30.96 -27.95 11.37
N GLN B 323 -31.82 -28.29 12.31
CA GLN B 323 -32.04 -29.67 12.69
C GLN B 323 -32.85 -30.39 11.64
N PRO B 324 -32.25 -31.29 10.85
CA PRO B 324 -33.02 -31.92 9.77
C PRO B 324 -34.01 -32.94 10.33
N LEU B 325 -35.22 -32.91 9.77
CA LEU B 325 -36.28 -33.80 10.19
C LEU B 325 -36.55 -34.93 9.22
N GLY B 326 -36.48 -34.67 7.91
CA GLY B 326 -36.74 -35.73 6.96
C GLY B 326 -36.38 -35.31 5.56
N GLN B 327 -36.50 -36.27 4.65
CA GLN B 327 -36.24 -36.04 3.24
C GLN B 327 -36.98 -37.10 2.46
N TYR B 328 -37.95 -36.69 1.64
CA TYR B 328 -38.80 -37.68 0.98
C TYR B 328 -39.39 -37.05 -0.27
N SER B 329 -40.43 -37.69 -0.81
CA SER B 329 -41.10 -37.23 -2.02
C SER B 329 -42.55 -36.92 -1.69
N VAL B 330 -43.07 -35.87 -2.33
CA VAL B 330 -44.45 -35.46 -2.15
C VAL B 330 -45.07 -35.20 -3.51
N LYS B 331 -46.40 -35.32 -3.57
CA LYS B 331 -47.11 -35.03 -4.80
C LYS B 331 -47.05 -33.53 -5.08
N LYS B 332 -46.70 -33.18 -6.33
CA LYS B 332 -46.68 -31.78 -6.72
C LYS B 332 -48.04 -31.10 -6.49
N SER B 333 -49.12 -31.87 -6.46
CA SER B 333 -50.43 -31.32 -6.14
C SER B 333 -50.42 -30.69 -4.75
N GLU B 334 -49.88 -31.41 -3.76
CA GLU B 334 -49.88 -30.89 -2.40
C GLU B 334 -49.00 -29.63 -2.29
N ILE B 335 -47.86 -29.62 -2.99
CA ILE B 335 -46.99 -28.46 -2.97
C ILE B 335 -47.69 -27.26 -3.57
N LEU B 336 -48.27 -27.44 -4.76
CA LEU B 336 -48.90 -26.32 -5.45
C LEU B 336 -50.24 -25.92 -4.82
N GLU B 337 -50.79 -26.73 -3.93
CA GLU B 337 -52.00 -26.31 -3.22
C GLU B 337 -51.69 -25.66 -1.88
N ILE B 338 -50.58 -26.04 -1.23
CA ILE B 338 -50.15 -25.30 -0.05
C ILE B 338 -49.58 -23.95 -0.45
N SER B 339 -48.87 -23.90 -1.58
CA SER B 339 -48.19 -22.69 -2.01
C SER B 339 -49.11 -21.68 -2.68
N ARG B 340 -50.37 -22.04 -2.95
CA ARG B 340 -51.22 -21.17 -3.75
C ARG B 340 -51.55 -19.87 -3.02
N GLY B 341 -51.79 -19.94 -1.72
CA GLY B 341 -52.09 -18.75 -0.95
C GLY B 341 -50.87 -17.99 -0.51
N SER B 342 -50.22 -17.29 -1.44
CA SER B 342 -49.03 -16.50 -1.13
C SER B 342 -48.94 -15.36 -2.14
N LEU B 343 -47.79 -14.68 -2.14
CA LEU B 343 -47.57 -13.54 -3.03
C LEU B 343 -46.77 -13.93 -4.27
N ASP B 344 -45.60 -14.52 -4.09
CA ASP B 344 -44.73 -14.94 -5.19
C ASP B 344 -45.03 -16.35 -5.67
N PHE B 345 -46.26 -16.82 -5.45
CA PHE B 345 -46.63 -18.18 -5.80
C PHE B 345 -46.31 -18.52 -7.25
N GLU B 346 -46.33 -17.54 -8.15
CA GLU B 346 -46.00 -17.82 -9.54
C GLU B 346 -44.49 -18.01 -9.71
N ARG B 347 -43.70 -17.11 -9.13
CA ARG B 347 -42.24 -17.22 -9.23
C ARG B 347 -41.77 -18.55 -8.69
N PHE B 348 -42.21 -18.91 -7.49
CA PHE B 348 -41.93 -20.22 -6.91
C PHE B 348 -42.25 -21.33 -7.91
N LYS B 349 -43.41 -21.23 -8.57
CA LYS B 349 -43.85 -22.28 -9.47
C LYS B 349 -42.87 -22.48 -10.62
N THR B 350 -42.07 -21.48 -10.96
CA THR B 350 -41.10 -21.63 -12.02
C THR B 350 -39.76 -22.16 -11.54
N LEU B 351 -39.45 -22.00 -10.25
CA LEU B 351 -38.17 -22.48 -9.74
C LEU B 351 -38.14 -23.99 -9.62
N ILE B 352 -39.19 -24.57 -9.03
CA ILE B 352 -39.22 -25.99 -8.71
C ILE B 352 -39.22 -26.82 -9.98
N GLY B 353 -38.94 -28.13 -9.85
CA GLY B 353 -38.85 -28.99 -10.99
C GLY B 353 -40.20 -29.41 -11.54
N ASP B 354 -40.17 -29.95 -12.75
CA ASP B 354 -41.38 -30.36 -13.47
C ASP B 354 -41.54 -31.87 -13.30
N SER B 355 -42.41 -32.27 -12.38
CA SER B 355 -42.64 -33.68 -12.08
C SER B 355 -43.86 -33.79 -11.20
N LYS B 356 -44.57 -34.92 -11.33
CA LYS B 356 -45.73 -35.16 -10.47
C LYS B 356 -45.33 -35.53 -9.06
N ASP B 357 -44.05 -35.77 -8.80
CA ASP B 357 -43.55 -35.95 -7.45
C ASP B 357 -42.25 -35.17 -7.31
N LEU B 358 -42.11 -34.45 -6.21
CA LEU B 358 -40.95 -33.62 -5.96
C LEU B 358 -40.26 -34.08 -4.68
N GLU B 359 -38.93 -33.99 -4.68
CA GLU B 359 -38.13 -34.32 -3.51
C GLU B 359 -38.06 -33.11 -2.61
N VAL B 360 -38.48 -33.28 -1.35
CA VAL B 360 -38.45 -32.20 -0.37
C VAL B 360 -37.57 -32.62 0.79
N TYR B 361 -36.83 -31.64 1.33
CA TYR B 361 -36.02 -31.80 2.52
C TYR B 361 -36.61 -30.92 3.60
N VAL B 362 -37.01 -31.53 4.71
CA VAL B 362 -37.76 -30.86 5.77
C VAL B 362 -36.85 -30.73 6.98
N TYR B 363 -36.61 -29.51 7.43
CA TYR B 363 -35.84 -29.28 8.65
C TYR B 363 -36.55 -28.27 9.54
N LYS B 364 -36.03 -28.11 10.75
CA LYS B 364 -36.61 -27.23 11.75
C LYS B 364 -35.56 -26.22 12.18
N ALA B 365 -35.64 -25.01 11.66
CA ALA B 365 -34.64 -23.98 11.92
C ALA B 365 -35.25 -22.83 12.72
N PRO B 366 -34.44 -22.08 13.46
CA PRO B 366 -34.97 -20.87 14.10
C PRO B 366 -35.27 -19.81 13.07
N LEU B 367 -36.04 -18.80 13.49
CA LEU B 367 -36.49 -17.79 12.54
C LEU B 367 -35.32 -17.00 11.96
N THR B 368 -34.37 -16.64 12.82
CA THR B 368 -33.20 -15.89 12.36
C THR B 368 -32.41 -16.62 11.29
N TYR B 369 -32.61 -17.92 11.13
CA TYR B 369 -31.94 -18.67 10.08
C TYR B 369 -32.36 -18.20 8.69
N PHE B 370 -33.55 -17.63 8.56
CA PHE B 370 -34.05 -17.25 7.24
C PHE B 370 -33.94 -15.76 6.99
N THR B 371 -33.39 -15.01 7.93
CA THR B 371 -33.02 -13.62 7.75
C THR B 371 -31.60 -13.58 7.22
N TYR B 372 -31.38 -12.92 6.10
CA TYR B 372 -30.04 -12.83 5.56
C TYR B 372 -29.19 -11.92 6.44
N LEU B 373 -27.89 -11.90 6.15
CA LEU B 373 -26.97 -11.12 6.97
C LEU B 373 -27.01 -9.65 6.60
N HIS B 374 -27.18 -9.33 5.32
CA HIS B 374 -27.31 -7.96 4.86
C HIS B 374 -28.69 -7.38 5.10
N ASP B 375 -29.54 -8.07 5.85
CA ASP B 375 -30.87 -7.57 6.14
C ASP B 375 -30.78 -6.32 6.99
N LYS B 376 -31.57 -5.31 6.65
CA LYS B 376 -31.43 -3.99 7.23
C LYS B 376 -32.28 -3.78 8.48
N ASN B 377 -33.00 -4.78 8.94
CA ASN B 377 -33.81 -4.67 10.14
C ASN B 377 -33.06 -5.13 11.39
N GLN B 378 -31.74 -5.12 11.37
CA GLN B 378 -30.92 -5.54 12.50
C GLN B 378 -29.93 -4.44 12.83
N ASP B 379 -29.85 -4.08 14.10
CA ASP B 379 -28.94 -3.04 14.54
C ASP B 379 -27.49 -3.50 14.45
N LEU B 380 -26.57 -2.52 14.45
CA LEU B 380 -25.16 -2.82 14.24
C LEU B 380 -24.59 -3.77 15.29
N GLU B 381 -25.17 -3.82 16.48
CA GLU B 381 -24.73 -4.78 17.49
C GLU B 381 -25.05 -6.21 17.06
N ASP B 382 -26.28 -6.44 16.61
CA ASP B 382 -26.66 -7.76 16.14
C ASP B 382 -25.92 -8.12 14.86
N LEU B 383 -25.68 -7.14 14.00
CA LEU B 383 -24.91 -7.41 12.80
C LEU B 383 -23.49 -7.82 13.15
N THR B 384 -22.88 -7.16 14.14
CA THR B 384 -21.54 -7.55 14.57
C THR B 384 -21.52 -8.98 15.10
N ALA B 385 -22.46 -9.30 15.98
CA ALA B 385 -22.50 -10.66 16.52
C ALA B 385 -22.68 -11.69 15.42
N SER B 386 -23.55 -11.40 14.45
CA SER B 386 -23.82 -12.36 13.39
C SER B 386 -22.64 -12.53 12.45
N VAL B 387 -21.94 -11.44 12.13
CA VAL B 387 -20.77 -11.54 11.27
C VAL B 387 -19.66 -12.31 11.98
N LYS B 388 -19.52 -12.10 13.29
CA LYS B 388 -18.57 -12.88 14.05
C LYS B 388 -18.88 -14.37 13.97
N THR B 389 -20.15 -14.73 14.20
CA THR B 389 -20.56 -16.13 14.14
C THR B 389 -20.25 -16.73 12.77
N ASN B 390 -20.63 -16.03 11.70
CA ASN B 390 -20.45 -16.57 10.37
C ASN B 390 -18.99 -16.74 10.02
N VAL B 391 -18.15 -15.74 10.30
CA VAL B 391 -16.73 -15.84 9.97
C VAL B 391 -16.09 -16.97 10.76
N HIS B 392 -16.41 -17.05 12.05
CA HIS B 392 -15.85 -18.11 12.88
C HIS B 392 -16.19 -19.48 12.33
N ASP B 393 -17.45 -19.70 11.98
CA ASP B 393 -17.84 -21.02 11.51
C ASP B 393 -17.26 -21.33 10.14
N LEU B 394 -17.21 -20.35 9.25
CA LEU B 394 -16.61 -20.58 7.94
C LEU B 394 -15.18 -21.07 8.09
N PHE B 395 -14.39 -20.42 8.92
CA PHE B 395 -12.99 -20.81 8.96
C PHE B 395 -12.75 -22.02 9.86
N VAL B 396 -13.61 -22.25 10.84
CA VAL B 396 -13.52 -23.49 11.61
C VAL B 396 -13.85 -24.69 10.73
N LEU B 397 -14.79 -24.55 9.81
CA LEU B 397 -15.07 -25.64 8.88
C LEU B 397 -14.04 -25.75 7.78
N LEU B 398 -13.34 -24.66 7.48
CA LEU B 398 -12.21 -24.79 6.56
C LEU B 398 -11.05 -25.52 7.21
N ARG B 399 -10.86 -25.35 8.52
CA ARG B 399 -9.85 -26.14 9.23
C ARG B 399 -10.23 -27.61 9.28
N GLU B 400 -11.53 -27.91 9.22
CA GLU B 400 -12.03 -29.27 9.28
C GLU B 400 -12.00 -29.96 7.93
N GLY B 401 -11.80 -29.23 6.85
CA GLY B 401 -11.69 -29.81 5.53
C GLY B 401 -12.89 -29.59 4.63
N ILE B 402 -13.79 -28.68 5.01
CA ILE B 402 -15.03 -28.44 4.28
C ILE B 402 -14.98 -27.01 3.76
N MET B 403 -15.11 -26.85 2.46
CA MET B 403 -15.15 -25.51 1.86
C MET B 403 -16.51 -25.29 1.22
N PHE B 404 -16.82 -24.01 1.00
CA PHE B 404 -18.11 -23.58 0.45
C PHE B 404 -17.84 -22.71 -0.77
N PRO B 405 -17.79 -23.30 -1.97
CA PRO B 405 -17.49 -22.52 -3.16
C PRO B 405 -18.64 -21.64 -3.64
N GLN B 406 -19.80 -21.69 -3.00
CA GLN B 406 -20.97 -20.96 -3.47
C GLN B 406 -21.68 -20.27 -2.32
N LEU B 407 -20.93 -19.54 -1.49
CA LEU B 407 -21.56 -18.67 -0.50
C LEU B 407 -22.43 -17.63 -1.18
N ALA B 408 -21.99 -17.13 -2.33
CA ALA B 408 -22.73 -16.16 -3.10
C ALA B 408 -22.27 -16.27 -4.54
N ASP B 409 -23.08 -15.72 -5.46
CA ASP B 409 -22.77 -15.79 -6.88
C ASP B 409 -22.05 -14.53 -7.33
N ILE B 410 -20.85 -14.34 -6.81
CA ILE B 410 -20.04 -13.19 -7.22
C ILE B 410 -19.51 -13.45 -8.62
N PHE B 411 -19.69 -12.48 -9.50
CA PHE B 411 -19.32 -12.64 -10.89
C PHE B 411 -18.50 -11.46 -11.37
N HIS B 412 -17.69 -11.73 -12.38
CA HIS B 412 -16.98 -10.71 -13.15
C HIS B 412 -17.35 -10.91 -14.60
N THR B 413 -17.69 -9.82 -15.29
CA THR B 413 -17.96 -9.80 -16.74
C THR B 413 -18.83 -10.95 -17.23
N HIS B 414 -20.11 -10.94 -16.87
CA HIS B 414 -21.10 -11.90 -17.38
C HIS B 414 -21.07 -12.02 -18.91
N PHE B 415 -20.41 -11.07 -19.58
CA PHE B 415 -20.50 -10.95 -21.04
C PHE B 415 -20.08 -12.23 -21.75
N GLY B 416 -18.83 -12.64 -21.56
CA GLY B 416 -18.35 -13.87 -22.18
C GLY B 416 -18.24 -15.00 -21.18
N GLU B 417 -19.24 -15.10 -20.30
CA GLU B 417 -19.14 -15.96 -19.12
C GLU B 417 -18.73 -17.38 -19.47
N ASP B 418 -19.42 -18.01 -20.42
CA ASP B 418 -19.20 -19.43 -20.67
C ASP B 418 -17.85 -19.70 -21.32
N GLU B 419 -17.30 -18.74 -22.06
CA GLU B 419 -16.09 -18.97 -22.84
C GLU B 419 -14.84 -18.41 -22.20
N ARG B 420 -14.93 -17.85 -20.99
CA ARG B 420 -13.77 -17.35 -20.28
C ARG B 420 -13.15 -18.45 -19.44
N GLU B 421 -11.83 -18.42 -19.31
CA GLU B 421 -11.11 -19.43 -18.53
C GLU B 421 -11.61 -19.54 -17.09
N ASP B 422 -12.06 -18.43 -16.51
CA ASP B 422 -12.60 -18.44 -15.15
C ASP B 422 -14.10 -18.65 -15.12
N LYS B 423 -14.74 -18.83 -16.27
CA LYS B 423 -16.19 -19.03 -16.36
C LYS B 423 -16.97 -17.88 -15.75
N GLY B 424 -16.39 -16.68 -15.79
CA GLY B 424 -17.02 -15.50 -15.23
C GLY B 424 -16.95 -15.38 -13.72
N ARG B 425 -16.67 -16.47 -13.01
CA ARG B 425 -16.63 -16.43 -11.56
C ARG B 425 -15.53 -15.49 -11.08
N TYR B 426 -15.81 -14.80 -9.98
CA TYR B 426 -14.89 -13.78 -9.49
C TYR B 426 -13.76 -14.43 -8.72
N GLN B 427 -12.52 -14.10 -9.08
CA GLN B 427 -11.34 -14.60 -8.40
C GLN B 427 -10.79 -13.49 -7.52
N ALA B 428 -10.85 -13.69 -6.21
CA ALA B 428 -10.39 -12.67 -5.27
C ALA B 428 -8.89 -12.43 -5.34
N LEU B 429 -8.13 -13.41 -5.83
CA LEU B 429 -6.68 -13.29 -5.93
C LEU B 429 -6.26 -13.42 -7.38
N VAL B 430 -6.93 -12.68 -8.26
CA VAL B 430 -6.76 -12.86 -9.71
C VAL B 430 -5.31 -12.71 -10.15
N GLN B 431 -4.51 -11.93 -9.42
CA GLN B 431 -3.13 -11.71 -9.86
C GLN B 431 -2.28 -12.95 -9.67
N LEU B 432 -2.63 -13.79 -8.70
CA LEU B 432 -1.86 -15.00 -8.44
C LEU B 432 -2.26 -16.13 -9.38
N LEU B 433 -3.55 -16.21 -9.72
CA LEU B 433 -4.08 -17.33 -10.47
C LEU B 433 -4.09 -17.12 -11.97
N ASN B 434 -3.40 -16.09 -12.47
CA ASN B 434 -3.38 -15.84 -13.90
C ASN B 434 -2.06 -15.20 -14.28
N VAL B 435 -1.73 -15.31 -15.56
CA VAL B 435 -0.60 -14.59 -16.13
C VAL B 435 -1.06 -13.21 -16.57
N LEU B 436 -0.27 -12.19 -16.25
CA LEU B 436 -0.48 -10.84 -16.74
C LEU B 436 -1.86 -10.32 -16.38
N GLN B 437 -2.19 -10.40 -15.09
CA GLN B 437 -3.41 -9.81 -14.55
C GLN B 437 -3.01 -9.10 -13.27
N PHE B 438 -3.24 -7.79 -13.22
CA PHE B 438 -2.56 -6.95 -12.24
C PHE B 438 -3.44 -6.37 -11.16
N GLN B 439 -4.73 -6.12 -11.42
CA GLN B 439 -5.62 -5.60 -10.40
C GLN B 439 -6.84 -6.50 -10.27
N LEU B 440 -7.56 -6.34 -9.16
CA LEU B 440 -8.87 -6.95 -9.02
C LEU B 440 -9.86 -6.26 -9.95
N GLY B 441 -10.63 -7.05 -10.68
CA GLY B 441 -11.53 -6.52 -11.69
C GLY B 441 -12.86 -6.09 -11.13
N ARG B 442 -13.74 -5.68 -12.04
CA ARG B 442 -15.06 -5.17 -11.66
C ARG B 442 -15.93 -6.29 -11.11
N ILE B 443 -16.72 -5.96 -10.09
CA ILE B 443 -17.74 -6.85 -9.57
C ILE B 443 -19.05 -6.48 -10.25
N ASP B 444 -19.60 -7.40 -11.03
CA ASP B 444 -20.81 -7.15 -11.80
C ASP B 444 -22.04 -7.29 -10.90
N LYS B 445 -22.81 -6.21 -10.76
CA LYS B 445 -24.00 -6.17 -9.91
C LYS B 445 -23.70 -6.69 -8.52
N TRP B 446 -22.83 -5.97 -7.82
CA TRP B 446 -22.27 -6.45 -6.56
C TRP B 446 -23.32 -6.72 -5.50
N GLN B 447 -24.55 -6.25 -5.68
CA GLN B 447 -25.57 -6.40 -4.66
C GLN B 447 -26.52 -7.55 -4.93
N LYS B 448 -26.87 -7.78 -6.19
CA LYS B 448 -27.60 -8.98 -6.55
C LYS B 448 -26.76 -10.23 -6.34
N ALA B 449 -25.44 -10.07 -6.25
CA ALA B 449 -24.56 -11.21 -5.99
C ALA B 449 -24.68 -11.73 -4.57
N VAL B 450 -24.96 -10.85 -3.60
CA VAL B 450 -25.15 -11.27 -2.22
C VAL B 450 -26.62 -11.21 -1.82
N GLU B 451 -27.51 -10.89 -2.77
CA GLU B 451 -28.95 -10.85 -2.47
C GLU B 451 -29.41 -12.08 -1.69
N TYR B 452 -28.99 -13.27 -2.12
CA TYR B 452 -29.40 -14.53 -1.49
C TYR B 452 -28.20 -15.24 -0.89
N VAL B 453 -27.35 -14.51 -0.19
CA VAL B 453 -26.15 -15.07 0.38
C VAL B 453 -26.51 -16.13 1.41
N ASN B 454 -25.58 -17.05 1.65
CA ASN B 454 -25.79 -18.14 2.58
C ASN B 454 -25.33 -17.83 3.99
N LEU B 455 -25.09 -16.56 4.30
CA LEU B 455 -24.77 -16.11 5.64
C LEU B 455 -26.03 -15.54 6.27
N ARG B 456 -26.36 -16.00 7.47
CA ARG B 456 -27.61 -15.65 8.10
C ARG B 456 -27.39 -15.01 9.46
N SER B 457 -28.48 -14.49 10.04
CA SER B 457 -28.41 -13.89 11.35
C SER B 457 -28.14 -14.91 12.44
N SER B 458 -28.32 -16.19 12.15
CA SER B 458 -28.01 -17.24 13.10
C SER B 458 -26.66 -17.89 12.85
N GLY B 459 -26.20 -17.89 11.60
CA GLY B 459 -24.94 -18.49 11.25
C GLY B 459 -24.91 -18.89 9.80
N LEU B 460 -24.33 -20.04 9.50
CA LEU B 460 -24.24 -20.49 8.12
C LEU B 460 -25.52 -21.20 7.70
N ALA B 461 -25.74 -21.26 6.39
CA ALA B 461 -26.93 -21.86 5.84
C ALA B 461 -26.61 -22.45 4.48
N ASP B 462 -27.50 -23.32 4.00
CA ASP B 462 -27.34 -24.04 2.75
C ASP B 462 -26.03 -24.82 2.75
N LEU B 463 -25.95 -25.77 3.67
CA LEU B 463 -24.76 -26.59 3.85
C LEU B 463 -24.67 -27.72 2.84
N GLY B 464 -25.45 -27.67 1.78
CA GLY B 464 -25.45 -28.74 0.80
C GLY B 464 -24.42 -28.55 -0.29
N ASP B 465 -24.32 -27.35 -0.83
CA ASP B 465 -23.34 -27.11 -1.87
C ASP B 465 -21.98 -26.83 -1.26
N SER B 466 -21.55 -27.71 -0.37
CA SER B 466 -20.22 -27.68 0.20
C SER B 466 -19.31 -28.58 -0.63
N LEU B 467 -18.09 -28.77 -0.18
CA LEU B 467 -17.08 -29.50 -0.91
C LEU B 467 -16.00 -29.92 0.07
N PRO B 468 -15.26 -31.00 -0.19
CA PRO B 468 -14.10 -31.28 0.66
C PRO B 468 -12.91 -30.42 0.24
N ILE B 469 -12.09 -30.06 1.22
CA ILE B 469 -10.94 -29.20 0.96
C ILE B 469 -9.99 -29.86 -0.04
N THR B 470 -9.97 -31.19 -0.07
CA THR B 470 -9.10 -31.91 -0.98
C THR B 470 -9.43 -31.66 -2.45
N SER B 471 -10.58 -31.04 -2.74
CA SER B 471 -10.90 -30.65 -4.10
C SER B 471 -10.06 -29.48 -4.59
N LEU B 472 -9.34 -28.80 -3.70
CA LEU B 472 -8.47 -27.72 -4.11
C LEU B 472 -7.08 -28.20 -4.53
N PHE B 473 -6.63 -29.31 -3.96
CA PHE B 473 -5.29 -29.82 -4.22
C PHE B 473 -5.27 -30.86 -5.33
N THR B 474 -6.41 -31.22 -5.89
CA THR B 474 -6.50 -32.22 -6.93
C THR B 474 -7.20 -31.64 -8.15
N SER B 475 -7.13 -32.37 -9.25
CA SER B 475 -7.77 -31.96 -10.50
C SER B 475 -9.25 -32.35 -10.50
N SER B 476 -9.98 -31.76 -9.56
CA SER B 476 -11.40 -32.06 -9.41
C SER B 476 -12.20 -31.38 -10.52
N ASP B 477 -13.52 -31.52 -10.42
CA ASP B 477 -14.39 -30.85 -11.38
C ASP B 477 -14.53 -29.36 -11.07
N PHE B 478 -14.57 -29.01 -9.79
CA PHE B 478 -14.50 -27.60 -9.39
C PHE B 478 -13.22 -26.95 -9.90
N THR B 479 -12.10 -27.61 -9.69
CA THR B 479 -10.81 -27.05 -10.08
C THR B 479 -10.66 -26.99 -11.59
N LYS B 480 -11.02 -28.06 -12.29
CA LYS B 480 -10.93 -28.05 -13.75
C LYS B 480 -11.92 -27.07 -14.35
N HIS B 481 -13.01 -26.78 -13.66
CA HIS B 481 -14.01 -25.88 -14.18
C HIS B 481 -13.56 -24.43 -14.06
N TYR B 482 -13.15 -24.00 -12.87
CA TYR B 482 -12.92 -22.58 -12.66
C TYR B 482 -11.47 -22.15 -12.76
N PHE B 483 -10.52 -23.07 -12.67
CA PHE B 483 -9.11 -22.70 -12.58
C PHE B 483 -8.30 -23.41 -13.65
N SER B 484 -8.77 -23.34 -14.90
CA SER B 484 -8.08 -24.02 -15.98
C SER B 484 -6.76 -23.34 -16.31
N ALA B 485 -6.71 -22.01 -16.21
CA ALA B 485 -5.47 -21.29 -16.49
C ALA B 485 -4.36 -21.70 -15.53
N LEU B 486 -4.68 -21.81 -14.24
CA LEU B 486 -3.68 -22.20 -13.26
C LEU B 486 -3.23 -23.64 -13.47
N LEU B 487 -4.16 -24.54 -13.79
CA LEU B 487 -3.84 -25.95 -13.89
C LEU B 487 -3.22 -26.36 -15.21
N THR B 488 -3.31 -25.53 -16.25
CA THR B 488 -2.77 -25.91 -17.54
C THR B 488 -1.50 -25.16 -17.92
N GLY B 489 -0.99 -24.29 -17.06
CA GLY B 489 0.17 -23.50 -17.38
C GLY B 489 -0.18 -22.26 -18.17
N GLY B 490 0.74 -21.29 -18.14
CA GLY B 490 0.48 -19.97 -18.71
C GLY B 490 1.19 -19.80 -20.04
N TYR B 491 0.53 -19.10 -20.96
CA TYR B 491 1.08 -18.80 -22.26
C TYR B 491 0.92 -17.32 -22.57
N HIS B 492 1.86 -16.80 -23.35
CA HIS B 492 1.83 -15.45 -23.89
C HIS B 492 2.88 -15.41 -24.98
N PRO B 493 2.63 -14.73 -26.10
CA PRO B 493 3.56 -14.77 -27.23
C PRO B 493 5.01 -14.42 -26.86
N THR B 494 5.19 -13.72 -25.75
CA THR B 494 6.52 -13.30 -25.33
C THR B 494 7.26 -14.35 -24.54
N PHE B 495 6.56 -15.37 -24.02
CA PHE B 495 7.23 -16.45 -23.32
C PHE B 495 7.93 -17.41 -24.30
N PHE B 496 7.51 -17.41 -25.55
CA PHE B 496 7.90 -18.46 -26.49
C PHE B 496 9.38 -18.37 -26.79
N ASP B 497 10.16 -19.31 -26.26
CA ASP B 497 11.57 -19.45 -26.61
C ASP B 497 11.67 -19.98 -28.03
N LYS B 498 11.93 -19.10 -28.99
CA LYS B 498 11.90 -19.47 -30.39
C LYS B 498 12.96 -20.50 -30.78
N SER B 499 13.90 -20.80 -29.90
CA SER B 499 14.91 -21.81 -30.19
C SER B 499 14.39 -23.20 -29.87
N SER B 500 14.01 -23.43 -28.60
CA SER B 500 13.53 -24.74 -28.19
C SER B 500 12.04 -24.94 -28.48
N GLY B 501 11.34 -23.91 -28.95
CA GLY B 501 9.95 -24.07 -29.32
C GLY B 501 9.01 -24.39 -28.18
N THR B 502 9.31 -23.92 -26.98
CA THR B 502 8.44 -24.10 -25.83
C THR B 502 8.29 -22.79 -25.09
N ALA B 503 7.10 -22.53 -24.55
CA ALA B 503 6.83 -21.31 -23.80
C ALA B 503 7.26 -21.53 -22.36
N ASN B 504 8.38 -20.93 -21.97
CA ASN B 504 8.87 -21.02 -20.61
C ASN B 504 8.24 -19.93 -19.77
N SER B 505 7.88 -20.27 -18.53
CA SER B 505 7.23 -19.29 -17.68
C SER B 505 7.45 -19.67 -16.23
N LEU B 506 7.55 -18.64 -15.37
CA LEU B 506 7.52 -18.90 -13.93
C LEU B 506 6.15 -19.34 -13.47
N PHE B 507 5.12 -19.13 -14.29
CA PHE B 507 3.76 -19.45 -13.92
C PHE B 507 3.45 -20.92 -14.10
N THR B 508 4.11 -21.60 -15.03
CA THR B 508 3.87 -23.01 -15.22
C THR B 508 4.31 -23.82 -14.01
N GLY B 509 5.32 -23.34 -13.29
CA GLY B 509 5.73 -24.00 -12.07
C GLY B 509 4.64 -24.11 -11.04
N LYS B 510 3.67 -23.18 -11.08
CA LYS B 510 2.55 -23.25 -10.16
C LYS B 510 1.70 -24.49 -10.36
N ARG B 511 1.92 -25.25 -11.43
CA ARG B 511 1.24 -26.53 -11.56
C ARG B 511 1.61 -27.46 -10.42
N ARG B 512 2.86 -27.40 -9.97
CA ARG B 512 3.27 -28.22 -8.84
C ARG B 512 2.61 -27.78 -7.53
N LEU B 513 2.21 -26.52 -7.44
CA LEU B 513 1.78 -25.92 -6.18
C LEU B 513 0.38 -25.34 -6.24
N PHE B 514 -0.44 -25.69 -7.23
CA PHE B 514 -1.68 -24.95 -7.44
C PHE B 514 -2.66 -25.09 -6.28
N GLY B 515 -2.44 -26.03 -5.36
CA GLY B 515 -3.35 -26.16 -4.24
C GLY B 515 -3.18 -25.08 -3.20
N ASN B 516 -1.97 -24.55 -3.07
CA ASN B 516 -1.72 -23.47 -2.13
C ASN B 516 -2.39 -22.18 -2.59
N TYR B 517 -2.30 -21.89 -3.89
CA TYR B 517 -2.97 -20.73 -4.44
C TYR B 517 -4.47 -20.83 -4.26
N LEU B 518 -5.04 -22.01 -4.46
CA LEU B 518 -6.48 -22.15 -4.32
C LEU B 518 -6.92 -22.08 -2.87
N TYR B 519 -6.08 -22.55 -1.95
CA TYR B 519 -6.37 -22.37 -0.53
C TYR B 519 -6.45 -20.89 -0.16
N LEU B 520 -5.44 -20.13 -0.58
CA LEU B 520 -5.45 -18.71 -0.27
C LEU B 520 -6.59 -17.99 -0.98
N ASN B 521 -6.95 -18.44 -2.18
CA ASN B 521 -8.07 -17.82 -2.88
C ASN B 521 -9.40 -18.14 -2.21
N THR B 522 -9.54 -19.31 -1.61
CA THR B 522 -10.75 -19.61 -0.86
C THR B 522 -10.88 -18.71 0.35
N ILE B 523 -9.79 -18.50 1.08
CA ILE B 523 -9.84 -17.59 2.22
C ILE B 523 -10.21 -16.19 1.76
N ALA B 524 -9.57 -15.72 0.69
CA ALA B 524 -9.82 -14.37 0.20
C ALA B 524 -11.26 -14.21 -0.27
N GLU B 525 -11.84 -15.23 -0.90
CA GLU B 525 -13.22 -15.10 -1.36
C GLU B 525 -14.23 -15.19 -0.23
N TYR B 526 -13.94 -15.97 0.82
CA TYR B 526 -14.76 -15.87 2.03
C TYR B 526 -14.81 -14.44 2.54
N LEU B 527 -13.64 -13.80 2.62
CA LEU B 527 -13.60 -12.44 3.13
C LEU B 527 -14.27 -11.45 2.19
N LEU B 528 -14.18 -11.69 0.88
CA LEU B 528 -14.85 -10.82 -0.07
C LEU B 528 -16.36 -10.93 0.03
N VAL B 529 -16.88 -12.13 0.27
CA VAL B 529 -18.31 -12.28 0.47
C VAL B 529 -18.76 -11.57 1.74
N ILE B 530 -17.96 -11.67 2.80
CA ILE B 530 -18.27 -10.94 4.03
C ILE B 530 -18.31 -9.44 3.76
N GLN B 531 -17.35 -8.94 2.97
CA GLN B 531 -17.29 -7.52 2.68
C GLN B 531 -18.49 -7.05 1.87
N LEU B 532 -18.86 -7.80 0.84
CA LEU B 532 -20.03 -7.42 0.05
C LEU B 532 -21.31 -7.50 0.86
N THR B 533 -21.40 -8.45 1.79
CA THR B 533 -22.58 -8.51 2.64
C THR B 533 -22.67 -7.29 3.53
N LEU B 534 -21.55 -6.90 4.15
CA LEU B 534 -21.55 -5.71 5.00
C LEU B 534 -21.83 -4.45 4.18
N GLY B 535 -21.26 -4.36 2.99
CA GLY B 535 -21.53 -3.21 2.14
C GLY B 535 -22.99 -3.12 1.72
N SER B 536 -23.61 -4.26 1.45
CA SER B 536 -25.03 -4.26 1.14
C SER B 536 -25.85 -3.81 2.33
N TYR B 537 -25.50 -4.27 3.53
CA TYR B 537 -26.20 -3.80 4.71
C TYR B 537 -26.10 -2.28 4.86
N GLY B 538 -24.88 -1.75 4.72
CA GLY B 538 -24.71 -0.32 4.86
C GLY B 538 -25.46 0.47 3.81
N ASP B 539 -25.40 0.01 2.56
CA ASP B 539 -26.10 0.69 1.48
C ASP B 539 -27.61 0.64 1.65
N LYS B 540 -28.13 -0.43 2.25
CA LYS B 540 -29.57 -0.49 2.45
C LYS B 540 -30.02 0.26 3.68
N VAL B 541 -29.13 0.43 4.67
CA VAL B 541 -29.54 1.07 5.92
C VAL B 541 -29.26 2.56 5.96
N THR B 542 -28.36 3.06 5.11
CA THR B 542 -28.11 4.50 5.08
C THR B 542 -28.97 5.23 4.05
N ARG B 543 -29.72 4.52 3.22
CA ARG B 543 -30.59 5.19 2.27
C ARG B 543 -31.74 5.91 2.97
N ASP B 544 -32.12 5.44 4.14
CA ASP B 544 -33.23 6.01 4.90
C ASP B 544 -32.79 7.14 5.82
N MET B 545 -31.56 7.64 5.66
CA MET B 545 -31.00 8.62 6.57
C MET B 545 -30.41 9.78 5.78
N MET B 546 -30.60 11.00 6.30
CA MET B 546 -29.99 12.19 5.73
C MET B 546 -28.98 12.84 6.67
N ASP B 547 -28.91 12.40 7.92
CA ASP B 547 -27.95 12.92 8.87
C ASP B 547 -26.56 12.36 8.56
N LYS B 548 -25.75 13.13 7.82
CA LYS B 548 -24.44 12.66 7.40
C LYS B 548 -23.57 12.11 8.54
N PRO B 549 -23.55 12.68 9.74
CA PRO B 549 -22.78 12.04 10.82
C PRO B 549 -23.18 10.60 11.09
N LYS B 550 -24.47 10.29 11.11
CA LYS B 550 -24.89 8.92 11.39
C LYS B 550 -24.54 7.97 10.25
N LYS B 551 -24.63 8.42 9.01
CA LYS B 551 -24.23 7.59 7.88
C LYS B 551 -22.74 7.30 7.91
N GLU B 552 -21.93 8.31 8.23
CA GLU B 552 -20.50 8.09 8.40
C GLU B 552 -20.21 7.16 9.57
N ALA B 553 -20.99 7.24 10.65
CA ALA B 553 -20.78 6.32 11.76
C ALA B 553 -21.10 4.90 11.37
N VAL B 554 -22.16 4.70 10.58
CA VAL B 554 -22.50 3.36 10.11
C VAL B 554 -21.36 2.79 9.28
N TRP B 555 -20.89 3.55 8.29
CA TRP B 555 -19.81 3.00 7.44
C TRP B 555 -18.52 2.81 8.21
N ARG B 556 -18.27 3.63 9.23
CA ARG B 556 -17.08 3.44 10.04
C ARG B 556 -17.17 2.15 10.87
N GLU B 557 -18.32 1.89 11.47
CA GLU B 557 -18.48 0.64 12.20
C GLU B 557 -18.41 -0.56 11.27
N LEU B 558 -18.85 -0.42 10.02
CA LEU B 558 -18.74 -1.54 9.09
C LEU B 558 -17.29 -1.79 8.70
N ALA B 559 -16.48 -0.74 8.57
CA ALA B 559 -15.06 -0.96 8.34
C ALA B 559 -14.40 -1.65 9.53
N ASN B 560 -14.82 -1.29 10.74
CA ASN B 560 -14.32 -2.00 11.92
C ASN B 560 -14.70 -3.47 11.88
N VAL B 561 -15.94 -3.77 11.47
CA VAL B 561 -16.39 -5.16 11.39
C VAL B 561 -15.57 -5.93 10.36
N MET B 562 -15.27 -5.30 9.22
CA MET B 562 -14.49 -5.98 8.20
C MET B 562 -13.08 -6.31 8.70
N PHE B 563 -12.43 -5.33 9.31
CA PHE B 563 -11.06 -5.57 9.78
C PHE B 563 -11.03 -6.61 10.90
N THR B 564 -12.02 -6.58 11.79
CA THR B 564 -12.08 -7.60 12.83
C THR B 564 -12.37 -8.98 12.25
N SER B 565 -13.14 -9.06 11.16
CA SER B 565 -13.39 -10.36 10.53
C SER B 565 -12.13 -10.92 9.89
N CYS B 566 -11.34 -10.07 9.23
CA CYS B 566 -10.08 -10.54 8.69
C CYS B 566 -9.11 -10.96 9.79
N ALA B 567 -9.10 -10.24 10.91
CA ALA B 567 -8.26 -10.63 12.03
C ALA B 567 -8.71 -11.95 12.64
N GLU B 568 -10.01 -12.22 12.65
CA GLU B 568 -10.49 -13.49 13.16
C GLU B 568 -10.15 -14.63 12.21
N ALA B 569 -10.17 -14.37 10.90
CA ALA B 569 -9.69 -15.37 9.95
C ALA B 569 -8.23 -15.71 10.23
N ILE B 570 -7.39 -14.70 10.41
CA ILE B 570 -5.98 -14.92 10.70
C ILE B 570 -5.82 -15.70 12.00
N HIS B 571 -6.59 -15.34 13.02
CA HIS B 571 -6.47 -16.02 14.30
C HIS B 571 -6.87 -17.49 14.20
N ILE B 572 -7.91 -17.78 13.43
CA ILE B 572 -8.36 -19.17 13.35
C ILE B 572 -7.40 -20.00 12.52
N MET B 573 -6.84 -19.42 11.46
CA MET B 573 -5.96 -20.20 10.60
C MET B 573 -4.57 -20.40 11.22
N THR B 574 -3.97 -19.34 11.77
CA THR B 574 -2.60 -19.41 12.21
C THR B 574 -2.42 -19.55 13.72
N GLY B 575 -3.37 -19.09 14.51
CA GLY B 575 -3.25 -19.11 15.95
C GLY B 575 -2.83 -17.81 16.58
N ILE B 576 -2.32 -16.86 15.78
CA ILE B 576 -1.96 -15.53 16.22
C ILE B 576 -3.14 -14.93 16.98
N PRO B 577 -2.93 -14.36 18.16
CA PRO B 577 -4.05 -13.71 18.88
C PRO B 577 -4.75 -12.69 18.00
N GLN B 578 -6.03 -12.50 18.25
CA GLN B 578 -6.84 -11.69 17.34
C GLN B 578 -6.46 -10.22 17.42
N SER B 579 -6.12 -9.73 18.62
CA SER B 579 -5.69 -8.35 18.76
C SER B 579 -4.37 -8.11 18.04
N ARG B 580 -3.43 -9.02 18.18
CA ARG B 580 -2.14 -8.87 17.51
C ARG B 580 -2.29 -8.98 16.00
N ALA B 581 -3.14 -9.90 15.55
CA ALA B 581 -3.39 -10.00 14.11
C ALA B 581 -4.05 -8.74 13.58
N LEU B 582 -4.92 -8.13 14.38
CA LEU B 582 -5.54 -6.87 13.99
C LEU B 582 -4.50 -5.77 13.87
N THR B 583 -3.54 -5.72 14.80
CA THR B 583 -2.47 -4.73 14.71
C THR B 583 -1.62 -4.95 13.47
N LEU B 584 -1.24 -6.20 13.20
CA LEU B 584 -0.47 -6.52 12.01
C LEU B 584 -1.21 -6.14 10.75
N LEU B 585 -2.53 -6.33 10.74
CA LEU B 585 -3.34 -5.94 9.59
C LEU B 585 -3.37 -4.44 9.43
N LYS B 586 -3.61 -3.71 10.52
CA LYS B 586 -3.71 -2.26 10.45
C LYS B 586 -2.39 -1.60 10.12
N GLN B 587 -1.27 -2.31 10.28
CA GLN B 587 -0.01 -1.80 9.74
C GLN B 587 -0.08 -1.70 8.22
N ARG B 588 -0.76 -2.64 7.57
CA ARG B 588 -0.67 -2.81 6.13
C ARG B 588 -1.81 -2.16 5.36
N ALA B 589 -3.04 -2.29 5.83
CA ALA B 589 -4.19 -1.66 5.20
C ALA B 589 -4.73 -0.55 6.10
N ASN B 590 -5.06 0.58 5.49
CA ASN B 590 -5.54 1.74 6.23
C ASN B 590 -7.04 1.63 6.41
N ILE B 591 -7.50 1.58 7.67
CA ILE B 591 -8.92 1.41 7.93
C ILE B 591 -9.70 2.67 7.58
N GLU B 592 -9.06 3.84 7.67
CA GLU B 592 -9.73 5.09 7.35
C GLU B 592 -10.04 5.18 5.86
N LYS B 593 -9.05 4.88 5.02
CA LYS B 593 -9.30 4.87 3.58
C LYS B 593 -10.26 3.76 3.19
N HIS B 594 -10.29 2.66 3.94
CA HIS B 594 -11.25 1.61 3.64
C HIS B 594 -12.67 2.08 3.91
N PHE B 595 -12.90 2.67 5.08
CA PHE B 595 -14.23 3.19 5.39
C PHE B 595 -14.64 4.25 4.38
N ARG B 596 -13.70 5.10 3.97
CA ARG B 596 -14.03 6.14 3.01
C ARG B 596 -14.37 5.57 1.64
N GLN B 597 -13.58 4.62 1.15
CA GLN B 597 -13.83 4.08 -0.19
C GLN B 597 -15.09 3.22 -0.21
N THR B 598 -15.37 2.49 0.86
CA THR B 598 -16.61 1.73 0.90
C THR B 598 -17.81 2.64 0.94
N GLN B 599 -17.77 3.68 1.78
CA GLN B 599 -18.89 4.61 1.82
C GLN B 599 -19.08 5.29 0.47
N PHE B 600 -17.98 5.61 -0.22
CA PHE B 600 -18.10 6.34 -1.47
C PHE B 600 -18.66 5.48 -2.58
N TRP B 601 -18.12 4.28 -2.77
CA TRP B 601 -18.45 3.51 -3.96
C TRP B 601 -19.61 2.54 -3.76
N MET B 602 -19.95 2.20 -2.53
CA MET B 602 -21.05 1.28 -2.28
C MET B 602 -22.38 2.00 -2.08
N THR B 603 -22.47 3.26 -2.46
CA THR B 603 -23.69 4.03 -2.43
C THR B 603 -23.81 4.79 -3.74
N PRO B 604 -25.04 5.07 -4.20
CA PRO B 604 -25.20 5.78 -5.48
C PRO B 604 -24.98 7.27 -5.40
N ASP B 605 -24.60 7.81 -4.23
CA ASP B 605 -24.53 9.26 -4.06
C ASP B 605 -23.48 9.90 -4.96
N TYR B 606 -22.48 9.15 -5.42
CA TYR B 606 -21.49 9.72 -6.31
C TYR B 606 -22.01 9.93 -7.72
N SER B 607 -23.22 9.47 -8.02
CA SER B 607 -23.79 9.67 -9.34
C SER B 607 -24.35 11.08 -9.51
N LYS B 608 -24.73 11.72 -8.41
CA LYS B 608 -25.24 13.09 -8.46
C LYS B 608 -24.13 14.08 -8.73
N LEU B 609 -22.92 13.83 -8.19
CA LEU B 609 -21.83 14.77 -8.33
C LEU B 609 -21.44 14.92 -9.80
N ASP B 610 -21.01 16.13 -10.16
CA ASP B 610 -20.50 16.40 -11.49
C ASP B 610 -19.05 15.93 -11.56
N GLU B 611 -18.34 16.31 -12.62
CA GLU B 611 -16.97 15.82 -12.80
C GLU B 611 -16.02 16.43 -11.76
N ASP B 612 -16.13 17.74 -11.54
CA ASP B 612 -15.18 18.41 -10.65
C ASP B 612 -15.34 17.94 -9.21
N THR B 613 -16.58 17.90 -8.71
CA THR B 613 -16.80 17.43 -7.35
C THR B 613 -16.43 15.96 -7.20
N LEU B 614 -16.65 15.17 -8.25
CA LEU B 614 -16.25 13.77 -8.22
C LEU B 614 -14.75 13.63 -8.05
N GLN B 615 -13.97 14.34 -8.87
CA GLN B 615 -12.52 14.28 -8.76
C GLN B 615 -12.05 14.80 -7.41
N MET B 616 -12.68 15.86 -6.90
CA MET B 616 -12.28 16.43 -5.62
C MET B 616 -12.59 15.49 -4.46
N GLU B 617 -13.63 14.67 -4.58
CA GLU B 617 -13.92 13.73 -3.51
C GLU B 617 -13.06 12.48 -3.61
N GLN B 618 -12.67 12.10 -4.82
CA GLN B 618 -11.72 11.00 -4.96
C GLN B 618 -10.35 11.38 -4.42
N TYR B 619 -9.95 12.63 -4.60
CA TYR B 619 -8.72 13.12 -3.97
C TYR B 619 -8.70 12.82 -2.49
N SER B 620 -9.86 12.92 -1.84
CA SER B 620 -9.93 12.70 -0.40
C SER B 620 -10.00 11.22 -0.06
N ILE B 621 -10.81 10.44 -0.79
CA ILE B 621 -10.97 9.05 -0.41
C ILE B 621 -9.74 8.22 -0.74
N TYR B 622 -8.88 8.66 -1.66
CA TYR B 622 -7.69 7.90 -1.99
C TYR B 622 -6.44 8.35 -1.24
N SER B 623 -6.26 9.65 -1.06
CA SER B 623 -5.42 10.20 0.01
C SER B 623 -3.99 9.66 -0.04
N GLY B 624 -3.28 10.02 -1.10
CA GLY B 624 -1.86 9.73 -1.15
C GLY B 624 -1.47 8.75 -2.24
N GLU B 625 -2.37 8.54 -3.17
CA GLU B 625 -2.17 7.60 -4.26
C GLU B 625 -3.07 8.02 -5.40
N PRO B 626 -2.86 7.48 -6.60
CA PRO B 626 -3.65 7.95 -7.75
C PRO B 626 -5.13 7.70 -7.55
N GLU B 627 -5.94 8.47 -8.28
CA GLU B 627 -7.38 8.36 -8.20
C GLU B 627 -7.87 7.19 -9.05
N TYR B 628 -9.17 6.95 -9.02
CA TYR B 628 -9.80 5.96 -9.87
C TYR B 628 -10.26 6.62 -11.15
N GLU B 629 -9.71 6.21 -12.28
CA GLU B 629 -10.02 6.79 -13.56
C GLU B 629 -10.98 5.89 -14.31
N PHE B 630 -12.17 6.39 -14.62
CA PHE B 630 -13.15 5.65 -15.40
C PHE B 630 -13.73 6.58 -16.46
N THR B 631 -13.93 6.04 -17.66
CA THR B 631 -14.38 6.83 -18.80
C THR B 631 -15.83 6.56 -19.17
N ASP B 632 -16.52 5.70 -18.43
CA ASP B 632 -17.89 5.40 -18.77
C ASP B 632 -18.84 6.36 -18.06
N LYS B 633 -20.03 6.53 -18.64
CA LYS B 633 -21.00 7.47 -18.12
C LYS B 633 -21.74 6.87 -16.94
N LEU B 634 -21.96 7.68 -15.91
CA LEU B 634 -22.69 7.24 -14.72
C LEU B 634 -24.18 7.36 -14.98
N VAL B 635 -24.90 6.24 -14.85
CA VAL B 635 -26.34 6.29 -14.87
C VAL B 635 -26.82 6.97 -13.59
N SER B 636 -27.66 7.99 -13.75
CA SER B 636 -28.04 8.80 -12.60
C SER B 636 -28.90 7.99 -11.64
N GLY B 637 -28.74 8.28 -10.34
CA GLY B 637 -29.41 7.54 -9.31
C GLY B 637 -28.91 6.13 -9.09
N VAL B 638 -28.10 5.60 -10.00
CA VAL B 638 -27.57 4.25 -9.91
C VAL B 638 -26.09 4.24 -9.58
N GLY B 639 -25.27 4.86 -10.44
CA GLY B 639 -23.83 4.82 -10.31
C GLY B 639 -23.19 4.21 -11.53
N LEU B 640 -22.07 3.54 -11.32
CA LEU B 640 -21.45 2.75 -12.37
C LEU B 640 -22.34 1.54 -12.66
N SER B 641 -22.67 1.35 -13.94
CA SER B 641 -23.56 0.27 -14.31
C SER B 641 -23.44 0.02 -15.81
N VAL B 642 -23.51 -1.25 -16.20
CA VAL B 642 -23.43 -1.63 -17.61
C VAL B 642 -24.82 -1.98 -18.11
N ASP B 643 -25.67 -2.45 -17.21
CA ASP B 643 -27.06 -2.75 -17.58
C ASP B 643 -27.99 -1.58 -17.33
N GLY B 644 -27.65 -0.66 -16.43
CA GLY B 644 -28.42 0.53 -16.23
C GLY B 644 -29.42 0.49 -15.10
N THR B 645 -29.52 -0.61 -14.38
CA THR B 645 -30.43 -0.70 -13.24
C THR B 645 -29.77 -1.19 -11.96
N HIS B 646 -28.70 -1.96 -12.04
CA HIS B 646 -27.97 -2.41 -10.88
C HIS B 646 -26.56 -1.84 -10.91
N GLN B 647 -26.04 -1.52 -9.73
CA GLN B 647 -24.75 -0.85 -9.61
C GLN B 647 -23.62 -1.86 -9.64
N ASP B 648 -22.53 -1.51 -10.32
CA ASP B 648 -21.31 -2.29 -10.33
C ASP B 648 -20.27 -1.65 -9.42
N LEU B 649 -19.34 -2.48 -8.96
CA LEU B 649 -18.15 -1.98 -8.28
C LEU B 649 -17.03 -1.90 -9.33
N GLY B 650 -17.05 -0.80 -10.07
CA GLY B 650 -16.00 -0.56 -11.05
C GLY B 650 -16.53 -0.33 -12.44
N GLY B 651 -15.72 0.27 -13.29
CA GLY B 651 -16.11 0.48 -14.66
C GLY B 651 -15.97 -0.77 -15.49
N TYR B 652 -16.48 -0.72 -16.70
CA TYR B 652 -16.36 -1.85 -17.60
C TYR B 652 -14.92 -1.98 -18.06
N ASN B 653 -14.40 -3.22 -18.02
CA ASN B 653 -13.05 -3.54 -18.46
C ASN B 653 -11.98 -2.85 -17.62
N ARG B 654 -12.33 -2.43 -16.41
CA ARG B 654 -11.40 -1.77 -15.51
C ARG B 654 -11.42 -2.47 -14.17
N GLU B 655 -10.61 -1.97 -13.25
CA GLU B 655 -10.44 -2.64 -11.96
C GLU B 655 -11.54 -2.23 -10.99
N SER B 656 -11.49 -2.81 -9.82
CA SER B 656 -12.39 -2.45 -8.74
C SER B 656 -11.85 -1.22 -8.02
N PRO B 657 -12.71 -0.24 -7.72
CA PRO B 657 -12.24 0.97 -7.05
C PRO B 657 -12.00 0.81 -5.55
N LEU B 658 -12.30 -0.36 -4.98
CA LEU B 658 -11.99 -0.63 -3.58
C LEU B 658 -10.56 -1.13 -3.50
N ARG B 659 -9.64 -0.24 -3.16
CA ARG B 659 -8.21 -0.54 -3.17
C ARG B 659 -7.72 -1.00 -1.81
N GLU B 660 -8.24 -0.43 -0.73
CA GLU B 660 -7.90 -0.93 0.59
C GLU B 660 -8.53 -2.29 0.86
N LEU B 661 -9.60 -2.64 0.14
CA LEU B 661 -10.12 -4.00 0.26
C LEU B 661 -9.16 -5.01 -0.35
N GLU B 662 -8.63 -4.71 -1.53
CA GLU B 662 -7.64 -5.59 -2.14
C GLU B 662 -6.40 -5.70 -1.28
N LYS B 663 -5.95 -4.57 -0.72
CA LYS B 663 -4.79 -4.62 0.17
C LYS B 663 -5.09 -5.40 1.43
N LEU B 664 -6.30 -5.31 1.95
CA LEU B 664 -6.64 -6.06 3.15
C LEU B 664 -6.68 -7.55 2.87
N LEU B 665 -7.21 -7.94 1.71
CA LEU B 665 -7.26 -9.35 1.36
C LEU B 665 -5.87 -9.92 1.16
N TYR B 666 -5.01 -9.19 0.46
CA TYR B 666 -3.66 -9.68 0.25
C TYR B 666 -2.87 -9.68 1.54
N ALA B 667 -3.09 -8.69 2.42
CA ALA B 667 -2.42 -8.71 3.70
C ALA B 667 -2.86 -9.89 4.54
N THR B 668 -4.14 -10.24 4.48
CA THR B 668 -4.63 -11.40 5.23
C THR B 668 -4.01 -12.69 4.74
N VAL B 669 -4.04 -12.92 3.42
CA VAL B 669 -3.52 -14.19 2.92
C VAL B 669 -2.01 -14.26 3.04
N THR B 670 -1.32 -13.13 2.85
CA THR B 670 0.12 -13.10 3.03
C THR B 670 0.49 -13.33 4.49
N LEU B 671 -0.28 -12.79 5.43
CA LEU B 671 -0.01 -13.04 6.83
C LEU B 671 -0.20 -14.51 7.17
N ILE B 672 -1.30 -15.11 6.72
CA ILE B 672 -1.55 -16.52 7.03
C ILE B 672 -0.43 -17.40 6.47
N GLU B 673 -0.12 -17.23 5.18
CA GLU B 673 0.85 -18.11 4.55
C GLU B 673 2.26 -17.83 5.05
N GLY B 674 2.61 -16.58 5.29
CA GLY B 674 3.93 -16.26 5.80
C GLY B 674 4.13 -16.70 7.22
N THR B 675 3.09 -16.65 8.05
CA THR B 675 3.20 -17.19 9.39
C THR B 675 3.41 -18.69 9.36
N MET B 676 2.66 -19.39 8.52
CA MET B 676 2.88 -20.83 8.41
C MET B 676 4.30 -21.15 7.93
N GLN B 677 4.77 -20.44 6.92
CA GLN B 677 6.10 -20.71 6.38
C GLN B 677 7.19 -20.37 7.39
N LEU B 678 6.99 -19.31 8.17
CA LEU B 678 7.97 -18.94 9.17
C LEU B 678 8.00 -19.95 10.31
N ASP B 679 6.86 -20.54 10.66
CA ASP B 679 6.88 -21.63 11.63
C ASP B 679 7.62 -22.84 11.07
N LYS B 680 7.48 -23.09 9.77
CA LYS B 680 8.24 -24.17 9.16
C LYS B 680 9.75 -23.92 9.24
N GLU B 681 10.18 -22.70 8.90
CA GLU B 681 11.60 -22.36 9.02
C GLU B 681 12.07 -22.46 10.46
N PHE B 682 11.22 -22.03 11.40
CA PHE B 682 11.60 -22.06 12.81
C PHE B 682 11.83 -23.48 13.29
N PHE B 683 10.96 -24.41 12.91
CA PHE B 683 11.16 -25.78 13.39
C PHE B 683 12.27 -26.49 12.64
N LYS B 684 12.45 -26.16 11.36
CA LYS B 684 13.60 -26.69 10.62
C LYS B 684 14.91 -26.27 11.27
N GLN B 685 14.96 -25.05 11.81
CA GLN B 685 16.17 -24.61 12.50
C GLN B 685 16.23 -25.12 13.93
N LEU B 686 15.09 -25.33 14.58
CA LEU B 686 15.11 -25.79 15.96
C LEU B 686 15.57 -27.23 16.05
N GLN B 687 15.20 -28.08 15.08
CA GLN B 687 15.73 -29.43 15.12
C GLN B 687 17.22 -29.46 14.82
N GLN B 688 17.69 -28.55 13.96
CA GLN B 688 19.12 -28.41 13.72
C GLN B 688 19.85 -27.97 14.98
N VAL B 689 19.21 -27.11 15.78
CA VAL B 689 19.80 -26.68 17.04
C VAL B 689 19.87 -27.84 18.03
N GLU B 690 18.76 -28.59 18.15
CA GLU B 690 18.73 -29.69 19.10
C GLU B 690 19.64 -30.84 18.70
N LYS B 691 19.97 -30.98 17.41
CA LYS B 691 20.95 -31.98 17.02
C LYS B 691 22.37 -31.60 17.45
N ILE B 692 22.58 -30.37 17.93
CA ILE B 692 23.89 -29.94 18.37
C ILE B 692 24.03 -30.01 19.89
N LEU B 693 22.96 -29.71 20.61
CA LEU B 693 22.97 -29.80 22.06
C LEU B 693 22.76 -31.23 22.55
N SER B 694 22.91 -32.22 21.68
CA SER B 694 22.86 -33.62 22.07
C SER B 694 24.04 -34.40 21.53
N GLY B 695 25.01 -33.72 20.90
CA GLY B 695 26.21 -34.36 20.42
C GLY B 695 26.12 -34.95 19.03
N GLU B 696 24.92 -35.01 18.44
CA GLU B 696 24.79 -35.61 17.12
C GLU B 696 25.51 -34.83 16.05
N ILE B 697 25.79 -33.55 16.29
CA ILE B 697 26.60 -32.74 15.40
C ILE B 697 27.62 -31.99 16.25
N LYS B 698 28.86 -32.47 16.26
CA LYS B 698 29.91 -31.87 17.07
C LYS B 698 30.58 -30.75 16.27
N THR B 699 30.41 -29.51 16.73
CA THR B 699 31.00 -28.35 16.08
C THR B 699 31.57 -27.42 17.15
N ASP B 700 32.20 -26.34 16.70
CA ASP B 700 32.76 -25.37 17.61
C ASP B 700 31.65 -24.56 18.28
N ALA B 701 32.05 -23.73 19.24
CA ALA B 701 31.08 -22.92 19.98
C ALA B 701 30.43 -21.87 19.09
N ASN B 702 31.17 -21.33 18.13
CA ASN B 702 30.60 -20.33 17.24
C ASN B 702 29.47 -20.92 16.40
N SER B 703 29.62 -22.19 15.98
CA SER B 703 28.54 -22.80 15.20
C SER B 703 27.27 -22.95 16.04
N CYS B 704 27.41 -23.39 17.28
CA CYS B 704 26.22 -23.57 18.12
C CYS B 704 25.56 -22.23 18.44
N PHE B 705 26.37 -21.21 18.74
CA PHE B 705 25.79 -19.92 19.06
C PHE B 705 25.15 -19.28 17.83
N GLU B 706 25.76 -19.45 16.66
CA GLU B 706 25.14 -18.98 15.43
C GLU B 706 23.82 -19.70 15.19
N ALA B 707 23.75 -21.00 15.48
CA ALA B 707 22.51 -21.74 15.31
C ALA B 707 21.42 -21.19 16.22
N VAL B 708 21.74 -21.01 17.50
CA VAL B 708 20.72 -20.51 18.43
C VAL B 708 20.31 -19.08 18.09
N ALA B 709 21.23 -18.28 17.59
CA ALA B 709 20.89 -16.90 17.27
C ALA B 709 20.03 -16.82 16.01
N GLN B 710 20.33 -17.64 15.00
CA GLN B 710 19.44 -17.75 13.85
C GLN B 710 18.05 -18.22 14.29
N LEU B 711 17.99 -19.15 15.24
CA LEU B 711 16.70 -19.57 15.76
C LEU B 711 15.98 -18.40 16.41
N LEU B 712 16.73 -17.50 17.04
CA LEU B 712 16.12 -16.31 17.61
C LEU B 712 15.60 -15.38 16.52
N ASP B 713 16.23 -15.39 15.35
CA ASP B 713 15.80 -14.49 14.30
C ASP B 713 14.57 -14.96 13.53
N LEU B 714 14.04 -16.15 13.83
CA LEU B 714 12.94 -16.72 13.07
C LEU B 714 11.66 -16.79 13.87
N ALA B 715 11.57 -16.10 15.00
CA ALA B 715 10.37 -16.15 15.82
C ALA B 715 9.35 -15.13 15.32
N ARG B 716 8.09 -15.40 15.60
CA ARG B 716 7.02 -14.51 15.19
C ARG B 716 7.24 -13.12 15.77
N PRO B 717 6.97 -12.06 15.01
CA PRO B 717 7.05 -10.71 15.58
C PRO B 717 6.11 -10.55 16.77
N ARG B 718 6.66 -10.08 17.88
CA ARG B 718 5.94 -9.78 19.11
C ARG B 718 5.36 -11.01 19.77
N CYS B 719 5.84 -12.19 19.42
CA CYS B 719 5.51 -13.43 20.13
C CYS B 719 6.65 -13.73 21.08
N HIS B 720 6.34 -13.91 22.36
CA HIS B 720 7.40 -14.02 23.35
C HIS B 720 7.74 -15.45 23.75
N PHE B 721 6.78 -16.38 23.75
CA PHE B 721 7.12 -17.73 24.18
C PHE B 721 8.15 -18.37 23.26
N GLN B 722 8.16 -17.99 21.98
CA GLN B 722 9.21 -18.46 21.09
C GLN B 722 10.58 -17.94 21.51
N LYS B 723 10.64 -16.67 21.90
CA LYS B 723 11.91 -16.11 22.36
C LYS B 723 12.31 -16.67 23.70
N ARG B 724 11.34 -17.03 24.56
CA ARG B 724 11.68 -17.72 25.80
C ARG B 724 12.27 -19.10 25.52
N LEU B 725 11.72 -19.80 24.53
CA LEU B 725 12.27 -21.09 24.13
C LEU B 725 13.70 -20.95 23.63
N VAL B 726 13.92 -19.98 22.73
CA VAL B 726 15.26 -19.76 22.19
C VAL B 726 16.23 -19.38 23.31
N LEU B 727 15.77 -18.60 24.28
CA LEU B 727 16.62 -18.23 25.40
C LEU B 727 17.00 -19.44 26.23
N SER B 728 16.05 -20.35 26.47
CA SER B 728 16.40 -21.57 27.19
C SER B 728 17.44 -22.39 26.42
N TYR B 729 17.28 -22.48 25.09
CA TYR B 729 18.28 -23.17 24.30
C TYR B 729 19.64 -22.50 24.41
N TYR B 730 19.66 -21.16 24.46
CA TYR B 730 20.92 -20.44 24.59
C TYR B 730 21.58 -20.70 25.94
N GLU B 731 20.78 -20.77 27.00
CA GLU B 731 21.33 -21.11 28.31
C GLU B 731 21.93 -22.50 28.30
N GLU B 732 21.25 -23.46 27.67
CA GLU B 732 21.80 -24.81 27.58
C GLU B 732 23.05 -24.84 26.71
N ALA B 733 23.12 -24.00 25.69
CA ALA B 733 24.33 -23.94 24.87
C ALA B 733 25.50 -23.40 25.67
N LYS B 734 25.25 -22.39 26.50
CA LYS B 734 26.30 -21.90 27.38
C LYS B 734 26.71 -22.95 28.40
N LEU B 735 25.78 -23.81 28.83
CA LEU B 735 26.15 -24.88 29.75
C LEU B 735 26.93 -26.01 29.08
N LYS B 736 26.97 -26.06 27.76
CA LYS B 736 27.75 -27.08 27.07
C LYS B 736 29.14 -26.58 26.68
N TYR B 737 29.23 -25.32 26.24
CA TYR B 737 30.50 -24.68 25.94
C TYR B 737 30.76 -23.63 27.01
N PRO B 738 31.34 -24.02 28.15
CA PRO B 738 31.39 -23.09 29.29
C PRO B 738 32.23 -21.84 29.03
N SER B 739 33.48 -22.01 28.62
CA SER B 739 34.41 -20.90 28.47
C SER B 739 34.31 -20.22 27.11
N ALA B 740 33.23 -20.47 26.37
CA ALA B 740 33.12 -19.89 25.04
C ALA B 740 32.91 -18.38 25.13
N PRO B 741 33.51 -17.61 24.22
CA PRO B 741 33.31 -16.15 24.22
C PRO B 741 31.97 -15.79 23.59
N THR B 742 31.11 -15.14 24.37
CA THR B 742 29.78 -14.77 23.93
C THR B 742 29.62 -13.26 23.81
N ASP B 743 30.68 -12.56 23.42
CA ASP B 743 30.62 -11.12 23.31
C ASP B 743 29.76 -10.64 22.15
N ALA B 744 29.39 -11.52 21.23
CA ALA B 744 28.59 -11.13 20.08
C ALA B 744 27.11 -11.38 20.27
N TYR B 745 26.72 -12.27 21.17
CA TYR B 745 25.34 -12.67 21.31
C TYR B 745 24.74 -12.34 22.67
N ASP B 746 25.53 -11.84 23.62
CA ASP B 746 24.99 -11.57 24.95
C ASP B 746 23.93 -10.48 24.93
N SER B 747 23.98 -9.57 23.96
CA SER B 747 23.09 -8.42 23.98
C SER B 747 21.64 -8.82 23.70
N ARG B 748 21.41 -9.51 22.58
CA ARG B 748 20.05 -9.85 22.19
C ARG B 748 19.38 -10.74 23.23
N PHE B 749 20.11 -11.71 23.77
CA PHE B 749 19.52 -12.56 24.79
C PHE B 749 19.41 -11.87 26.13
N GLN B 750 20.23 -10.85 26.39
CA GLN B 750 19.98 -10.00 27.56
C GLN B 750 18.65 -9.26 27.41
N VAL B 751 18.38 -8.74 26.20
CA VAL B 751 17.10 -8.09 25.97
C VAL B 751 15.95 -9.07 26.16
N VAL B 752 16.13 -10.31 25.69
CA VAL B 752 15.08 -11.30 25.84
C VAL B 752 14.85 -11.62 27.32
N ALA B 753 15.92 -11.73 28.10
CA ALA B 753 15.77 -11.97 29.53
C ALA B 753 15.09 -10.80 30.23
N LYS B 754 15.42 -9.58 29.82
CA LYS B 754 14.78 -8.40 30.41
C LYS B 754 13.30 -8.38 30.13
N THR B 755 12.90 -8.61 28.87
CA THR B 755 11.47 -8.57 28.56
C THR B 755 10.75 -9.75 29.19
N ASN B 756 11.42 -10.89 29.37
CA ASN B 756 10.81 -12.00 30.09
C ASN B 756 10.56 -11.62 31.55
N ALA B 757 11.52 -10.94 32.18
CA ALA B 757 11.32 -10.48 33.55
C ALA B 757 10.20 -9.47 33.63
N ALA B 758 10.14 -8.54 32.66
CA ALA B 758 9.07 -7.56 32.65
C ALA B 758 7.71 -8.25 32.54
N ILE B 759 7.61 -9.26 31.67
CA ILE B 759 6.34 -9.97 31.53
C ILE B 759 5.97 -10.68 32.81
N THR B 760 6.92 -11.40 33.43
CA THR B 760 6.58 -12.11 34.65
C THR B 760 6.33 -11.17 35.82
N ILE B 761 6.70 -9.89 35.69
CA ILE B 761 6.32 -8.91 36.71
C ILE B 761 4.90 -8.40 36.45
N GLN B 762 4.64 -7.96 35.23
CA GLN B 762 3.31 -7.43 34.88
C GLN B 762 2.21 -8.41 35.24
N ARG B 763 2.40 -9.69 34.95
CA ARG B 763 1.35 -10.67 35.23
C ARG B 763 1.15 -10.85 36.73
N PHE B 764 2.18 -10.58 37.54
CA PHE B 764 2.02 -10.68 38.98
C PHE B 764 1.17 -9.53 39.52
N TRP B 765 1.56 -8.29 39.19
CA TRP B 765 0.82 -7.13 39.69
C TRP B 765 -0.58 -7.05 39.08
N ARG B 766 -0.72 -7.36 37.79
CA ARG B 766 -2.02 -7.23 37.13
C ARG B 766 -3.05 -8.18 37.74
N GLU B 767 -2.59 -9.32 38.28
CA GLU B 767 -3.50 -10.25 38.91
C GLU B 767 -4.22 -9.61 40.10
N THR B 768 -3.52 -8.75 40.84
CA THR B 768 -4.11 -8.06 41.97
C THR B 768 -4.01 -6.55 41.82
CA ASP C 22 -8.08 -18.69 41.09
C ASP C 22 -7.82 -19.52 39.85
N GLN C 23 -8.21 -19.00 38.69
CA GLN C 23 -8.01 -19.66 37.41
C GLN C 23 -7.14 -18.78 36.53
N LEU C 24 -6.72 -19.33 35.39
CA LEU C 24 -5.79 -18.62 34.51
C LEU C 24 -6.50 -17.49 33.77
N THR C 25 -5.75 -16.43 33.51
CA THR C 25 -6.31 -15.21 32.93
C THR C 25 -6.49 -15.37 31.42
N GLU C 26 -6.76 -14.27 30.74
CA GLU C 26 -6.99 -14.28 29.30
C GLU C 26 -5.72 -14.05 28.49
N GLU C 27 -4.83 -13.19 28.98
CA GLU C 27 -3.54 -13.03 28.32
C GLU C 27 -2.66 -14.25 28.48
N GLN C 28 -2.96 -15.11 29.47
CA GLN C 28 -2.28 -16.40 29.54
C GLN C 28 -2.92 -17.39 28.58
N ILE C 29 -4.24 -17.35 28.42
CA ILE C 29 -4.92 -18.27 27.53
C ILE C 29 -4.54 -17.99 26.08
N ALA C 30 -4.39 -16.71 25.72
CA ALA C 30 -3.98 -16.38 24.36
C ALA C 30 -2.59 -16.93 24.08
N GLU C 31 -1.68 -16.85 25.05
CA GLU C 31 -0.34 -17.38 24.86
C GLU C 31 -0.35 -18.90 24.78
N PHE C 32 -1.12 -19.55 25.66
CA PHE C 32 -1.24 -21.00 25.60
C PHE C 32 -1.79 -21.46 24.27
N LYS C 33 -2.78 -20.73 23.74
CA LYS C 33 -3.38 -21.14 22.48
C LYS C 33 -2.43 -20.92 21.32
N GLU C 34 -1.67 -19.83 21.35
CA GLU C 34 -0.68 -19.62 20.29
C GLU C 34 0.40 -20.68 20.35
N ALA C 35 0.85 -21.05 21.54
CA ALA C 35 1.88 -22.08 21.66
C ALA C 35 1.36 -23.43 21.19
N PHE C 36 0.20 -23.84 21.70
CA PHE C 36 -0.41 -25.09 21.27
C PHE C 36 -0.63 -25.13 19.77
N SER C 37 -1.03 -24.02 19.17
CA SER C 37 -1.21 -23.98 17.73
C SER C 37 0.11 -24.03 16.98
N LEU C 38 1.17 -23.48 17.57
CA LEU C 38 2.45 -23.45 16.89
C LEU C 38 3.12 -24.82 16.89
N PHE C 39 3.03 -25.54 18.00
CA PHE C 39 3.67 -26.83 18.11
C PHE C 39 2.80 -27.98 17.62
N ASP C 40 1.58 -27.69 17.18
CA ASP C 40 0.73 -28.66 16.50
C ASP C 40 1.05 -28.54 15.01
N LYS C 41 1.93 -29.40 14.52
CA LYS C 41 2.54 -29.21 13.21
C LYS C 41 1.65 -29.65 12.05
N ASP C 42 0.60 -30.43 12.30
CA ASP C 42 -0.33 -30.80 11.26
C ASP C 42 -1.69 -30.13 11.42
N GLY C 43 -1.90 -29.37 12.49
CA GLY C 43 -3.10 -28.56 12.60
C GLY C 43 -4.38 -29.33 12.79
N ASP C 44 -4.33 -30.46 13.48
CA ASP C 44 -5.53 -31.20 13.81
C ASP C 44 -5.96 -30.99 15.25
N GLY C 45 -5.44 -29.96 15.91
CA GLY C 45 -5.86 -29.63 17.25
C GLY C 45 -5.35 -30.55 18.33
N THR C 46 -4.37 -31.40 18.04
CA THR C 46 -3.81 -32.32 19.02
C THR C 46 -2.31 -32.36 18.85
N ILE C 47 -1.58 -32.22 19.94
CA ILE C 47 -0.12 -32.29 19.94
C ILE C 47 0.31 -33.64 20.48
N THR C 48 1.36 -34.20 19.88
CA THR C 48 1.94 -35.44 20.36
C THR C 48 2.69 -35.19 21.66
N THR C 49 3.08 -36.28 22.32
CA THR C 49 3.90 -36.14 23.51
C THR C 49 5.35 -35.80 23.20
N LYS C 50 5.77 -35.90 21.94
CA LYS C 50 7.13 -35.57 21.57
C LYS C 50 7.41 -34.07 21.63
N GLU C 51 6.38 -33.23 21.50
CA GLU C 51 6.60 -31.80 21.63
C GLU C 51 5.77 -31.20 22.75
N LEU C 52 5.16 -32.02 23.61
CA LEU C 52 4.60 -31.48 24.84
C LEU C 52 5.69 -30.93 25.74
N GLY C 53 6.84 -31.61 25.83
CA GLY C 53 7.94 -31.08 26.58
C GLY C 53 8.44 -29.75 26.04
N THR C 54 8.46 -29.60 24.71
CA THR C 54 8.90 -28.35 24.14
C THR C 54 7.88 -27.24 24.33
N VAL C 55 6.59 -27.55 24.22
CA VAL C 55 5.58 -26.53 24.44
C VAL C 55 5.48 -26.16 25.92
N MET C 56 5.99 -27.01 26.82
CA MET C 56 6.03 -26.62 28.22
C MET C 56 7.31 -25.88 28.57
N ARG C 57 8.42 -26.18 27.89
CA ARG C 57 9.63 -25.38 28.06
C ARG C 57 9.47 -23.98 27.49
N SER C 58 8.73 -23.86 26.37
CA SER C 58 8.46 -22.55 25.80
C SER C 58 7.61 -21.67 26.70
N LEU C 59 6.96 -22.25 27.70
CA LEU C 59 6.11 -21.50 28.62
C LEU C 59 6.77 -21.31 29.98
N GLY C 60 8.09 -21.44 30.06
CA GLY C 60 8.77 -21.25 31.33
C GLY C 60 8.50 -22.34 32.33
N GLN C 61 8.32 -23.58 31.86
CA GLN C 61 8.12 -24.73 32.73
C GLN C 61 8.96 -25.86 32.13
N ASN C 62 10.22 -25.96 32.56
CA ASN C 62 11.15 -26.96 32.03
C ASN C 62 11.28 -28.08 33.03
N PRO C 63 10.49 -29.15 32.92
CA PRO C 63 10.47 -30.19 33.96
C PRO C 63 11.44 -31.33 33.65
N THR C 64 11.69 -32.12 34.70
CA THR C 64 12.52 -33.31 34.57
C THR C 64 11.82 -34.34 33.68
N GLU C 65 12.59 -35.34 33.27
CA GLU C 65 12.01 -36.42 32.46
C GLU C 65 10.91 -37.14 33.22
N ALA C 66 11.09 -37.33 34.53
CA ALA C 66 10.07 -38.02 35.32
C ALA C 66 8.85 -37.13 35.54
N GLU C 67 9.06 -35.82 35.72
CA GLU C 67 7.94 -34.90 35.86
C GLU C 67 7.07 -34.89 34.62
N LEU C 68 7.68 -35.00 33.44
CA LEU C 68 6.91 -35.08 32.22
C LEU C 68 6.30 -36.46 32.03
N GLN C 69 7.00 -37.52 32.45
CA GLN C 69 6.44 -38.86 32.36
C GLN C 69 5.20 -39.01 33.21
N ASP C 70 5.15 -38.29 34.34
CA ASP C 70 3.96 -38.30 35.18
C ASP C 70 2.72 -37.91 34.39
N MET C 71 2.78 -36.81 33.65
CA MET C 71 1.66 -36.39 32.83
C MET C 71 1.54 -37.20 31.55
N ILE C 72 2.64 -37.80 31.07
CA ILE C 72 2.56 -38.70 29.93
C ILE C 72 1.69 -39.90 30.27
N ASN C 73 1.81 -40.41 31.49
CA ASN C 73 0.99 -41.53 31.93
C ASN C 73 -0.41 -41.09 32.35
N GLU C 74 -0.49 -40.00 33.13
CA GLU C 74 -1.78 -39.58 33.67
C GLU C 74 -2.71 -39.07 32.57
N VAL C 75 -2.23 -38.14 31.74
CA VAL C 75 -3.08 -37.56 30.71
C VAL C 75 -3.47 -38.62 29.69
N ASP C 76 -2.49 -39.31 29.12
CA ASP C 76 -2.74 -40.37 28.15
C ASP C 76 -3.03 -41.66 28.92
N ALA C 77 -4.32 -41.92 29.17
CA ALA C 77 -4.75 -43.11 29.86
C ALA C 77 -5.17 -44.22 28.92
N ASP C 78 -5.13 -43.98 27.61
CA ASP C 78 -5.46 -44.99 26.62
C ASP C 78 -4.35 -45.28 25.63
N GLY C 79 -3.25 -44.54 25.67
CA GLY C 79 -2.19 -44.68 24.70
C GLY C 79 -2.36 -43.87 23.44
N ASN C 80 -3.34 -42.96 23.40
CA ASN C 80 -3.57 -42.16 22.21
C ASN C 80 -2.35 -41.31 21.88
N GLY C 81 -1.67 -40.80 22.90
CA GLY C 81 -0.48 -39.99 22.68
C GLY C 81 -0.74 -38.61 22.16
N THR C 82 -1.95 -38.08 22.33
CA THR C 82 -2.31 -36.76 21.85
C THR C 82 -3.11 -36.02 22.90
N ILE C 83 -2.85 -34.72 23.02
CA ILE C 83 -3.52 -33.85 23.98
C ILE C 83 -4.38 -32.86 23.21
N ASP C 84 -5.62 -32.67 23.66
CA ASP C 84 -6.47 -31.63 23.13
C ASP C 84 -6.27 -30.34 23.92
N PHE C 85 -6.59 -29.22 23.30
CA PHE C 85 -6.36 -27.94 23.95
C PHE C 85 -7.13 -27.78 25.26
N PRO C 86 -8.35 -28.27 25.42
CA PRO C 86 -8.94 -28.30 26.78
C PRO C 86 -8.13 -29.15 27.75
N GLU C 87 -7.65 -30.31 27.32
CA GLU C 87 -6.81 -31.12 28.19
C GLU C 87 -5.50 -30.42 28.49
N PHE C 88 -4.91 -29.77 27.49
CA PHE C 88 -3.67 -29.03 27.71
C PHE C 88 -3.88 -27.88 28.69
N LEU C 89 -5.01 -27.18 28.59
CA LEU C 89 -5.29 -26.10 29.52
C LEU C 89 -5.48 -26.63 30.94
N THR C 90 -6.22 -27.72 31.10
CA THR C 90 -6.40 -28.27 32.44
C THR C 90 -5.07 -28.73 33.02
N MET C 91 -4.22 -29.35 32.20
CA MET C 91 -2.91 -29.78 32.68
C MET C 91 -2.05 -28.59 33.07
N MET C 92 -2.07 -27.54 32.26
CA MET C 92 -1.21 -26.38 32.52
C MET C 92 -1.73 -25.56 33.70
N ALA C 93 -3.02 -25.65 34.00
CA ALA C 93 -3.53 -25.00 35.19
C ALA C 93 -3.28 -25.81 36.44
N ARG C 94 -3.35 -27.14 36.34
CA ARG C 94 -3.00 -27.98 37.48
C ARG C 94 -1.51 -27.93 37.77
N LYS C 95 -0.69 -27.64 36.75
CA LYS C 95 0.74 -27.47 36.98
C LYS C 95 1.04 -26.16 37.68
N MET C 96 0.32 -25.10 37.32
CA MET C 96 0.55 -23.76 37.89
C MET C 96 -0.26 -23.54 39.15
N LYS C 97 -0.11 -24.44 40.12
CA LYS C 97 -0.77 -24.29 41.41
C LYS C 97 0.15 -23.71 42.47
N ASP C 98 1.37 -24.26 42.59
CA ASP C 98 2.34 -23.74 43.55
C ASP C 98 3.72 -23.66 42.91
N THR C 99 3.79 -23.17 41.69
CA THR C 99 5.05 -23.02 40.97
C THR C 99 5.62 -21.61 41.02
N ASP C 100 4.76 -20.60 41.05
CA ASP C 100 5.18 -19.21 41.13
C ASP C 100 5.18 -18.78 42.60
N SER C 101 6.33 -18.27 43.04
CA SER C 101 6.47 -17.95 44.46
C SER C 101 7.44 -16.80 44.71
N GLU C 102 7.86 -16.67 45.96
CA GLU C 102 8.84 -15.65 46.32
C GLU C 102 10.13 -15.84 45.52
N GLU C 103 10.48 -17.08 45.20
CA GLU C 103 11.68 -17.32 44.39
C GLU C 103 11.51 -16.75 42.99
N GLU C 104 10.35 -16.98 42.37
CA GLU C 104 10.09 -16.43 41.04
C GLU C 104 10.11 -14.91 41.07
N ILE C 105 9.44 -14.30 42.06
CA ILE C 105 9.42 -12.85 42.13
C ILE C 105 10.82 -12.30 42.41
N ARG C 106 11.62 -13.02 43.20
CA ARG C 106 12.97 -12.57 43.50
C ARG C 106 13.85 -12.62 42.27
N GLU C 107 13.73 -13.68 41.47
CA GLU C 107 14.49 -13.74 40.22
C GLU C 107 14.05 -12.64 39.27
N ALA C 108 12.73 -12.39 39.20
CA ALA C 108 12.21 -11.35 38.32
C ALA C 108 12.77 -9.98 38.69
N PHE C 109 12.81 -9.68 39.99
CA PHE C 109 13.36 -8.40 40.43
C PHE C 109 14.89 -8.37 40.37
N ARG C 110 15.55 -9.52 40.49
CA ARG C 110 17.01 -9.54 40.51
C ARG C 110 17.58 -9.42 39.11
N VAL C 111 16.82 -9.82 38.09
CA VAL C 111 17.29 -9.60 36.73
C VAL C 111 17.41 -8.11 36.42
N PHE C 112 16.58 -7.27 37.04
CA PHE C 112 16.69 -5.83 36.83
C PHE C 112 17.79 -5.21 37.68
N ASP C 113 17.81 -5.51 38.98
CA ASP C 113 18.85 -4.99 39.86
C ASP C 113 20.21 -5.57 39.49
N GLY C 116 23.34 -4.03 42.52
CA GLY C 116 22.19 -4.80 42.95
C GLY C 116 22.23 -5.17 44.43
N ASN C 117 21.37 -4.52 45.22
CA ASN C 117 21.33 -4.78 46.66
C ASN C 117 19.90 -4.91 47.14
N GLY C 118 18.93 -4.60 46.28
CA GLY C 118 17.53 -4.63 46.64
C GLY C 118 16.74 -3.41 46.21
N TYR C 119 17.39 -2.38 45.67
CA TYR C 119 16.72 -1.20 45.12
C TYR C 119 17.58 -0.65 44.00
N ILE C 120 17.00 -0.52 42.81
CA ILE C 120 17.76 -0.02 41.67
C ILE C 120 17.27 1.37 41.29
N SER C 121 16.01 1.48 40.88
CA SER C 121 15.46 2.75 40.43
C SER C 121 13.97 2.59 40.21
N ALA C 122 13.24 3.71 40.34
CA ALA C 122 11.83 3.73 39.98
C ALA C 122 11.62 4.29 38.57
N ALA C 123 12.61 4.95 38.00
CA ALA C 123 12.48 5.49 36.65
C ALA C 123 12.64 4.38 35.60
N GLU C 124 13.69 3.58 35.74
CA GLU C 124 13.90 2.47 34.83
C GLU C 124 12.72 1.50 34.85
N LEU C 125 12.12 1.33 36.03
CA LEU C 125 10.93 0.49 36.13
C LEU C 125 9.80 1.04 35.27
N ARG C 126 9.48 2.32 35.45
CA ARG C 126 8.40 2.92 34.68
C ARG C 126 8.70 2.88 33.18
N HIS C 127 9.97 2.99 32.82
CA HIS C 127 10.33 2.88 31.41
C HIS C 127 10.07 1.48 30.88
N VAL C 128 10.57 0.46 31.57
CA VAL C 128 10.49 -0.91 31.05
C VAL C 128 9.10 -1.51 31.14
N MET C 129 8.26 -1.03 32.05
CA MET C 129 6.90 -1.57 32.16
C MET C 129 5.96 -1.02 31.10
N THR C 130 6.46 -0.22 30.16
CA THR C 130 5.64 0.29 29.06
C THR C 130 6.30 0.04 27.71
N ASN C 131 7.46 -0.61 27.69
CA ASN C 131 8.14 -0.92 26.44
C ASN C 131 8.53 -2.38 26.30
N LEU C 132 8.31 -3.20 27.32
CA LEU C 132 8.73 -4.60 27.30
C LEU C 132 7.53 -5.47 27.66
N GLY C 133 7.11 -6.31 26.72
CA GLY C 133 6.00 -7.21 26.98
C GLY C 133 4.65 -6.56 26.71
N GLU C 134 3.65 -7.02 27.45
CA GLU C 134 2.30 -6.44 27.37
C GLU C 134 2.33 -5.11 28.10
N LYS C 135 2.71 -4.06 27.36
CA LYS C 135 3.01 -2.77 27.95
C LYS C 135 1.84 -2.25 28.79
N LEU C 136 2.19 -1.60 29.90
CA LEU C 136 1.22 -0.99 30.81
C LEU C 136 0.87 0.42 30.36
N THR C 137 0.20 1.17 31.23
CA THR C 137 -0.11 2.57 30.97
C THR C 137 0.44 3.40 32.12
N ASP C 138 0.39 4.72 31.94
CA ASP C 138 0.89 5.64 32.95
C ASP C 138 0.16 5.45 34.27
N GLU C 139 -1.17 5.37 34.22
CA GLU C 139 -1.96 5.21 35.44
C GLU C 139 -1.63 3.89 36.14
N GLU C 140 -1.53 2.81 35.37
CA GLU C 140 -1.23 1.51 35.95
C GLU C 140 0.15 1.48 36.57
N VAL C 141 1.15 1.94 35.83
CA VAL C 141 2.54 1.91 36.32
C VAL C 141 2.67 2.79 37.56
N ASP C 142 2.14 4.01 37.50
CA ASP C 142 2.25 4.93 38.62
C ASP C 142 1.57 4.37 39.86
N GLU C 143 0.38 3.79 39.68
CA GLU C 143 -0.33 3.16 40.79
C GLU C 143 0.51 2.06 41.41
N MET C 144 1.07 1.18 40.57
CA MET C 144 1.97 0.15 41.07
C MET C 144 3.21 0.78 41.69
N ILE C 145 3.74 1.84 41.08
CA ILE C 145 4.87 2.55 41.65
C ILE C 145 4.47 3.18 42.97
N ARG C 146 3.24 3.72 43.04
CA ARG C 146 2.75 4.28 44.29
C ARG C 146 2.54 3.19 45.32
N GLU C 147 2.17 1.99 44.88
CA GLU C 147 1.99 0.87 45.81
C GLU C 147 3.30 0.43 46.45
N ALA C 148 4.44 0.84 45.92
CA ALA C 148 5.73 0.48 46.48
C ALA C 148 6.05 1.31 47.72
N ASN C 157 13.19 -0.33 46.53
CA ASN C 157 12.66 -1.32 47.46
C ASN C 157 11.99 -2.46 46.70
N TYR C 158 12.78 -3.21 45.93
CA TYR C 158 12.27 -4.30 45.12
C TYR C 158 11.65 -5.39 45.97
N GLU C 159 12.42 -5.94 46.91
CA GLU C 159 11.91 -7.00 47.77
C GLU C 159 10.74 -6.51 48.63
N GLU C 160 10.82 -5.26 49.08
CA GLU C 160 9.73 -4.69 49.89
C GLU C 160 8.44 -4.62 49.09
N PHE C 161 8.51 -4.13 47.85
CA PHE C 161 7.32 -4.05 47.02
C PHE C 161 6.83 -5.43 46.61
N VAL C 162 7.74 -6.40 46.46
CA VAL C 162 7.34 -7.74 46.09
C VAL C 162 6.72 -8.51 47.25
N GLN C 163 7.07 -8.17 48.49
CA GLN C 163 6.47 -8.78 49.66
C GLN C 163 5.45 -7.87 50.34
N MET C 164 5.07 -6.77 49.68
CA MET C 164 4.00 -5.91 50.14
C MET C 164 2.77 -6.07 49.25
N MET C 165 2.57 -7.28 48.72
CA MET C 165 1.45 -7.56 47.86
C MET C 165 1.08 -9.05 47.91
MG MG D . -14.50 -8.11 -19.39
CA CA E . -1.09 -33.17 15.65
#